data_8CFQ
#
_entry.id   8CFQ
#
_cell.length_a   175.900
_cell.length_b   104.010
_cell.length_c   107.520
_cell.angle_alpha   90.00
_cell.angle_beta   100.76
_cell.angle_gamma   90.00
#
_symmetry.space_group_name_H-M   'C 1 2 1'
#
loop_
_entity.id
_entity.type
_entity.pdbx_description
1 polymer Adenosylhomocysteinase
2 non-polymer NICOTINAMIDE-ADENINE-DINUCLEOTIDE
3 non-polymer ADENINE
4 non-polymer 'POTASSIUM ION'
5 non-polymer 'PHOSPHATE ION'
6 non-polymer '4-(2-AMINOETHYL)BENZENESULFONYL FLUORIDE'
7 non-polymer 'DIMETHYL SULFOXIDE'
8 water water
#
_entity_poly.entity_id   1
_entity_poly.type   'polypeptide(L)'
_entity_poly.pdbx_seq_one_letter_code
;SNAMSAVMTPAGFTDYKVADITLAAWGRRELIIAESEMPALMGLRRKYAGQQPLKGAKILGCIHMTIQTGVLIETLVALG
AEVRWSSCNIFSTQDQAAAAIAAAGIPVFAWKGETEEEYEWCIEQTILKDGQPWDANMVLDDGGDLTEILHKKYPQMLER
IHGITEETTTGVHRLLDMLKNGTLKVPAINVNDSVTKSKNDNKYGCRHSLNDAIKRGTDHLLSGKQALVIGYGDVGKGSS
QSLRQEGMIVKVAEVDPICAMQACMDGFEVVSPYKNGINDGTEASIDAALLGKIDLIVTTTGNVNVCDANMLKALKKRAV
VCNIGHFDNEIDTAFMRKNWAWEEVKPQVHKIHRTGKDGFDAHNDDYLILLAEGRLVNLGNATGHPSRIMDGSFANQVLA
QIHLFEQKYADLPAAEKAKRLSVEVLPKKLDEEVALEMVKGFGGVVTQLTPKQAEYIGVSVEGPFKPDTYRY
;
_entity_poly.pdbx_strand_id   A,B,C,D
#
# COMPACT_ATOMS: atom_id res chain seq x y z
N ALA A 11 6.27 -32.22 41.91
CA ALA A 11 6.70 -32.78 43.20
C ALA A 11 8.23 -32.93 43.28
N GLY A 12 8.91 -31.87 43.71
CA GLY A 12 10.35 -31.90 43.84
C GLY A 12 11.14 -31.69 42.56
N PHE A 13 10.50 -31.20 41.49
CA PHE A 13 11.22 -30.97 40.24
C PHE A 13 12.16 -29.77 40.40
N THR A 14 13.45 -29.99 40.16
CA THR A 14 14.45 -28.92 40.27
C THR A 14 15.35 -28.84 39.04
N ASP A 15 15.05 -29.61 37.99
CA ASP A 15 15.98 -29.81 36.87
C ASP A 15 15.70 -28.78 35.78
N TYR A 16 15.96 -27.52 36.12
CA TYR A 16 15.67 -26.36 35.26
C TYR A 16 16.39 -25.14 35.82
N LYS A 17 16.48 -24.08 35.00
CA LYS A 17 16.95 -22.79 35.48
C LYS A 17 16.29 -21.67 34.68
N VAL A 18 15.48 -20.84 35.35
CA VAL A 18 14.74 -19.76 34.71
C VAL A 18 14.83 -18.52 35.59
N ALA A 19 14.36 -17.40 35.05
CA ALA A 19 14.50 -16.13 35.76
C ALA A 19 13.64 -16.09 37.01
N ASP A 20 12.39 -16.57 36.93
CA ASP A 20 11.46 -16.40 38.04
C ASP A 20 10.31 -17.40 37.86
N ILE A 21 10.33 -18.49 38.65
CA ILE A 21 9.33 -19.55 38.48
C ILE A 21 7.92 -19.07 38.73
N THR A 22 7.74 -17.97 39.49
CA THR A 22 6.39 -17.52 39.79
C THR A 22 5.71 -16.87 38.62
N LEU A 23 6.40 -16.72 37.47
CA LEU A 23 5.77 -16.23 36.26
C LEU A 23 5.02 -17.31 35.51
N ALA A 24 4.95 -18.51 36.08
CA ALA A 24 4.43 -19.67 35.35
C ALA A 24 2.95 -19.51 35.05
N ALA A 25 2.16 -19.04 36.02
CA ALA A 25 0.72 -18.89 35.78
C ALA A 25 0.45 -17.92 34.64
N TRP A 26 1.18 -16.80 34.59
CA TRP A 26 1.08 -15.87 33.47
C TRP A 26 1.47 -16.57 32.17
N GLY A 27 2.60 -17.27 32.17
CA GLY A 27 3.01 -18.00 30.96
C GLY A 27 1.95 -18.99 30.49
N ARG A 28 1.32 -19.71 31.42
CA ARG A 28 0.29 -20.68 31.06
C ARG A 28 -0.94 -19.99 30.43
N ARG A 29 -1.36 -18.85 30.97
CA ARG A 29 -2.44 -18.09 30.31
C ARG A 29 -2.09 -17.76 28.86
N GLU A 30 -0.85 -17.34 28.61
CA GLU A 30 -0.46 -16.96 27.26
C GLU A 30 -0.31 -18.18 26.35
N LEU A 31 0.12 -19.33 26.90
CA LEU A 31 0.14 -20.58 26.15
C LEU A 31 -1.25 -20.99 25.70
N ILE A 32 -2.23 -20.89 26.60
CA ILE A 32 -3.61 -21.25 26.25
C ILE A 32 -4.12 -20.37 25.12
N ILE A 33 -3.79 -19.08 25.15
CA ILE A 33 -4.17 -18.19 24.05
C ILE A 33 -3.43 -18.58 22.77
N ALA A 34 -2.11 -18.79 22.87
CA ALA A 34 -1.30 -19.13 21.68
C ALA A 34 -1.78 -20.42 21.02
N GLU A 35 -2.20 -21.41 21.81
CA GLU A 35 -2.69 -22.64 21.23
C GLU A 35 -3.84 -22.38 20.26
N SER A 36 -4.72 -21.43 20.58
CA SER A 36 -5.83 -21.11 19.66
C SER A 36 -5.37 -20.33 18.41
N GLU A 37 -4.14 -19.82 18.39
CA GLU A 37 -3.54 -19.18 17.24
C GLU A 37 -2.66 -20.12 16.41
N MET A 38 -2.56 -21.41 16.81
CA MET A 38 -1.62 -22.34 16.17
C MET A 38 -2.34 -23.62 15.76
N PRO A 39 -3.24 -23.53 14.78
CA PRO A 39 -4.07 -24.71 14.42
C PRO A 39 -3.30 -25.82 13.75
N ALA A 40 -2.27 -25.54 12.94
CA ALA A 40 -1.54 -26.67 12.37
C ALA A 40 -0.85 -27.47 13.47
N LEU A 41 -0.16 -26.78 14.38
CA LEU A 41 0.51 -27.48 15.46
C LEU A 41 -0.49 -28.20 16.38
N MET A 42 -1.59 -27.52 16.74
N MET A 42 -1.60 -27.54 16.73
CA MET A 42 -2.61 -28.15 17.56
CA MET A 42 -2.54 -28.22 17.61
C MET A 42 -3.20 -29.38 16.87
C MET A 42 -3.28 -29.36 16.89
N GLY A 43 -3.40 -29.29 15.56
CA GLY A 43 -3.98 -30.42 14.84
C GLY A 43 -3.04 -31.61 14.79
N LEU A 44 -1.73 -31.35 14.71
CA LEU A 44 -0.76 -32.43 14.84
C LEU A 44 -0.85 -33.09 16.21
N ARG A 45 -0.98 -32.27 17.24
CA ARG A 45 -1.15 -32.78 18.60
C ARG A 45 -2.33 -33.74 18.67
N ARG A 46 -3.48 -33.34 18.10
CA ARG A 46 -4.69 -34.17 18.12
C ARG A 46 -4.54 -35.40 17.24
N LYS A 47 -3.93 -35.24 16.06
CA LYS A 47 -3.85 -36.33 15.10
C LYS A 47 -2.94 -37.46 15.61
N TYR A 48 -1.85 -37.13 16.29
CA TYR A 48 -0.81 -38.11 16.60
C TYR A 48 -0.75 -38.51 18.07
N ALA A 49 -1.57 -37.91 18.93
CA ALA A 49 -1.39 -38.14 20.36
C ALA A 49 -1.61 -39.61 20.72
N GLY A 50 -2.62 -40.25 20.15
CA GLY A 50 -2.88 -41.65 20.48
C GLY A 50 -1.81 -42.59 19.96
N GLN A 51 -1.19 -42.24 18.82
CA GLN A 51 -0.15 -43.06 18.22
CA GLN A 51 -0.15 -43.09 18.24
C GLN A 51 1.19 -42.93 18.94
N GLN A 52 1.42 -41.82 19.64
CA GLN A 52 2.68 -41.57 20.33
C GLN A 52 3.88 -41.82 19.42
N PRO A 53 3.99 -41.14 18.28
CA PRO A 53 5.09 -41.42 17.36
C PRO A 53 6.47 -41.00 17.89
N LEU A 54 6.55 -40.18 18.93
CA LEU A 54 7.81 -39.78 19.50
C LEU A 54 8.12 -40.50 20.81
N LYS A 55 7.40 -41.58 21.13
CA LYS A 55 7.72 -42.34 22.31
C LYS A 55 9.13 -42.93 22.17
N GLY A 56 9.97 -42.68 23.17
CA GLY A 56 11.36 -43.06 23.11
C GLY A 56 12.28 -41.97 22.60
N ALA A 57 11.75 -40.90 22.03
CA ALA A 57 12.59 -39.80 21.56
C ALA A 57 13.08 -39.00 22.75
N LYS A 58 14.35 -38.62 22.67
CA LYS A 58 14.98 -37.83 23.73
C LYS A 58 15.63 -36.68 22.97
N ILE A 59 14.95 -35.54 22.97
CA ILE A 59 15.26 -34.44 22.08
C ILE A 59 16.01 -33.35 22.85
N LEU A 60 17.20 -33.01 22.37
CA LEU A 60 17.89 -31.79 22.79
C LEU A 60 17.38 -30.65 21.92
N GLY A 61 16.79 -29.62 22.53
CA GLY A 61 16.23 -28.48 21.79
C GLY A 61 17.00 -27.20 22.11
N CYS A 62 17.33 -26.44 21.07
CA CYS A 62 17.97 -25.14 21.28
C CYS A 62 17.31 -24.12 20.35
N ILE A 63 16.35 -23.37 20.87
CA ILE A 63 15.63 -22.39 20.08
C ILE A 63 14.95 -21.41 21.03
N HIS A 64 14.95 -20.12 20.65
CA HIS A 64 14.32 -19.03 21.39
C HIS A 64 13.19 -19.49 22.30
N MET A 65 13.33 -19.30 23.62
CA MET A 65 12.34 -19.84 24.57
C MET A 65 11.18 -18.85 24.71
N THR A 66 10.38 -18.78 23.65
CA THR A 66 9.18 -17.94 23.57
C THR A 66 7.93 -18.73 23.92
N ILE A 67 6.80 -18.01 24.00
CA ILE A 67 5.52 -18.69 24.12
C ILE A 67 5.32 -19.65 22.94
N GLN A 68 5.73 -19.24 21.74
CA GLN A 68 5.51 -20.10 20.58
C GLN A 68 6.31 -21.40 20.70
N THR A 69 7.56 -21.29 21.14
CA THR A 69 8.36 -22.47 21.41
C THR A 69 7.76 -23.36 22.49
N GLY A 70 7.13 -22.75 23.50
CA GLY A 70 6.43 -23.55 24.49
C GLY A 70 5.35 -24.43 23.89
N VAL A 71 4.56 -23.89 22.94
CA VAL A 71 3.54 -24.75 22.33
C VAL A 71 4.20 -25.87 21.52
N LEU A 72 5.31 -25.58 20.84
CA LEU A 72 6.09 -26.60 20.14
C LEU A 72 6.60 -27.68 21.11
N ILE A 73 7.18 -27.25 22.23
CA ILE A 73 7.73 -28.19 23.23
C ILE A 73 6.62 -29.11 23.73
N GLU A 74 5.48 -28.53 24.11
CA GLU A 74 4.43 -29.37 24.67
C GLU A 74 3.78 -30.25 23.63
N THR A 75 3.89 -29.88 22.34
CA THR A 75 3.44 -30.77 21.29
C THR A 75 4.35 -31.99 21.17
N LEU A 76 5.67 -31.76 21.16
CA LEU A 76 6.62 -32.88 21.17
C LEU A 76 6.39 -33.78 22.37
N VAL A 77 6.23 -33.20 23.56
CA VAL A 77 5.99 -34.03 24.75
C VAL A 77 4.67 -34.78 24.62
N ALA A 78 3.61 -34.12 24.13
CA ALA A 78 2.32 -34.81 24.01
C ALA A 78 2.38 -35.95 22.99
N LEU A 79 3.32 -35.91 22.06
CA LEU A 79 3.52 -37.01 21.12
C LEU A 79 4.45 -38.09 21.68
N GLY A 80 4.89 -37.96 22.92
CA GLY A 80 5.65 -39.00 23.59
C GLY A 80 7.11 -38.68 23.88
N ALA A 81 7.66 -37.58 23.35
CA ALA A 81 9.07 -37.29 23.54
C ALA A 81 9.39 -36.82 24.96
N GLU A 82 10.65 -37.03 25.37
CA GLU A 82 11.29 -36.29 26.45
C GLU A 82 12.21 -35.26 25.84
N VAL A 83 12.32 -34.09 26.48
CA VAL A 83 13.15 -33.02 25.93
C VAL A 83 13.98 -32.38 27.04
N ARG A 84 15.06 -31.71 26.63
CA ARG A 84 15.84 -30.83 27.49
C ARG A 84 16.18 -29.61 26.66
N TRP A 85 15.84 -28.41 27.15
CA TRP A 85 15.70 -27.23 26.29
C TRP A 85 16.56 -26.06 26.72
N SER A 86 17.00 -25.27 25.74
CA SER A 86 17.67 -24.00 25.98
C SER A 86 17.29 -23.03 24.87
N SER A 87 17.51 -21.74 25.14
CA SER A 87 17.32 -20.76 24.08
C SER A 87 18.57 -20.70 23.19
N CYS A 88 18.37 -20.25 21.94
CA CYS A 88 19.48 -20.08 21.01
C CYS A 88 19.91 -18.62 20.89
N ASN A 89 19.43 -17.73 21.78
CA ASN A 89 19.90 -16.35 21.84
C ASN A 89 19.81 -15.82 23.27
N ILE A 90 20.78 -14.97 23.65
CA ILE A 90 20.83 -14.49 25.05
C ILE A 90 19.67 -13.54 25.41
N PHE A 91 18.98 -12.94 24.43
CA PHE A 91 17.91 -11.97 24.69
C PHE A 91 16.50 -12.40 24.25
N SER A 92 16.34 -13.58 23.67
CA SER A 92 15.10 -13.93 23.00
C SER A 92 14.09 -14.65 23.90
N THR A 93 14.49 -15.14 25.07
CA THR A 93 13.54 -15.83 25.94
C THR A 93 12.46 -14.87 26.42
N GLN A 94 11.23 -15.38 26.50
CA GLN A 94 10.18 -14.73 27.27
C GLN A 94 10.13 -15.44 28.61
N ASP A 95 10.44 -14.73 29.69
CA ASP A 95 10.65 -15.40 30.97
C ASP A 95 9.40 -16.14 31.44
N GLN A 96 8.21 -15.62 31.12
CA GLN A 96 7.00 -16.30 31.54
C GLN A 96 6.79 -17.61 30.79
N ALA A 97 7.29 -17.69 29.55
CA ALA A 97 7.22 -18.94 28.80
C ALA A 97 8.14 -20.00 29.42
N ALA A 98 9.40 -19.62 29.66
CA ALA A 98 10.32 -20.56 30.31
C ALA A 98 9.78 -21.02 31.65
N ALA A 99 9.16 -20.11 32.42
CA ALA A 99 8.62 -20.50 33.72
C ALA A 99 7.47 -21.50 33.58
N ALA A 100 6.54 -21.27 32.64
CA ALA A 100 5.45 -22.21 32.44
C ALA A 100 5.98 -23.60 32.06
N ILE A 101 7.01 -23.64 31.21
CA ILE A 101 7.58 -24.91 30.78
C ILE A 101 8.25 -25.64 31.95
N ALA A 102 9.01 -24.90 32.76
CA ALA A 102 9.63 -25.49 33.94
C ALA A 102 8.59 -25.98 34.94
N ALA A 103 7.52 -25.20 35.15
CA ALA A 103 6.50 -25.60 36.10
C ALA A 103 5.77 -26.86 35.63
N ALA A 104 5.77 -27.12 34.33
CA ALA A 104 5.20 -28.35 33.82
C ALA A 104 6.12 -29.54 33.97
N GLY A 105 7.27 -29.36 34.64
CA GLY A 105 8.17 -30.48 34.87
C GLY A 105 9.08 -30.80 33.68
N ILE A 106 9.36 -29.82 32.85
CA ILE A 106 10.16 -30.01 31.64
C ILE A 106 11.48 -29.29 31.82
N PRO A 107 12.63 -29.95 31.63
CA PRO A 107 13.92 -29.28 31.83
C PRO A 107 14.12 -28.17 30.80
N VAL A 108 14.27 -26.94 31.29
CA VAL A 108 14.53 -25.79 30.44
C VAL A 108 15.53 -24.91 31.18
N PHE A 109 16.50 -24.36 30.43
CA PHE A 109 17.58 -23.53 30.97
C PHE A 109 17.64 -22.27 30.10
N ALA A 110 16.97 -21.18 30.53
CA ALA A 110 16.76 -20.04 29.63
C ALA A 110 16.19 -18.87 30.41
N TRP A 111 16.74 -17.69 30.15
CA TRP A 111 16.19 -16.45 30.67
C TRP A 111 16.62 -15.31 29.75
N LYS A 112 15.84 -14.24 29.77
CA LYS A 112 16.16 -13.08 28.96
C LYS A 112 17.32 -12.31 29.59
N GLY A 113 18.34 -12.00 28.78
CA GLY A 113 19.47 -11.28 29.33
C GLY A 113 20.56 -12.17 29.90
N GLU A 114 20.76 -13.34 29.31
CA GLU A 114 21.92 -14.17 29.63
C GLU A 114 23.23 -13.49 29.24
N THR A 115 24.30 -13.78 29.99
CA THR A 115 25.65 -13.53 29.51
C THR A 115 26.07 -14.64 28.54
N GLU A 116 27.16 -14.40 27.81
CA GLU A 116 27.69 -15.44 26.92
C GLU A 116 28.04 -16.70 27.71
N GLU A 117 28.66 -16.55 28.88
CA GLU A 117 28.98 -17.72 29.69
C GLU A 117 27.72 -18.47 30.12
N GLU A 118 26.66 -17.74 30.52
CA GLU A 118 25.41 -18.40 30.90
C GLU A 118 24.74 -19.07 29.71
N TYR A 119 24.84 -18.44 28.53
CA TYR A 119 24.29 -19.05 27.32
C TYR A 119 24.90 -20.42 27.07
N GLU A 120 26.23 -20.50 27.16
CA GLU A 120 26.88 -21.78 26.93
C GLU A 120 26.61 -22.76 28.06
N TRP A 121 26.55 -22.28 29.30
CA TRP A 121 26.16 -23.14 30.41
C TRP A 121 24.77 -23.74 30.19
N CYS A 122 23.80 -22.94 29.72
CA CYS A 122 22.45 -23.44 29.51
C CYS A 122 22.42 -24.59 28.50
N ILE A 123 23.15 -24.44 27.40
CA ILE A 123 23.17 -25.52 26.41
C ILE A 123 23.75 -26.78 27.03
N GLU A 124 24.83 -26.62 27.80
CA GLU A 124 25.48 -27.78 28.42
C GLU A 124 24.59 -28.43 29.47
N GLN A 125 23.66 -27.67 30.09
CA GLN A 125 22.71 -28.29 31.02
C GLN A 125 21.70 -29.17 30.28
N THR A 126 21.40 -28.87 29.01
CA THR A 126 20.55 -29.79 28.25
C THR A 126 21.33 -31.05 27.88
N ILE A 127 22.61 -30.90 27.56
CA ILE A 127 23.44 -32.03 27.13
C ILE A 127 23.72 -32.96 28.30
N LEU A 128 24.03 -32.42 29.48
CA LEU A 128 24.34 -33.21 30.65
C LEU A 128 23.11 -33.35 31.55
N LYS A 129 22.90 -34.55 32.07
CA LYS A 129 21.91 -34.79 33.11
C LYS A 129 22.62 -35.47 34.26
N ASP A 130 22.54 -34.89 35.45
CA ASP A 130 23.22 -35.42 36.62
C ASP A 130 24.71 -35.58 36.35
N GLY A 131 25.30 -34.59 35.70
CA GLY A 131 26.73 -34.55 35.50
C GLY A 131 27.26 -35.44 34.40
N GLN A 132 26.38 -36.10 33.66
CA GLN A 132 26.81 -37.02 32.62
C GLN A 132 25.99 -36.79 31.37
N PRO A 133 26.50 -37.18 30.20
CA PRO A 133 25.73 -36.98 28.96
C PRO A 133 24.37 -37.67 29.03
N TRP A 134 23.34 -36.92 28.72
CA TRP A 134 22.00 -37.49 28.58
C TRP A 134 22.00 -38.43 27.38
N ASP A 135 21.21 -39.51 27.46
CA ASP A 135 21.11 -40.41 26.32
C ASP A 135 20.19 -39.81 25.26
N ALA A 136 20.60 -38.67 24.72
CA ALA A 136 19.85 -38.01 23.65
C ALA A 136 19.83 -38.86 22.38
N ASN A 137 18.74 -38.77 21.62
CA ASN A 137 18.74 -39.37 20.29
C ASN A 137 18.13 -38.49 19.21
N MET A 138 17.77 -37.23 19.50
CA MET A 138 17.26 -36.30 18.50
C MET A 138 17.73 -34.90 18.86
N VAL A 139 17.91 -34.04 17.84
CA VAL A 139 18.34 -32.65 18.03
C VAL A 139 17.40 -31.74 17.27
N LEU A 140 16.90 -30.68 17.93
CA LEU A 140 16.15 -29.62 17.27
C LEU A 140 16.94 -28.34 17.51
N ASP A 141 17.39 -27.69 16.44
CA ASP A 141 18.33 -26.57 16.56
C ASP A 141 17.84 -25.36 15.76
N ASP A 142 18.29 -24.17 16.18
CA ASP A 142 17.97 -22.93 15.46
C ASP A 142 19.26 -22.12 15.41
N GLY A 143 20.03 -22.25 14.32
CA GLY A 143 21.26 -21.49 14.14
C GLY A 143 22.52 -22.32 14.17
N GLY A 144 22.47 -23.52 14.71
CA GLY A 144 23.65 -24.40 14.62
C GLY A 144 24.56 -24.48 15.85
N ASP A 145 24.29 -23.71 16.90
CA ASP A 145 25.20 -23.67 18.05
C ASP A 145 25.20 -25.01 18.80
N LEU A 146 24.01 -25.55 19.10
CA LEU A 146 23.96 -26.87 19.75
C LEU A 146 24.58 -27.94 18.87
N THR A 147 24.26 -27.89 17.56
CA THR A 147 24.86 -28.83 16.61
C THR A 147 26.37 -28.76 16.66
N GLU A 148 26.91 -27.54 16.74
CA GLU A 148 28.36 -27.35 16.75
C GLU A 148 28.98 -27.90 18.04
N ILE A 149 28.39 -27.57 19.19
CA ILE A 149 28.91 -28.04 20.47
C ILE A 149 28.90 -29.57 20.50
N LEU A 150 27.83 -30.20 20.02
CA LEU A 150 27.79 -31.67 19.98
C LEU A 150 28.93 -32.23 19.11
N HIS A 151 29.13 -31.67 17.89
CA HIS A 151 30.18 -32.22 17.03
C HIS A 151 31.58 -31.96 17.57
N LYS A 152 31.79 -30.84 18.25
CA LYS A 152 33.15 -30.48 18.67
C LYS A 152 33.48 -31.03 20.06
N LYS A 153 32.51 -31.04 20.95
CA LYS A 153 32.78 -31.33 22.35
C LYS A 153 32.17 -32.64 22.83
N TYR A 154 31.09 -33.13 22.20
CA TYR A 154 30.44 -34.39 22.60
C TYR A 154 30.20 -35.31 21.41
N PRO A 155 31.22 -35.56 20.57
CA PRO A 155 30.98 -36.40 19.39
C PRO A 155 30.42 -37.77 19.71
N GLN A 156 30.75 -38.33 20.88
CA GLN A 156 30.26 -39.66 21.24
C GLN A 156 28.74 -39.70 21.38
N MET A 157 28.13 -38.58 21.80
CA MET A 157 26.68 -38.53 21.86
C MET A 157 26.05 -38.62 20.48
N LEU A 158 26.72 -38.12 19.43
CA LEU A 158 26.11 -38.19 18.10
C LEU A 158 25.99 -39.62 17.59
N GLU A 159 26.77 -40.58 18.12
CA GLU A 159 26.64 -41.95 17.64
C GLU A 159 25.22 -42.47 17.85
N ARG A 160 24.52 -41.95 18.87
CA ARG A 160 23.19 -42.41 19.23
C ARG A 160 22.08 -41.52 18.69
N ILE A 161 22.41 -40.44 18.01
CA ILE A 161 21.41 -39.46 17.59
C ILE A 161 20.97 -39.77 16.16
N HIS A 162 19.64 -39.84 15.94
CA HIS A 162 19.07 -40.19 14.63
C HIS A 162 19.00 -39.00 13.67
N GLY A 163 19.09 -37.76 14.15
CA GLY A 163 18.98 -36.63 13.23
C GLY A 163 18.91 -35.29 13.94
N ILE A 164 19.08 -34.24 13.13
CA ILE A 164 18.96 -32.82 13.51
C ILE A 164 17.86 -32.22 12.67
N THR A 165 16.93 -31.48 13.29
CA THR A 165 15.97 -30.68 12.52
C THR A 165 16.30 -29.21 12.74
N GLU A 166 16.76 -28.53 11.68
CA GLU A 166 17.38 -27.21 11.80
C GLU A 166 16.41 -26.16 11.27
N GLU A 167 16.23 -25.09 12.06
CA GLU A 167 15.16 -24.12 11.86
C GLU A 167 15.52 -23.06 10.83
N THR A 168 16.77 -22.59 10.77
CA THR A 168 16.97 -21.30 10.12
C THR A 168 18.10 -21.33 9.11
N THR A 169 18.04 -20.37 8.18
CA THR A 169 18.94 -20.27 7.05
C THR A 169 20.41 -20.41 7.43
N THR A 170 20.86 -19.62 8.42
CA THR A 170 22.24 -19.70 8.89
C THR A 170 22.59 -21.11 9.37
N GLY A 171 21.69 -21.75 10.12
CA GLY A 171 21.99 -23.11 10.57
C GLY A 171 22.12 -24.09 9.42
N VAL A 172 21.24 -23.95 8.42
CA VAL A 172 21.32 -24.83 7.25
C VAL A 172 22.64 -24.62 6.53
N HIS A 173 23.07 -23.37 6.39
CA HIS A 173 24.36 -23.11 5.76
C HIS A 173 25.47 -23.86 6.50
N ARG A 174 25.43 -23.83 7.83
CA ARG A 174 26.49 -24.51 8.59
C ARG A 174 26.42 -26.03 8.41
N LEU A 175 25.20 -26.60 8.33
CA LEU A 175 25.07 -28.04 8.08
C LEU A 175 25.64 -28.42 6.72
N LEU A 176 25.34 -27.62 5.70
CA LEU A 176 25.84 -27.93 4.36
C LEU A 176 27.35 -27.80 4.27
N ASP A 177 27.96 -26.84 4.98
CA ASP A 177 29.41 -26.77 5.04
C ASP A 177 30.00 -28.02 5.66
N MET A 178 29.41 -28.49 6.77
CA MET A 178 29.90 -29.73 7.37
C MET A 178 29.72 -30.92 6.43
N LEU A 179 28.59 -30.97 5.73
CA LEU A 179 28.33 -32.12 4.84
C LEU A 179 29.35 -32.16 3.71
N LYS A 180 29.71 -31.00 3.16
CA LYS A 180 30.70 -31.02 2.09
C LYS A 180 32.10 -31.29 2.63
N ASN A 181 32.38 -30.92 3.88
CA ASN A 181 33.67 -31.18 4.51
C ASN A 181 33.78 -32.59 5.08
N GLY A 182 32.73 -33.39 5.06
CA GLY A 182 32.83 -34.70 5.68
C GLY A 182 32.79 -34.72 7.19
N THR A 183 32.34 -33.64 7.84
CA THR A 183 32.33 -33.57 9.29
C THR A 183 30.95 -33.68 9.91
N LEU A 184 29.88 -33.73 9.09
CA LEU A 184 28.53 -33.91 9.63
C LEU A 184 28.31 -35.38 9.99
N LYS A 185 27.88 -35.65 11.22
CA LYS A 185 27.82 -37.03 11.71
C LYS A 185 26.45 -37.68 11.65
N VAL A 186 25.38 -36.88 11.51
CA VAL A 186 24.01 -37.39 11.50
C VAL A 186 23.23 -36.60 10.45
N PRO A 187 22.18 -37.22 9.90
CA PRO A 187 21.42 -36.53 8.85
C PRO A 187 20.60 -35.39 9.44
N ALA A 188 20.14 -34.51 8.56
CA ALA A 188 19.38 -33.35 9.02
C ALA A 188 18.20 -33.14 8.10
N ILE A 189 17.13 -32.54 8.62
CA ILE A 189 16.09 -31.97 7.78
C ILE A 189 16.23 -30.46 7.85
N ASN A 190 16.31 -29.84 6.70
CA ASN A 190 16.32 -28.39 6.53
C ASN A 190 14.86 -27.97 6.63
N VAL A 191 14.44 -27.61 7.86
CA VAL A 191 13.07 -27.14 8.09
C VAL A 191 12.85 -25.77 7.45
N ASN A 192 13.90 -24.94 7.40
CA ASN A 192 13.78 -23.58 6.85
C ASN A 192 13.15 -23.55 5.46
N ASP A 193 13.50 -24.50 4.60
CA ASP A 193 13.13 -24.38 3.20
C ASP A 193 11.77 -25.01 2.85
N SER A 194 10.94 -25.39 3.82
CA SER A 194 9.52 -25.57 3.53
C SER A 194 8.98 -24.20 3.16
N VAL A 195 8.04 -24.14 2.20
CA VAL A 195 7.50 -22.82 1.84
C VAL A 195 6.73 -22.24 3.03
N THR A 196 6.05 -23.12 3.79
CA THR A 196 5.32 -22.73 5.00
C THR A 196 6.26 -22.35 6.14
N LYS A 197 7.57 -22.37 5.90
CA LYS A 197 8.55 -21.81 6.83
C LYS A 197 9.22 -20.62 6.17
N SER A 198 10.13 -20.84 5.21
CA SER A 198 10.89 -19.75 4.57
C SER A 198 10.00 -18.61 4.10
N LYS A 199 8.90 -18.90 3.41
CA LYS A 199 8.13 -17.81 2.77
C LYS A 199 6.93 -17.42 3.60
N ASN A 200 6.96 -17.74 4.89
CA ASN A 200 5.94 -17.44 5.89
C ASN A 200 6.67 -16.75 7.04
N ASP A 201 7.45 -17.55 7.78
CA ASP A 201 8.21 -17.08 8.92
C ASP A 201 9.28 -16.04 8.50
N ASN A 202 10.20 -16.41 7.59
CA ASN A 202 11.33 -15.51 7.32
C ASN A 202 10.87 -14.16 6.78
N LYS A 203 9.83 -14.16 5.95
CA LYS A 203 9.36 -12.90 5.35
C LYS A 203 8.25 -12.23 6.18
N TYR A 204 7.07 -12.87 6.27
CA TYR A 204 5.96 -12.19 6.97
C TYR A 204 6.20 -12.07 8.47
N GLY A 205 6.96 -13.01 9.07
CA GLY A 205 7.31 -12.86 10.47
C GLY A 205 8.06 -11.57 10.74
N CYS A 206 9.06 -11.27 9.89
CA CYS A 206 9.81 -10.04 10.10
C CYS A 206 8.98 -8.81 9.73
N ARG A 207 8.07 -8.94 8.78
CA ARG A 207 7.14 -7.85 8.48
CA ARG A 207 7.14 -7.86 8.49
C ARG A 207 6.36 -7.47 9.73
N HIS A 208 5.84 -8.47 10.46
CA HIS A 208 5.10 -8.22 11.71
C HIS A 208 6.02 -7.65 12.79
N SER A 209 7.18 -8.29 13.01
CA SER A 209 7.91 -8.07 14.25
C SER A 209 9.03 -7.03 14.17
N LEU A 210 9.49 -6.62 12.98
CA LEU A 210 10.56 -5.63 12.96
C LEU A 210 10.08 -4.26 13.40
N ASN A 211 9.07 -3.70 12.73
CA ASN A 211 8.60 -2.41 13.19
CA ASN A 211 8.58 -2.42 13.18
C ASN A 211 8.09 -2.49 14.62
N ASP A 212 7.59 -3.67 15.04
CA ASP A 212 7.17 -3.89 16.41
C ASP A 212 8.32 -3.61 17.37
N ALA A 213 9.46 -4.25 17.14
CA ALA A 213 10.59 -4.10 18.04
C ALA A 213 11.17 -2.69 18.01
N ILE A 214 11.15 -2.02 16.85
CA ILE A 214 11.67 -0.64 16.81
C ILE A 214 10.77 0.29 17.62
N LYS A 215 9.44 0.13 17.49
CA LYS A 215 8.54 0.95 18.31
C LYS A 215 8.74 0.69 19.80
N ARG A 216 8.81 -0.59 20.20
CA ARG A 216 8.97 -0.86 21.63
C ARG A 216 10.27 -0.30 22.17
N GLY A 217 11.34 -0.40 21.40
CA GLY A 217 12.65 0.05 21.88
C GLY A 217 12.82 1.56 21.90
N THR A 218 12.25 2.27 20.91
CA THR A 218 12.50 3.69 20.74
C THR A 218 11.25 4.56 20.72
N ASP A 219 10.07 3.99 20.47
CA ASP A 219 8.84 4.75 20.26
C ASP A 219 8.99 5.86 19.21
N HIS A 220 9.91 5.69 18.27
CA HIS A 220 10.14 6.67 17.23
C HIS A 220 9.06 6.60 16.16
N LEU A 221 8.58 7.77 15.72
CA LEU A 221 7.89 7.85 14.43
C LEU A 221 8.76 7.31 13.31
N LEU A 222 8.20 6.40 12.51
CA LEU A 222 8.91 5.88 11.34
C LEU A 222 8.48 6.57 10.04
N SER A 223 7.18 6.95 9.92
CA SER A 223 6.67 7.57 8.72
C SER A 223 7.48 8.81 8.35
N GLY A 224 7.82 8.94 7.07
CA GLY A 224 8.52 10.13 6.60
C GLY A 224 10.03 10.12 6.77
N LYS A 225 10.58 9.17 7.53
CA LYS A 225 12.02 9.05 7.78
C LYS A 225 12.66 8.08 6.80
N GLN A 226 14.01 8.09 6.74
CA GLN A 226 14.76 7.33 5.74
C GLN A 226 15.36 6.07 6.34
N ALA A 227 15.14 4.92 5.70
CA ALA A 227 15.72 3.67 6.17
C ALA A 227 16.62 3.09 5.09
N LEU A 228 17.62 2.34 5.52
CA LEU A 228 18.47 1.55 4.63
C LEU A 228 18.39 0.11 5.12
N VAL A 229 17.90 -0.80 4.28
CA VAL A 229 17.87 -2.22 4.60
C VAL A 229 18.98 -2.91 3.84
N ILE A 230 19.88 -3.57 4.57
CA ILE A 230 20.98 -4.30 3.95
C ILE A 230 20.51 -5.73 3.74
N GLY A 231 20.30 -6.13 2.50
CA GLY A 231 19.81 -7.46 2.19
C GLY A 231 18.36 -7.44 1.72
N TYR A 232 18.03 -8.38 0.80
CA TYR A 232 16.68 -8.47 0.24
C TYR A 232 16.36 -9.93 -0.09
N GLY A 233 16.84 -10.85 0.76
CA GLY A 233 16.35 -12.23 0.76
C GLY A 233 15.01 -12.24 1.46
N ASP A 234 14.69 -13.37 2.08
CA ASP A 234 13.35 -13.46 2.66
C ASP A 234 13.19 -12.50 3.84
N VAL A 235 14.19 -12.44 4.72
CA VAL A 235 14.16 -11.51 5.85
C VAL A 235 14.21 -10.07 5.36
N GLY A 236 15.09 -9.75 4.40
CA GLY A 236 15.16 -8.38 3.89
C GLY A 236 13.87 -7.93 3.21
N LYS A 237 13.21 -8.84 2.48
CA LYS A 237 11.92 -8.52 1.87
C LYS A 237 10.88 -8.17 2.93
N GLY A 238 10.79 -9.02 3.96
CA GLY A 238 9.79 -8.79 5.01
C GLY A 238 10.13 -7.55 5.84
N SER A 239 11.41 -7.32 6.08
CA SER A 239 11.84 -6.14 6.82
C SER A 239 11.55 -4.85 6.06
N SER A 240 11.91 -4.83 4.78
CA SER A 240 11.62 -3.69 3.94
C SER A 240 10.14 -3.36 3.96
N GLN A 241 9.29 -4.40 3.89
CA GLN A 241 7.85 -4.15 3.92
C GLN A 241 7.41 -3.65 5.29
N SER A 242 8.01 -4.19 6.36
CA SER A 242 7.67 -3.71 7.70
C SER A 242 7.86 -2.19 7.81
N LEU A 243 8.91 -1.65 7.19
CA LEU A 243 9.18 -0.23 7.29
C LEU A 243 8.41 0.58 6.24
N ARG A 244 8.32 0.09 5.00
CA ARG A 244 7.58 0.85 3.98
C ARG A 244 6.11 0.99 4.34
N GLN A 245 5.50 -0.06 4.90
CA GLN A 245 4.07 0.04 5.22
C GLN A 245 3.80 1.05 6.33
N GLU A 246 4.81 1.40 7.12
CA GLU A 246 4.75 2.47 8.09
C GLU A 246 4.99 3.86 7.50
N GLY A 247 5.30 3.96 6.21
CA GLY A 247 5.54 5.25 5.58
C GLY A 247 7.00 5.63 5.51
N MET A 248 7.92 4.71 5.85
CA MET A 248 9.33 5.02 5.72
C MET A 248 9.69 5.08 4.24
N ILE A 249 10.69 5.90 3.94
CA ILE A 249 11.30 5.93 2.61
C ILE A 249 12.45 4.94 2.70
N VAL A 250 12.30 3.79 2.06
CA VAL A 250 13.20 2.65 2.28
C VAL A 250 14.11 2.52 1.07
N LYS A 251 15.44 2.44 1.30
CA LYS A 251 16.39 2.07 0.27
C LYS A 251 16.97 0.70 0.61
N VAL A 252 17.34 -0.08 -0.42
CA VAL A 252 17.77 -1.48 -0.25
C VAL A 252 19.17 -1.66 -0.83
N ALA A 253 20.04 -2.38 -0.09
CA ALA A 253 21.34 -2.84 -0.57
C ALA A 253 21.31 -4.34 -0.79
N GLU A 254 22.03 -4.80 -1.82
CA GLU A 254 22.11 -6.23 -2.14
C GLU A 254 23.39 -6.51 -2.90
N VAL A 255 23.93 -7.72 -2.69
CA VAL A 255 24.99 -8.24 -3.54
C VAL A 255 24.43 -9.15 -4.63
N ASP A 256 23.19 -9.63 -4.48
CA ASP A 256 22.58 -10.56 -5.42
C ASP A 256 21.76 -9.74 -6.43
N PRO A 257 22.15 -9.69 -7.71
CA PRO A 257 21.38 -8.85 -8.67
C PRO A 257 19.95 -9.29 -8.86
N ILE A 258 19.64 -10.57 -8.67
CA ILE A 258 18.25 -11.02 -8.82
C ILE A 258 17.38 -10.47 -7.70
N CYS A 259 17.87 -10.53 -6.46
CA CYS A 259 17.15 -9.95 -5.32
C CYS A 259 17.04 -8.44 -5.46
N ALA A 260 18.10 -7.82 -5.98
CA ALA A 260 18.09 -6.38 -6.27
C ALA A 260 17.02 -6.03 -7.30
N MET A 261 16.87 -6.87 -8.33
N MET A 261 16.87 -6.87 -8.33
CA MET A 261 15.83 -6.63 -9.33
CA MET A 261 15.84 -6.65 -9.34
C MET A 261 14.45 -6.67 -8.69
C MET A 261 14.46 -6.68 -8.70
N GLN A 262 14.24 -7.61 -7.78
CA GLN A 262 12.98 -7.69 -7.07
C GLN A 262 12.74 -6.41 -6.25
N ALA A 263 13.78 -5.90 -5.57
CA ALA A 263 13.61 -4.68 -4.80
C ALA A 263 13.23 -3.50 -5.69
N CYS A 264 13.84 -3.40 -6.87
CA CYS A 264 13.45 -2.34 -7.80
C CYS A 264 12.00 -2.49 -8.20
N MET A 265 11.60 -3.69 -8.60
CA MET A 265 10.24 -3.92 -9.08
C MET A 265 9.23 -3.74 -7.97
N ASP A 266 9.63 -4.00 -6.72
CA ASP A 266 8.76 -3.78 -5.55
C ASP A 266 8.71 -2.32 -5.13
N GLY A 267 9.42 -1.45 -5.83
CA GLY A 267 9.27 0.00 -5.62
C GLY A 267 10.30 0.63 -4.72
N PHE A 268 11.45 0.00 -4.52
CA PHE A 268 12.53 0.52 -3.69
C PHE A 268 13.69 0.98 -4.58
N GLU A 269 14.39 2.03 -4.13
CA GLU A 269 15.65 2.44 -4.71
C GLU A 269 16.75 1.51 -4.22
N VAL A 270 17.60 1.00 -5.12
CA VAL A 270 18.67 0.08 -4.71
C VAL A 270 19.99 0.86 -4.66
N VAL A 271 20.63 0.90 -3.48
CA VAL A 271 21.84 1.70 -3.26
C VAL A 271 22.90 0.86 -2.58
N SER A 272 24.15 1.35 -2.64
CA SER A 272 25.23 0.70 -1.89
C SER A 272 25.77 1.66 -0.84
N PRO A 273 26.12 1.18 0.36
CA PRO A 273 26.86 2.04 1.31
C PRO A 273 28.20 2.53 0.77
N TYR A 274 28.73 1.86 -0.25
CA TYR A 274 30.03 2.15 -0.83
C TYR A 274 29.85 2.74 -2.20
N LYS A 275 30.67 3.74 -2.50
CA LYS A 275 30.63 4.38 -3.81
C LYS A 275 30.88 3.33 -4.89
N ASN A 276 29.97 3.28 -5.86
CA ASN A 276 30.00 2.28 -6.94
C ASN A 276 29.96 0.84 -6.41
N GLY A 277 29.56 0.64 -5.15
CA GLY A 277 29.46 -0.68 -4.58
C GLY A 277 30.77 -1.32 -4.20
N ILE A 278 31.87 -0.57 -4.18
CA ILE A 278 33.20 -1.13 -3.96
C ILE A 278 33.68 -0.78 -2.56
N ASN A 279 33.82 -1.82 -1.74
CA ASN A 279 34.17 -1.81 -0.31
C ASN A 279 35.68 -2.09 -0.21
N ASP A 280 36.49 -1.04 -0.34
CA ASP A 280 37.94 -1.19 -0.24
C ASP A 280 38.47 -1.09 1.19
N GLY A 281 37.58 -1.00 2.20
CA GLY A 281 38.01 -0.88 3.58
C GLY A 281 38.44 0.51 4.04
N THR A 282 38.43 1.52 3.17
CA THR A 282 38.78 2.86 3.58
C THR A 282 37.53 3.68 3.86
N GLU A 283 37.67 4.67 4.76
CA GLU A 283 36.63 5.66 4.97
C GLU A 283 36.22 6.32 3.66
N ALA A 284 37.17 6.46 2.73
CA ALA A 284 36.90 7.19 1.49
C ALA A 284 35.90 6.47 0.59
N SER A 285 35.82 5.13 0.66
CA SER A 285 34.88 4.40 -0.16
C SER A 285 33.43 4.50 0.33
N ILE A 286 33.18 5.10 1.49
CA ILE A 286 31.82 5.21 2.04
C ILE A 286 31.07 6.32 1.32
N ASP A 287 29.81 6.05 0.94
CA ASP A 287 28.92 7.10 0.45
C ASP A 287 28.44 7.90 1.66
N ALA A 288 29.25 8.90 2.03
CA ALA A 288 28.97 9.70 3.21
C ALA A 288 27.68 10.49 3.02
N ALA A 289 27.44 10.98 1.82
CA ALA A 289 26.21 11.74 1.57
C ALA A 289 24.97 10.86 1.79
N LEU A 290 25.02 9.59 1.36
CA LEU A 290 23.92 8.65 1.55
C LEU A 290 23.71 8.35 3.03
N LEU A 291 24.78 7.89 3.70
CA LEU A 291 24.65 7.45 5.09
C LEU A 291 24.29 8.61 6.00
N GLY A 292 24.74 9.83 5.69
CA GLY A 292 24.35 11.04 6.42
C GLY A 292 22.86 11.37 6.36
N LYS A 293 22.10 10.71 5.48
CA LYS A 293 20.66 10.94 5.38
C LYS A 293 19.82 9.87 6.05
N ILE A 294 20.45 8.77 6.53
CA ILE A 294 19.73 7.57 6.93
C ILE A 294 19.39 7.63 8.42
N ASP A 295 18.11 7.48 8.74
CA ASP A 295 17.63 7.49 10.12
C ASP A 295 17.63 6.11 10.77
N LEU A 296 17.69 5.06 9.96
CA LEU A 296 17.53 3.71 10.49
C LEU A 296 18.21 2.76 9.53
N ILE A 297 19.08 1.91 10.03
CA ILE A 297 19.67 0.86 9.21
C ILE A 297 19.38 -0.50 9.84
N VAL A 298 19.02 -1.47 9.00
CA VAL A 298 18.62 -2.80 9.43
C VAL A 298 19.43 -3.80 8.61
N THR A 299 20.14 -4.72 9.29
CA THR A 299 20.89 -5.76 8.59
C THR A 299 20.08 -7.05 8.56
N THR A 300 20.06 -7.75 7.41
CA THR A 300 19.19 -8.91 7.26
C THR A 300 19.88 -10.06 6.51
N THR A 301 21.21 -10.10 6.50
CA THR A 301 21.98 -10.84 5.51
C THR A 301 22.43 -12.24 5.93
N GLY A 302 22.63 -12.52 7.23
CA GLY A 302 23.35 -13.76 7.53
C GLY A 302 24.84 -13.74 7.21
N ASN A 303 25.37 -12.59 6.83
CA ASN A 303 26.77 -12.39 6.44
C ASN A 303 27.49 -11.54 7.50
N VAL A 304 28.78 -11.28 7.29
CA VAL A 304 29.63 -10.67 8.31
C VAL A 304 29.98 -9.22 7.92
N ASN A 305 29.86 -8.31 8.89
CA ASN A 305 30.36 -6.94 8.76
C ASN A 305 29.71 -6.22 7.57
N VAL A 306 28.38 -6.30 7.49
CA VAL A 306 27.66 -5.61 6.43
C VAL A 306 27.21 -4.24 6.88
N CYS A 307 27.33 -3.93 8.17
CA CYS A 307 27.23 -2.56 8.67
C CYS A 307 28.55 -2.33 9.43
N ASP A 308 29.56 -1.82 8.74
CA ASP A 308 30.91 -1.85 9.26
C ASP A 308 31.27 -0.54 9.97
N ALA A 309 32.51 -0.49 10.51
CA ALA A 309 32.95 0.65 11.32
C ALA A 309 32.84 1.96 10.56
N ASN A 310 33.25 1.97 9.28
CA ASN A 310 33.21 3.19 8.49
C ASN A 310 31.78 3.62 8.19
N MET A 311 30.87 2.66 7.98
CA MET A 311 29.47 3.01 7.85
C MET A 311 28.95 3.64 9.13
N LEU A 312 29.33 3.06 10.28
CA LEU A 312 28.85 3.55 11.56
C LEU A 312 29.33 4.98 11.82
N LYS A 313 30.58 5.27 11.43
CA LYS A 313 31.09 6.63 11.59
C LYS A 313 30.35 7.63 10.70
N ALA A 314 29.87 7.19 9.55
CA ALA A 314 29.24 8.09 8.59
C ALA A 314 27.75 8.27 8.83
N LEU A 315 27.12 7.42 9.66
CA LEU A 315 25.67 7.50 9.79
C LEU A 315 25.21 8.84 10.34
N LYS A 316 24.02 9.24 9.93
CA LYS A 316 23.36 10.41 10.45
C LYS A 316 23.35 10.39 11.98
N LYS A 317 23.60 11.55 12.60
CA LYS A 317 23.46 11.65 14.05
C LYS A 317 22.09 11.15 14.47
N ARG A 318 22.06 10.33 15.52
CA ARG A 318 20.86 9.81 16.19
C ARG A 318 20.11 8.78 15.35
N ALA A 319 20.74 8.24 14.30
CA ALA A 319 20.19 7.09 13.60
C ALA A 319 20.10 5.87 14.53
N VAL A 320 19.09 5.03 14.27
CA VAL A 320 18.92 3.75 14.94
C VAL A 320 19.60 2.68 14.11
N VAL A 321 20.31 1.78 14.79
CA VAL A 321 21.05 0.68 14.16
C VAL A 321 20.55 -0.63 14.75
N CYS A 322 20.15 -1.59 13.89
CA CYS A 322 19.76 -2.90 14.41
C CYS A 322 19.97 -3.99 13.37
N ASN A 323 19.87 -5.23 13.86
CA ASN A 323 20.14 -6.44 13.10
C ASN A 323 19.00 -7.42 13.35
N ILE A 324 18.47 -8.01 12.28
CA ILE A 324 17.47 -9.07 12.38
C ILE A 324 17.95 -10.37 11.73
N GLY A 325 19.22 -10.44 11.30
CA GLY A 325 19.82 -11.71 10.96
C GLY A 325 20.16 -12.47 12.23
N HIS A 326 20.57 -13.74 12.05
CA HIS A 326 20.68 -14.60 13.23
C HIS A 326 21.81 -14.21 14.21
N PHE A 327 22.94 -13.69 13.74
CA PHE A 327 24.06 -13.42 14.63
C PHE A 327 24.40 -11.94 14.65
N ASP A 328 24.99 -11.46 15.75
CA ASP A 328 25.31 -10.03 15.88
C ASP A 328 26.57 -9.58 15.12
N ASN A 329 27.30 -10.45 14.45
CA ASN A 329 28.46 -9.93 13.72
C ASN A 329 28.09 -9.27 12.38
N GLU A 330 26.80 -9.02 12.11
CA GLU A 330 26.43 -8.27 10.92
C GLU A 330 26.84 -6.82 11.05
N ILE A 331 26.76 -6.28 12.26
CA ILE A 331 27.20 -4.93 12.60
C ILE A 331 28.52 -5.02 13.33
N ASP A 332 29.44 -4.08 13.06
CA ASP A 332 30.71 -4.08 13.77
C ASP A 332 30.53 -3.45 15.16
N THR A 333 29.87 -4.22 16.04
CA THR A 333 29.70 -3.74 17.42
C THR A 333 31.00 -3.77 18.21
N ALA A 334 31.94 -4.68 17.87
CA ALA A 334 33.21 -4.69 18.59
C ALA A 334 33.95 -3.37 18.42
N PHE A 335 33.92 -2.82 17.20
CA PHE A 335 34.47 -1.47 16.99
C PHE A 335 33.82 -0.46 17.91
N MET A 336 32.49 -0.52 18.07
CA MET A 336 31.81 0.45 18.92
C MET A 336 32.14 0.26 20.40
N ARG A 337 32.28 -0.99 20.84
CA ARG A 337 32.75 -1.25 22.20
C ARG A 337 34.15 -0.70 22.41
N LYS A 338 35.02 -0.84 21.42
CA LYS A 338 36.41 -0.46 21.58
C LYS A 338 36.60 1.05 21.59
N ASN A 339 35.76 1.81 20.88
CA ASN A 339 36.03 3.23 20.67
C ASN A 339 35.02 4.20 21.26
N TRP A 340 33.78 3.79 21.51
CA TRP A 340 32.73 4.74 21.85
C TRP A 340 32.10 4.40 23.20
N ALA A 341 31.49 5.40 23.82
CA ALA A 341 30.91 5.25 25.15
C ALA A 341 29.45 4.84 25.05
N TRP A 342 29.07 3.82 25.81
CA TRP A 342 27.71 3.27 25.77
C TRP A 342 26.90 3.79 26.96
N GLU A 343 25.73 4.35 26.67
CA GLU A 343 24.79 4.82 27.68
C GLU A 343 23.54 3.95 27.58
N GLU A 344 23.23 3.20 28.63
CA GLU A 344 22.01 2.40 28.59
C GLU A 344 20.80 3.33 28.75
N VAL A 345 19.86 3.24 27.81
CA VAL A 345 18.59 3.93 27.97
C VAL A 345 17.67 3.11 28.86
N LYS A 346 17.55 1.83 28.54
CA LYS A 346 16.70 0.85 29.19
C LYS A 346 17.18 -0.49 28.65
N PRO A 347 16.74 -1.63 29.17
CA PRO A 347 17.28 -2.91 28.69
C PRO A 347 17.15 -3.05 27.17
N GLN A 348 18.24 -3.51 26.55
CA GLN A 348 18.35 -3.75 25.12
C GLN A 348 18.24 -2.47 24.27
N VAL A 349 18.46 -1.30 24.89
CA VAL A 349 18.51 -0.02 24.16
C VAL A 349 19.71 0.77 24.64
N HIS A 350 20.70 1.00 23.76
CA HIS A 350 21.88 1.77 24.13
C HIS A 350 22.10 2.95 23.19
N LYS A 351 22.44 4.11 23.78
CA LYS A 351 23.00 5.23 23.05
C LYS A 351 24.51 5.04 22.99
N ILE A 352 25.06 5.10 21.79
CA ILE A 352 26.49 4.95 21.57
C ILE A 352 27.05 6.30 21.14
N HIS A 353 27.80 6.94 22.05
CA HIS A 353 28.28 8.30 21.86
C HIS A 353 29.59 8.30 21.08
N ARG A 354 29.59 8.95 19.92
CA ARG A 354 30.74 8.92 19.02
C ARG A 354 31.77 9.97 19.39
N THR A 355 31.62 10.60 20.54
CA THR A 355 32.56 11.62 20.97
C THR A 355 33.80 11.06 21.65
N GLY A 356 33.88 9.76 21.89
CA GLY A 356 35.03 9.20 22.59
C GLY A 356 34.60 8.04 23.46
N LYS A 357 35.60 7.38 24.06
CA LYS A 357 35.35 6.17 24.82
C LYS A 357 35.15 6.42 26.31
N ASP A 358 35.80 7.43 26.86
CA ASP A 358 35.88 7.61 28.30
C ASP A 358 34.83 8.64 28.72
N GLY A 359 33.61 8.16 28.94
CA GLY A 359 32.55 9.02 29.38
C GLY A 359 31.87 9.75 28.23
N PHE A 360 30.80 10.46 28.58
CA PHE A 360 30.00 11.12 27.57
C PHE A 360 29.25 12.27 28.22
N ASP A 361 28.99 13.29 27.42
CA ASP A 361 28.07 14.35 27.80
C ASP A 361 26.64 13.81 27.75
N ALA A 362 25.91 13.95 28.85
CA ALA A 362 24.54 13.47 28.88
C ALA A 362 23.67 14.15 27.82
N HIS A 363 23.98 15.39 27.44
CA HIS A 363 23.26 16.08 26.39
C HIS A 363 23.97 16.06 25.04
N ASN A 364 24.99 15.21 24.88
CA ASN A 364 25.64 15.03 23.58
C ASN A 364 24.63 14.68 22.49
N ASP A 365 24.78 15.32 21.33
CA ASP A 365 23.88 15.09 20.20
C ASP A 365 24.41 14.04 19.23
N ASP A 366 25.68 13.64 19.35
CA ASP A 366 26.33 12.80 18.34
C ASP A 366 26.41 11.40 18.90
N TYR A 367 25.28 10.70 18.83
CA TYR A 367 25.15 9.31 19.26
C TYR A 367 24.32 8.54 18.24
N LEU A 368 24.47 7.22 18.27
CA LEU A 368 23.58 6.29 17.58
C LEU A 368 22.77 5.55 18.63
N ILE A 369 21.60 5.05 18.25
CA ILE A 369 20.82 4.17 19.12
C ILE A 369 20.95 2.76 18.58
N LEU A 370 21.53 1.87 19.39
CA LEU A 370 21.68 0.46 19.04
C LEU A 370 20.65 -0.37 19.80
N LEU A 371 19.93 -1.23 19.09
CA LEU A 371 18.94 -2.11 19.70
C LEU A 371 19.51 -3.50 19.93
N ALA A 372 19.22 -4.07 21.11
CA ALA A 372 19.54 -5.46 21.47
C ALA A 372 21.03 -5.78 21.30
N GLU A 373 21.87 -4.76 21.47
CA GLU A 373 23.32 -4.93 21.33
C GLU A 373 23.69 -5.60 20.02
N GLY A 374 22.92 -5.33 18.96
CA GLY A 374 23.14 -5.93 17.66
C GLY A 374 22.64 -7.36 17.50
N ARG A 375 22.06 -7.96 18.55
CA ARG A 375 21.46 -9.29 18.46
C ARG A 375 20.08 -9.20 17.82
N LEU A 376 19.49 -10.35 17.43
CA LEU A 376 18.24 -10.31 16.64
C LEU A 376 17.22 -9.40 17.27
N VAL A 377 16.84 -8.36 16.53
CA VAL A 377 16.10 -7.27 17.16
C VAL A 377 14.64 -7.62 17.42
N ASN A 378 13.99 -8.37 16.51
CA ASN A 378 12.58 -8.69 16.73
C ASN A 378 12.40 -9.50 18.01
N LEU A 379 13.33 -10.43 18.30
CA LEU A 379 13.24 -11.19 19.55
C LEU A 379 13.83 -10.46 20.76
N GLY A 380 14.86 -9.64 20.56
CA GLY A 380 15.48 -8.96 21.70
C GLY A 380 14.65 -7.80 22.24
N ASN A 381 13.98 -7.06 21.36
CA ASN A 381 13.25 -5.87 21.77
C ASN A 381 11.74 -6.04 21.69
N ALA A 382 11.26 -7.17 21.21
CA ALA A 382 9.83 -7.43 21.24
C ALA A 382 9.65 -8.92 21.52
N THR A 383 8.81 -9.63 20.77
CA THR A 383 8.52 -11.01 21.11
C THR A 383 8.71 -11.93 19.90
N GLY A 384 9.48 -11.49 18.88
CA GLY A 384 9.60 -12.26 17.67
C GLY A 384 8.30 -12.40 16.88
N HIS A 385 8.26 -13.46 16.04
CA HIS A 385 7.12 -13.70 15.16
C HIS A 385 5.89 -14.06 15.96
N PRO A 386 4.70 -13.72 15.48
CA PRO A 386 3.49 -14.07 16.21
C PRO A 386 3.15 -15.55 16.06
N SER A 387 2.36 -16.03 17.02
CA SER A 387 1.96 -17.44 17.09
C SER A 387 1.45 -17.98 15.75
N ARG A 388 0.54 -17.24 15.08
CA ARG A 388 -0.08 -17.83 13.89
C ARG A 388 0.92 -18.04 12.75
N ILE A 389 2.01 -17.27 12.72
CA ILE A 389 3.11 -17.50 11.75
C ILE A 389 4.02 -18.63 12.21
N MET A 390 4.41 -18.63 13.51
CA MET A 390 5.28 -19.70 14.01
C MET A 390 4.59 -21.06 13.95
N ASP A 391 3.25 -21.07 13.89
CA ASP A 391 2.48 -22.30 13.68
C ASP A 391 3.03 -23.09 12.50
N GLY A 392 3.26 -22.38 11.37
CA GLY A 392 3.76 -23.06 10.18
C GLY A 392 5.14 -23.65 10.39
N SER A 393 6.07 -22.83 10.91
CA SER A 393 7.44 -23.30 11.18
C SER A 393 7.44 -24.52 12.08
N PHE A 394 6.67 -24.48 13.16
CA PHE A 394 6.79 -25.50 14.20
C PHE A 394 5.99 -26.76 13.86
N ALA A 395 4.92 -26.63 13.06
CA ALA A 395 4.32 -27.83 12.47
C ALA A 395 5.34 -28.57 11.61
N ASN A 396 6.12 -27.83 10.81
CA ASN A 396 7.21 -28.46 10.06
C ASN A 396 8.23 -29.12 11.00
N GLN A 397 8.60 -28.45 12.11
CA GLN A 397 9.56 -29.08 13.04
C GLN A 397 9.03 -30.40 13.57
N VAL A 398 7.75 -30.46 13.93
CA VAL A 398 7.22 -31.70 14.52
C VAL A 398 7.22 -32.83 13.50
N LEU A 399 6.77 -32.54 12.28
CA LEU A 399 6.82 -33.53 11.20
C LEU A 399 8.24 -33.99 10.93
N ALA A 400 9.21 -33.07 10.94
CA ALA A 400 10.60 -33.45 10.67
C ALA A 400 11.16 -34.32 11.79
N GLN A 401 10.86 -33.97 13.04
CA GLN A 401 11.26 -34.82 14.16
C GLN A 401 10.69 -36.22 14.03
N ILE A 402 9.40 -36.33 13.72
CA ILE A 402 8.78 -37.65 13.54
C ILE A 402 9.50 -38.44 12.46
N HIS A 403 9.76 -37.79 11.33
CA HIS A 403 10.34 -38.51 10.21
C HIS A 403 11.73 -39.03 10.54
N LEU A 404 12.60 -38.17 11.08
CA LEU A 404 13.98 -38.62 11.36
C LEU A 404 13.99 -39.62 12.51
N PHE A 405 13.13 -39.41 13.50
CA PHE A 405 13.09 -40.38 14.60
C PHE A 405 12.64 -41.75 14.11
N GLU A 406 11.65 -41.81 13.23
CA GLU A 406 11.16 -43.10 12.73
C GLU A 406 12.17 -43.78 11.80
N GLN A 407 13.03 -43.00 11.14
CA GLN A 407 14.01 -43.61 10.24
C GLN A 407 15.17 -44.26 10.97
N LYS A 408 15.42 -43.89 12.23
CA LYS A 408 16.37 -44.61 13.10
C LYS A 408 17.77 -44.72 12.51
N TYR A 409 18.28 -43.60 11.95
CA TYR A 409 19.64 -43.60 11.39
C TYR A 409 20.70 -44.17 12.34
N ALA A 410 20.62 -43.83 13.64
CA ALA A 410 21.70 -44.23 14.54
C ALA A 410 21.82 -45.74 14.67
N ASP A 411 20.77 -46.48 14.28
CA ASP A 411 20.76 -47.92 14.39
C ASP A 411 21.32 -48.64 13.17
N LEU A 412 21.77 -47.91 12.13
CA LEU A 412 22.20 -48.52 10.88
C LEU A 412 23.67 -48.94 10.95
N PRO A 413 24.04 -50.00 10.22
CA PRO A 413 25.46 -50.31 10.05
C PRO A 413 26.19 -49.17 9.35
N ALA A 414 27.52 -49.14 9.53
CA ALA A 414 28.32 -48.04 9.01
C ALA A 414 28.10 -47.83 7.51
N ALA A 415 28.01 -48.94 6.75
CA ALA A 415 27.85 -48.81 5.30
C ALA A 415 26.53 -48.14 4.94
N GLU A 416 25.49 -48.40 5.73
CA GLU A 416 24.19 -47.83 5.43
C GLU A 416 24.06 -46.38 5.92
N LYS A 417 24.66 -46.05 7.06
CA LYS A 417 24.73 -44.66 7.48
C LYS A 417 25.31 -43.79 6.36
N ALA A 418 26.38 -44.27 5.72
CA ALA A 418 27.05 -43.47 4.69
C ALA A 418 26.11 -43.15 3.53
N LYS A 419 25.20 -44.06 3.20
CA LYS A 419 24.24 -43.84 2.13
C LYS A 419 23.06 -42.97 2.55
N ARG A 420 22.80 -42.84 3.85
CA ARG A 420 21.66 -42.12 4.37
C ARG A 420 22.04 -40.72 4.87
N LEU A 421 23.31 -40.36 4.82
CA LEU A 421 23.77 -39.13 5.45
C LEU A 421 23.56 -37.97 4.50
N SER A 422 22.63 -37.07 4.84
CA SER A 422 22.16 -36.10 3.87
C SER A 422 21.47 -34.98 4.62
N VAL A 423 21.30 -33.83 3.94
CA VAL A 423 20.47 -32.74 4.40
C VAL A 423 19.29 -32.66 3.43
N GLU A 424 18.09 -32.93 3.91
CA GLU A 424 16.91 -32.98 3.05
CA GLU A 424 16.90 -33.00 3.07
C GLU A 424 15.83 -32.02 3.55
N VAL A 425 14.87 -31.75 2.68
CA VAL A 425 13.66 -31.00 3.02
C VAL A 425 12.49 -31.98 3.10
N LEU A 426 11.43 -31.55 3.79
CA LEU A 426 10.20 -32.31 3.84
C LEU A 426 9.55 -32.36 2.45
N PRO A 427 8.80 -33.44 2.14
CA PRO A 427 8.13 -33.52 0.83
C PRO A 427 7.06 -32.43 0.71
N LYS A 428 6.76 -32.07 -0.55
CA LYS A 428 5.80 -31.00 -0.82
C LYS A 428 4.41 -31.31 -0.27
N LYS A 429 3.98 -32.58 -0.31
CA LYS A 429 2.64 -32.92 0.17
C LYS A 429 2.42 -32.50 1.62
N LEU A 430 3.45 -32.69 2.48
CA LEU A 430 3.40 -32.23 3.87
C LEU A 430 3.39 -30.71 3.98
N ASP A 431 4.23 -30.03 3.18
CA ASP A 431 4.25 -28.58 3.11
C ASP A 431 2.85 -28.06 2.75
N GLU A 432 2.19 -28.72 1.78
CA GLU A 432 0.82 -28.33 1.45
C GLU A 432 -0.15 -28.58 2.61
N GLU A 433 0.03 -29.68 3.34
CA GLU A 433 -0.89 -30.01 4.42
C GLU A 433 -0.77 -29.02 5.57
N VAL A 434 0.45 -28.57 5.87
CA VAL A 434 0.64 -27.48 6.85
C VAL A 434 -0.08 -26.24 6.37
N ALA A 435 0.18 -25.85 5.13
CA ALA A 435 -0.46 -24.65 4.56
C ALA A 435 -1.98 -24.72 4.64
N LEU A 436 -2.56 -25.89 4.38
CA LEU A 436 -4.01 -26.00 4.42
C LEU A 436 -4.56 -25.68 5.82
N GLU A 437 -3.90 -26.18 6.87
CA GLU A 437 -4.37 -25.89 8.23
C GLU A 437 -4.22 -24.40 8.54
N MET A 438 -3.10 -23.79 8.12
CA MET A 438 -2.95 -22.33 8.25
C MET A 438 -4.07 -21.57 7.56
N VAL A 439 -4.41 -21.98 6.33
CA VAL A 439 -5.47 -21.25 5.61
C VAL A 439 -6.80 -21.40 6.34
N LYS A 440 -7.11 -22.61 6.80
CA LYS A 440 -8.36 -22.78 7.55
C LYS A 440 -8.39 -21.91 8.82
N GLY A 441 -7.23 -21.67 9.44
CA GLY A 441 -7.19 -20.82 10.63
C GLY A 441 -7.58 -19.38 10.34
N PHE A 442 -7.35 -18.93 9.10
CA PHE A 442 -7.86 -17.62 8.66
C PHE A 442 -9.32 -17.66 8.22
N GLY A 443 -9.95 -18.83 8.23
CA GLY A 443 -11.26 -18.94 7.63
C GLY A 443 -11.26 -19.04 6.13
N GLY A 444 -10.09 -19.21 5.51
CA GLY A 444 -10.03 -19.34 4.06
C GLY A 444 -10.60 -20.67 3.59
N VAL A 445 -11.13 -20.65 2.37
CA VAL A 445 -11.76 -21.82 1.76
C VAL A 445 -11.01 -22.16 0.46
N VAL A 446 -10.28 -23.28 0.48
CA VAL A 446 -9.55 -23.78 -0.68
C VAL A 446 -10.50 -24.54 -1.59
N THR A 447 -10.45 -24.23 -2.87
CA THR A 447 -11.31 -24.85 -3.86
C THR A 447 -10.72 -26.22 -4.21
N GLN A 448 -11.59 -27.19 -4.52
CA GLN A 448 -11.12 -28.51 -4.93
C GLN A 448 -11.28 -28.67 -6.44
N LEU A 449 -10.21 -29.13 -7.09
CA LEU A 449 -10.22 -29.37 -8.52
C LEU A 449 -11.27 -30.41 -8.86
N THR A 450 -11.91 -30.26 -10.02
CA THR A 450 -12.67 -31.37 -10.55
C THR A 450 -11.68 -32.39 -11.12
N PRO A 451 -12.12 -33.61 -11.35
CA PRO A 451 -11.20 -34.58 -11.98
C PRO A 451 -10.69 -34.13 -13.34
N LYS A 452 -11.55 -33.54 -14.16
CA LYS A 452 -11.11 -33.06 -15.47
C LYS A 452 -10.11 -31.91 -15.35
N GLN A 453 -10.29 -31.02 -14.37
CA GLN A 453 -9.33 -29.94 -14.16
C GLN A 453 -8.00 -30.48 -13.67
N ALA A 454 -8.04 -31.45 -12.76
CA ALA A 454 -6.79 -32.05 -12.29
C ALA A 454 -6.04 -32.71 -13.45
N GLU A 455 -6.77 -33.46 -14.28
CA GLU A 455 -6.15 -34.08 -15.45
C GLU A 455 -5.61 -33.04 -16.42
N TYR A 456 -6.34 -31.95 -16.62
CA TYR A 456 -5.91 -30.90 -17.55
C TYR A 456 -4.55 -30.30 -17.17
N ILE A 457 -4.32 -30.04 -15.88
CA ILE A 457 -3.02 -29.49 -15.48
C ILE A 457 -2.05 -30.56 -15.00
N GLY A 458 -2.43 -31.83 -15.00
CA GLY A 458 -1.49 -32.92 -14.70
C GLY A 458 -1.14 -33.10 -13.24
N VAL A 459 -2.10 -32.94 -12.34
CA VAL A 459 -1.90 -33.18 -10.92
C VAL A 459 -3.00 -34.12 -10.41
N SER A 460 -2.75 -34.73 -9.25
CA SER A 460 -3.80 -35.42 -8.50
C SER A 460 -4.72 -34.40 -7.86
N VAL A 461 -6.00 -34.75 -7.74
CA VAL A 461 -6.97 -33.84 -7.11
C VAL A 461 -6.51 -33.47 -5.70
N GLU A 462 -5.82 -34.39 -5.01
CA GLU A 462 -5.38 -34.11 -3.65
C GLU A 462 -4.01 -33.43 -3.59
N GLY A 463 -3.38 -33.15 -4.73
CA GLY A 463 -2.02 -32.64 -4.72
C GLY A 463 -0.97 -33.74 -4.67
N PRO A 464 0.32 -33.36 -4.70
CA PRO A 464 0.85 -31.97 -4.75
C PRO A 464 0.49 -31.27 -6.06
N PHE A 465 0.38 -29.95 -5.94
CA PHE A 465 -0.15 -29.15 -7.02
C PHE A 465 0.93 -28.51 -7.88
N LYS A 466 2.18 -28.58 -7.45
CA LYS A 466 3.29 -27.94 -8.14
C LYS A 466 4.46 -28.91 -8.28
N PRO A 467 5.26 -28.78 -9.33
CA PRO A 467 6.53 -29.53 -9.41
C PRO A 467 7.51 -29.05 -8.34
N ASP A 468 8.49 -29.90 -8.00
CA ASP A 468 9.46 -29.48 -6.98
C ASP A 468 10.29 -28.25 -7.42
N THR A 469 10.34 -27.93 -8.70
CA THR A 469 11.04 -26.74 -9.16
C THR A 469 10.31 -25.43 -8.83
N TYR A 470 9.04 -25.48 -8.43
CA TYR A 470 8.23 -24.26 -8.35
C TYR A 470 8.72 -23.37 -7.23
N ARG A 471 8.73 -22.05 -7.46
CA ARG A 471 9.31 -21.12 -6.49
C ARG A 471 8.28 -20.33 -5.69
N TYR A 472 7.01 -20.38 -6.08
CA TYR A 472 5.97 -19.58 -5.39
C TYR A 472 6.34 -18.10 -5.36
N GLY B 12 13.90 19.35 49.41
CA GLY B 12 12.71 18.91 50.14
C GLY B 12 11.40 19.18 49.42
N PHE B 13 11.33 18.79 48.14
CA PHE B 13 10.10 18.93 47.36
C PHE B 13 9.24 17.70 47.55
N THR B 14 7.96 17.92 47.93
CA THR B 14 7.03 16.83 48.19
C THR B 14 5.68 17.01 47.52
N ASP B 15 5.48 18.09 46.76
CA ASP B 15 4.16 18.49 46.25
C ASP B 15 3.86 17.74 44.95
N TYR B 16 3.71 16.42 45.07
CA TYR B 16 3.46 15.55 43.92
C TYR B 16 3.03 14.17 44.42
N LYS B 17 2.57 13.34 43.49
CA LYS B 17 2.40 11.91 43.78
C LYS B 17 2.54 11.12 42.49
N VAL B 18 3.53 10.25 42.44
CA VAL B 18 3.84 9.40 41.29
C VAL B 18 3.97 7.96 41.78
N ALA B 19 4.11 7.05 40.82
CA ALA B 19 4.26 5.63 41.15
C ALA B 19 5.59 5.33 41.84
N ASP B 20 6.67 5.91 41.35
CA ASP B 20 8.02 5.54 41.81
C ASP B 20 8.97 6.65 41.38
N ILE B 21 9.40 7.47 42.34
CA ILE B 21 10.28 8.58 42.01
C ILE B 21 11.65 8.12 41.50
N THR B 22 12.06 6.88 41.81
CA THR B 22 13.35 6.38 41.35
C THR B 22 13.37 6.11 39.85
N LEU B 23 12.24 6.23 39.16
CA LEU B 23 12.20 6.12 37.71
C LEU B 23 12.59 7.41 37.01
N ALA B 24 12.98 8.44 37.77
CA ALA B 24 13.17 9.76 37.20
C ALA B 24 14.36 9.79 36.23
N ALA B 25 15.47 9.11 36.57
CA ALA B 25 16.64 9.15 35.70
C ALA B 25 16.35 8.50 34.36
N TRP B 26 15.61 7.39 34.37
CA TRP B 26 15.15 6.80 33.13
C TRP B 26 14.31 7.79 32.34
N GLY B 27 13.34 8.42 33.00
CA GLY B 27 12.49 9.38 32.30
C GLY B 27 13.30 10.51 31.69
N ARG B 28 14.28 11.03 32.44
CA ARG B 28 15.14 12.10 31.92
C ARG B 28 15.87 11.66 30.66
N ARG B 29 16.40 10.43 30.65
CA ARG B 29 17.00 9.91 29.42
C ARG B 29 16.02 9.92 28.26
N GLU B 30 14.78 9.47 28.48
CA GLU B 30 13.85 9.45 27.37
C GLU B 30 13.38 10.85 27.02
N LEU B 31 13.33 11.76 28.00
CA LEU B 31 13.02 13.15 27.67
C LEU B 31 14.09 13.76 26.78
N ILE B 32 15.37 13.48 27.09
CA ILE B 32 16.45 14.03 26.29
C ILE B 32 16.35 13.52 24.84
N ILE B 33 15.97 12.26 24.65
CA ILE B 33 15.80 11.71 23.31
C ILE B 33 14.59 12.35 22.62
N ALA B 34 13.46 12.43 23.34
CA ALA B 34 12.25 13.00 22.76
C ALA B 34 12.44 14.46 22.35
N GLU B 35 13.26 15.23 23.08
CA GLU B 35 13.48 16.61 22.66
C GLU B 35 14.08 16.65 21.25
N SER B 36 14.96 15.72 20.96
CA SER B 36 15.52 15.68 19.62
C SER B 36 14.51 15.27 18.57
N GLU B 37 13.36 14.72 18.99
CA GLU B 37 12.30 14.35 18.06
C GLU B 37 11.22 15.42 17.95
N MET B 38 11.34 16.57 18.64
CA MET B 38 10.28 17.57 18.73
C MET B 38 10.81 18.95 18.35
N PRO B 39 11.19 19.14 17.08
CA PRO B 39 11.85 20.41 16.72
C PRO B 39 10.94 21.62 16.78
N ALA B 40 9.64 21.48 16.47
CA ALA B 40 8.76 22.64 16.57
C ALA B 40 8.66 23.11 18.02
N LEU B 41 8.47 22.17 18.94
CA LEU B 41 8.37 22.54 20.35
C LEU B 41 9.69 23.10 20.89
N MET B 42 10.82 22.46 20.59
CA MET B 42 12.09 23.03 21.03
C MET B 42 12.40 24.33 20.33
N GLY B 43 11.94 24.51 19.10
CA GLY B 43 12.06 25.78 18.43
C GLY B 43 11.36 26.91 19.18
N LEU B 44 10.22 26.62 19.81
CA LEU B 44 9.49 27.64 20.56
C LEU B 44 10.27 28.05 21.81
N ARG B 45 10.97 27.10 22.44
CA ARG B 45 11.83 27.47 23.57
C ARG B 45 12.86 28.52 23.14
N ARG B 46 13.50 28.33 22.00
CA ARG B 46 14.52 29.27 21.58
C ARG B 46 13.91 30.59 21.11
N LYS B 47 12.77 30.53 20.42
CA LYS B 47 12.20 31.75 19.87
C LYS B 47 11.64 32.67 20.94
N TYR B 48 11.10 32.10 22.04
CA TYR B 48 10.42 32.88 23.06
C TYR B 48 11.16 32.94 24.40
N ALA B 49 12.28 32.22 24.56
CA ALA B 49 12.98 32.22 25.85
C ALA B 49 13.32 33.64 26.31
N GLY B 50 13.96 34.41 25.44
CA GLY B 50 14.35 35.77 25.82
C GLY B 50 13.18 36.60 26.31
N GLN B 51 12.02 36.44 25.69
CA GLN B 51 10.87 37.31 25.97
C GLN B 51 10.00 36.85 27.14
N GLN B 52 10.10 35.58 27.54
CA GLN B 52 9.32 35.03 28.64
C GLN B 52 7.81 35.33 28.53
N PRO B 53 7.15 34.82 27.48
CA PRO B 53 5.74 35.23 27.25
C PRO B 53 4.77 34.70 28.30
N LEU B 54 5.13 33.64 29.02
CA LEU B 54 4.26 33.06 30.04
C LEU B 54 4.69 33.41 31.45
N LYS B 55 5.53 34.43 31.62
CA LYS B 55 5.89 34.92 32.95
C LYS B 55 4.64 35.37 33.68
N GLY B 56 4.37 34.75 34.82
CA GLY B 56 3.15 35.02 35.57
C GLY B 56 2.00 34.10 35.25
N ALA B 57 2.11 33.27 34.22
CA ALA B 57 1.07 32.27 33.97
C ALA B 57 1.11 31.18 35.03
N LYS B 58 -0.07 30.79 35.51
CA LYS B 58 -0.20 29.67 36.42
C LYS B 58 -1.20 28.71 35.76
N ILE B 59 -0.68 27.62 35.20
CA ILE B 59 -1.44 26.76 34.30
C ILE B 59 -1.86 25.48 35.02
N LEU B 60 -3.17 25.25 35.10
CA LEU B 60 -3.71 23.94 35.42
C LEU B 60 -3.69 23.08 34.17
N GLY B 61 -2.94 21.98 34.20
CA GLY B 61 -2.86 21.12 33.03
C GLY B 61 -3.37 19.71 33.29
N CYS B 62 -4.23 19.19 32.42
CA CYS B 62 -4.74 17.83 32.55
C CYS B 62 -4.64 17.09 31.22
N ILE B 63 -3.60 16.28 31.05
CA ILE B 63 -3.41 15.52 29.81
C ILE B 63 -2.44 14.39 30.09
N HIS B 64 -2.66 13.24 29.42
CA HIS B 64 -1.86 12.02 29.53
C HIS B 64 -0.39 12.29 29.89
N MET B 65 0.08 11.79 31.03
CA MET B 65 1.39 12.16 31.56
C MET B 65 2.46 11.24 30.92
N THR B 66 2.66 11.45 29.62
CA THR B 66 3.62 10.73 28.82
C THR B 66 4.95 11.46 28.76
N ILE B 67 5.94 10.82 28.15
CA ILE B 67 7.19 11.51 27.86
C ILE B 67 6.94 12.76 27.02
N GLN B 68 6.01 12.69 26.06
CA GLN B 68 5.81 13.82 25.18
C GLN B 68 5.20 14.99 25.95
N THR B 69 4.25 14.69 26.85
CA THR B 69 3.71 15.71 27.73
C THR B 69 4.78 16.33 28.62
N GLY B 70 5.78 15.54 29.02
CA GLY B 70 6.87 16.12 29.79
C GLY B 70 7.61 17.21 29.03
N VAL B 71 7.83 17.00 27.73
CA VAL B 71 8.49 18.03 26.92
C VAL B 71 7.60 19.27 26.81
N LEU B 72 6.29 19.07 26.62
CA LEU B 72 5.34 20.18 26.64
C LEU B 72 5.41 20.94 27.96
N ILE B 73 5.27 20.25 29.09
CA ILE B 73 5.38 20.87 30.41
C ILE B 73 6.65 21.70 30.50
N GLU B 74 7.81 21.10 30.19
CA GLU B 74 9.03 21.85 30.43
C GLU B 74 9.21 23.00 29.43
N THR B 75 8.53 22.96 28.28
CA THR B 75 8.55 24.12 27.38
C THR B 75 7.78 25.28 27.99
N LEU B 76 6.58 25.01 28.51
CA LEU B 76 5.80 26.02 29.20
C LEU B 76 6.58 26.66 30.35
N VAL B 77 7.26 25.84 31.16
CA VAL B 77 8.05 26.39 32.28
C VAL B 77 9.21 27.23 31.76
N ALA B 78 9.88 26.79 30.69
CA ALA B 78 11.01 27.55 30.15
C ALA B 78 10.60 28.92 29.63
N LEU B 79 9.33 29.08 29.24
CA LEU B 79 8.81 30.35 28.74
C LEU B 79 8.22 31.20 29.86
N GLY B 80 8.31 30.76 31.11
CA GLY B 80 7.94 31.56 32.25
C GLY B 80 6.78 31.05 33.09
N ALA B 81 6.16 29.91 32.79
CA ALA B 81 4.95 29.48 33.49
C ALA B 81 5.27 28.63 34.72
N GLU B 82 4.39 28.68 35.72
CA GLU B 82 4.28 27.64 36.74
C GLU B 82 3.10 26.77 36.38
N VAL B 83 3.14 25.49 36.77
CA VAL B 83 2.11 24.54 36.38
C VAL B 83 1.84 23.57 37.52
N ARG B 84 0.64 22.98 37.48
CA ARG B 84 0.25 21.86 38.33
C ARG B 84 -0.52 20.88 37.45
N TRP B 85 -0.07 19.61 37.42
CA TRP B 85 -0.38 18.69 36.33
C TRP B 85 -1.00 17.38 36.80
N SER B 86 -1.91 16.86 35.98
CA SER B 86 -2.47 15.51 36.15
C SER B 86 -2.75 14.93 34.78
N SER B 87 -2.97 13.62 34.75
CA SER B 87 -3.31 12.93 33.50
C SER B 87 -4.82 12.92 33.30
N CYS B 88 -5.24 12.92 32.05
CA CYS B 88 -6.66 12.84 31.72
C CYS B 88 -7.13 11.40 31.46
N ASN B 89 -6.34 10.39 31.83
CA ASN B 89 -6.78 9.01 31.73
C ASN B 89 -6.03 8.15 32.75
N ILE B 90 -6.73 7.16 33.32
CA ILE B 90 -6.18 6.37 34.42
C ILE B 90 -5.04 5.43 33.99
N PHE B 91 -4.94 5.12 32.69
CA PHE B 91 -3.96 4.18 32.16
C PHE B 91 -2.90 4.81 31.25
N SER B 92 -3.02 6.09 30.91
CA SER B 92 -2.14 6.68 29.91
C SER B 92 -0.78 7.13 30.43
N THR B 93 -0.61 7.28 31.76
CA THR B 93 0.65 7.80 32.28
C THR B 93 1.79 6.84 31.99
N GLN B 94 2.94 7.39 31.57
CA GLN B 94 4.21 6.68 31.62
C GLN B 94 4.88 7.01 32.94
N ASP B 95 5.02 6.02 33.82
CA ASP B 95 5.48 6.30 35.17
C ASP B 95 6.87 6.93 35.21
N GLN B 96 7.76 6.58 34.26
CA GLN B 96 9.06 7.23 34.24
C GLN B 96 8.94 8.71 33.87
N ALA B 97 7.94 9.07 33.07
CA ALA B 97 7.78 10.47 32.73
C ALA B 97 7.27 11.27 33.92
N ALA B 98 6.28 10.74 34.63
CA ALA B 98 5.78 11.42 35.83
C ALA B 98 6.89 11.57 36.85
N ALA B 99 7.77 10.58 36.97
CA ALA B 99 8.88 10.67 37.91
C ALA B 99 9.87 11.77 37.50
N ALA B 100 10.23 11.84 36.22
CA ALA B 100 11.18 12.87 35.79
C ALA B 100 10.66 14.27 36.06
N ILE B 101 9.35 14.47 35.88
CA ILE B 101 8.74 15.78 36.11
C ILE B 101 8.73 16.11 37.60
N ALA B 102 8.33 15.16 38.44
CA ALA B 102 8.38 15.39 39.89
C ALA B 102 9.79 15.74 40.32
N ALA B 103 10.80 15.07 39.76
CA ALA B 103 12.17 15.29 40.20
C ALA B 103 12.71 16.64 39.77
N ALA B 104 12.10 17.27 38.77
CA ALA B 104 12.43 18.63 38.39
C ALA B 104 11.69 19.68 39.23
N GLY B 105 10.96 19.27 40.26
CA GLY B 105 10.29 20.22 41.14
C GLY B 105 8.98 20.75 40.61
N ILE B 106 8.26 19.95 39.82
CA ILE B 106 7.03 20.35 39.17
C ILE B 106 5.90 19.52 39.76
N PRO B 107 4.86 20.15 40.32
CA PRO B 107 3.74 19.37 40.89
C PRO B 107 3.01 18.51 39.86
N VAL B 108 3.10 17.19 40.00
CA VAL B 108 2.43 16.25 39.10
C VAL B 108 1.82 15.13 39.92
N PHE B 109 0.60 14.73 39.57
CA PHE B 109 -0.19 13.74 40.30
C PHE B 109 -0.74 12.76 39.28
N ALA B 110 -0.04 11.65 39.09
CA ALA B 110 -0.38 10.75 37.98
C ALA B 110 0.46 9.49 38.05
N TRP B 111 -0.18 8.36 37.76
CA TRP B 111 0.49 7.07 37.61
C TRP B 111 -0.38 6.19 36.73
N LYS B 112 0.24 5.16 36.16
CA LYS B 112 -0.46 4.22 35.30
C LYS B 112 -1.27 3.25 36.14
N GLY B 113 -2.56 3.09 35.82
CA GLY B 113 -3.44 2.23 36.59
C GLY B 113 -4.08 2.88 37.81
N GLU B 114 -4.53 4.11 37.67
CA GLU B 114 -5.30 4.75 38.73
C GLU B 114 -6.69 4.14 38.82
N THR B 115 -7.31 4.24 39.99
CA THR B 115 -8.74 4.00 40.09
C THR B 115 -9.49 5.28 39.71
N GLU B 116 -10.81 5.15 39.51
CA GLU B 116 -11.62 6.35 39.27
C GLU B 116 -11.49 7.33 40.42
N GLU B 117 -11.39 6.83 41.64
CA GLU B 117 -11.28 7.71 42.81
C GLU B 117 -9.94 8.44 42.80
N GLU B 118 -8.86 7.71 42.53
CA GLU B 118 -7.54 8.33 42.42
C GLU B 118 -7.48 9.33 41.27
N TYR B 119 -8.16 9.02 40.15
CA TYR B 119 -8.21 9.96 39.02
C TYR B 119 -8.77 11.31 39.45
N GLU B 120 -9.95 11.30 40.10
CA GLU B 120 -10.57 12.55 40.52
C GLU B 120 -9.71 13.24 41.55
N TRP B 121 -9.10 12.47 42.44
CA TRP B 121 -8.25 13.05 43.47
C TRP B 121 -7.03 13.73 42.85
N CYS B 122 -6.46 13.13 41.80
CA CYS B 122 -5.29 13.70 41.17
C CYS B 122 -5.60 15.07 40.56
N ILE B 123 -6.77 15.21 39.92
CA ILE B 123 -7.13 16.51 39.36
C ILE B 123 -7.27 17.52 40.49
N GLU B 124 -7.81 17.08 41.63
CA GLU B 124 -8.06 17.98 42.75
C GLU B 124 -6.75 18.55 43.29
N GLN B 125 -5.69 17.75 43.30
CA GLN B 125 -4.41 18.22 43.78
C GLN B 125 -3.77 19.27 42.88
N THR B 126 -4.11 19.28 41.58
CA THR B 126 -3.71 20.41 40.76
C THR B 126 -4.51 21.67 41.11
N ILE B 127 -5.80 21.50 41.41
CA ILE B 127 -6.67 22.65 41.68
C ILE B 127 -6.36 23.26 43.03
N LEU B 128 -5.99 22.44 44.02
CA LEU B 128 -5.77 22.87 45.39
C LEU B 128 -4.28 22.84 45.70
N LYS B 129 -3.73 23.97 46.11
CA LYS B 129 -2.40 24.03 46.69
C LYS B 129 -2.53 24.43 48.15
N ASP B 130 -2.12 23.53 49.06
CA ASP B 130 -2.24 23.74 50.49
C ASP B 130 -3.70 23.93 50.89
N GLY B 131 -4.55 23.01 50.44
CA GLY B 131 -5.94 23.01 50.83
C GLY B 131 -6.77 24.16 50.29
N GLN B 132 -6.18 25.10 49.57
CA GLN B 132 -6.91 26.24 49.04
C GLN B 132 -6.77 26.28 47.52
N PRO B 133 -7.75 26.86 46.82
CA PRO B 133 -7.61 27.01 45.36
C PRO B 133 -6.33 27.77 45.00
N TRP B 134 -5.53 27.15 44.14
CA TRP B 134 -4.37 27.81 43.58
C TRP B 134 -4.81 29.03 42.77
N ASP B 135 -3.93 30.03 42.69
CA ASP B 135 -4.21 31.23 41.92
C ASP B 135 -3.88 31.00 40.43
N ALA B 136 -4.59 30.03 39.86
CA ALA B 136 -4.40 29.70 38.46
C ALA B 136 -5.05 30.77 37.57
N ASN B 137 -4.42 31.03 36.44
CA ASN B 137 -4.96 31.98 35.48
C ASN B 137 -5.01 31.41 34.06
N MET B 138 -4.73 30.11 33.89
CA MET B 138 -4.73 29.46 32.60
C MET B 138 -5.06 27.98 32.78
N VAL B 139 -5.70 27.39 31.77
CA VAL B 139 -6.10 25.97 31.80
C VAL B 139 -5.66 25.32 30.51
N LEU B 140 -5.05 24.12 30.61
CA LEU B 140 -4.74 23.24 29.48
C LEU B 140 -5.40 21.89 29.72
N ASP B 141 -6.31 21.48 28.83
CA ASP B 141 -7.14 20.31 29.07
C ASP B 141 -7.14 19.38 27.86
N ASP B 142 -7.44 18.12 28.13
CA ASP B 142 -7.52 17.09 27.10
C ASP B 142 -8.74 16.25 27.46
N GLY B 143 -9.87 16.57 26.84
CA GLY B 143 -11.09 15.82 27.03
C GLY B 143 -12.17 16.58 27.78
N GLY B 144 -11.81 17.66 28.48
CA GLY B 144 -12.76 18.52 29.16
C GLY B 144 -13.06 18.19 30.62
N ASP B 145 -12.41 17.19 31.22
CA ASP B 145 -12.76 16.83 32.60
C ASP B 145 -12.35 17.91 33.59
N LEU B 146 -11.15 18.48 33.44
CA LEU B 146 -10.74 19.60 34.29
C LEU B 146 -11.62 20.82 34.06
N THR B 147 -11.96 21.10 32.80
CA THR B 147 -12.80 22.25 32.48
C THR B 147 -14.15 22.13 33.16
N GLU B 148 -14.76 20.95 33.09
CA GLU B 148 -16.07 20.74 33.69
C GLU B 148 -16.01 20.87 35.21
N ILE B 149 -14.98 20.29 35.83
CA ILE B 149 -14.85 20.38 37.28
C ILE B 149 -14.75 21.83 37.74
N LEU B 150 -14.04 22.68 36.98
CA LEU B 150 -13.91 24.07 37.40
C LEU B 150 -15.22 24.85 37.18
N HIS B 151 -15.91 24.61 36.07
CA HIS B 151 -17.17 25.32 35.86
C HIS B 151 -18.21 24.93 36.89
N LYS B 152 -18.22 23.67 37.30
CA LYS B 152 -19.26 23.18 38.18
C LYS B 152 -18.88 23.25 39.66
N LYS B 153 -17.63 22.96 40.00
CA LYS B 153 -17.28 22.85 41.41
C LYS B 153 -16.45 24.01 41.97
N TYR B 154 -15.70 24.74 41.15
CA TYR B 154 -14.97 25.93 41.61
C TYR B 154 -15.18 27.10 40.67
N PRO B 155 -16.42 27.54 40.46
CA PRO B 155 -16.67 28.62 39.50
C PRO B 155 -15.93 29.92 39.81
N GLN B 156 -15.56 30.17 41.07
CA GLN B 156 -14.88 31.43 41.39
C GLN B 156 -13.49 31.50 40.78
N MET B 157 -12.85 30.35 40.52
CA MET B 157 -11.52 30.41 39.95
C MET B 157 -11.54 30.86 38.50
N LEU B 158 -12.67 30.71 37.80
CA LEU B 158 -12.75 31.16 36.43
C LEU B 158 -12.77 32.69 36.31
N GLU B 159 -13.11 33.41 37.38
CA GLU B 159 -12.98 34.85 37.34
C GLU B 159 -11.53 35.30 37.20
N ARG B 160 -10.57 34.43 37.54
CA ARG B 160 -9.14 34.71 37.44
C ARG B 160 -8.47 34.11 36.21
N ILE B 161 -9.17 33.28 35.43
CA ILE B 161 -8.56 32.50 34.38
C ILE B 161 -8.78 33.20 33.04
N HIS B 162 -7.72 33.33 32.25
CA HIS B 162 -7.81 34.05 30.98
C HIS B 162 -8.32 33.16 29.84
N GLY B 163 -8.25 31.84 29.99
CA GLY B 163 -8.64 30.98 28.88
C GLY B 163 -8.31 29.52 29.14
N ILE B 164 -8.84 28.68 28.23
CA ILE B 164 -8.62 27.24 28.19
C ILE B 164 -8.08 26.87 26.82
N THR B 165 -7.06 26.03 26.77
CA THR B 165 -6.59 25.48 25.50
C THR B 165 -6.89 23.98 25.51
N GLU B 166 -7.84 23.56 24.67
CA GLU B 166 -8.39 22.21 24.72
C GLU B 166 -7.82 21.36 23.58
N GLU B 167 -7.35 20.16 23.93
CA GLU B 167 -6.52 19.34 23.05
C GLU B 167 -7.34 18.55 22.03
N THR B 168 -8.51 18.02 22.39
CA THR B 168 -9.09 16.94 21.58
C THR B 168 -10.58 17.17 21.27
N THR B 169 -11.04 16.44 20.25
CA THR B 169 -12.36 16.66 19.66
C THR B 169 -13.47 16.58 20.69
N THR B 170 -13.45 15.54 21.54
CA THR B 170 -14.48 15.40 22.58
C THR B 170 -14.50 16.62 23.49
N GLY B 171 -13.34 17.10 23.90
CA GLY B 171 -13.30 18.27 24.75
C GLY B 171 -13.86 19.51 24.06
N VAL B 172 -13.54 19.68 22.77
CA VAL B 172 -14.06 20.83 22.03
C VAL B 172 -15.59 20.75 21.96
N HIS B 173 -16.13 19.55 21.72
CA HIS B 173 -17.57 19.42 21.68
C HIS B 173 -18.19 19.91 22.98
N ARG B 174 -17.57 19.55 24.10
CA ARG B 174 -18.11 19.96 25.40
C ARG B 174 -18.02 21.47 25.60
N LEU B 175 -16.98 22.11 25.07
CA LEU B 175 -16.91 23.57 25.16
C LEU B 175 -18.00 24.23 24.34
N LEU B 176 -18.22 23.74 23.12
CA LEU B 176 -19.19 24.33 22.21
C LEU B 176 -20.61 24.16 22.74
N ASP B 177 -20.88 23.06 23.43
CA ASP B 177 -22.17 22.96 24.12
C ASP B 177 -22.36 24.14 25.07
N MET B 178 -21.29 24.58 25.72
CA MET B 178 -21.47 25.63 26.72
C MET B 178 -21.58 27.01 26.07
N LEU B 179 -20.73 27.29 25.07
CA LEU B 179 -20.88 28.50 24.26
C LEU B 179 -22.29 28.59 23.68
N LYS B 180 -22.84 27.46 23.23
CA LYS B 180 -24.23 27.45 22.76
C LYS B 180 -25.18 27.80 23.90
N ASN B 181 -25.00 27.16 25.07
CA ASN B 181 -25.88 27.36 26.21
C ASN B 181 -25.55 28.63 27.01
N GLY B 182 -24.49 29.33 26.65
CA GLY B 182 -24.12 30.54 27.37
C GLY B 182 -23.58 30.27 28.75
N THR B 183 -22.95 29.12 28.97
CA THR B 183 -22.46 28.69 30.27
C THR B 183 -20.95 28.61 30.33
N LEU B 184 -20.27 28.93 29.23
CA LEU B 184 -18.82 29.00 29.19
C LEU B 184 -18.37 30.31 29.81
N LYS B 185 -17.44 30.23 30.77
CA LYS B 185 -17.01 31.42 31.52
C LYS B 185 -15.76 32.09 30.97
N VAL B 186 -14.87 31.36 30.30
CA VAL B 186 -13.64 31.95 29.74
C VAL B 186 -13.51 31.52 28.29
N PRO B 187 -12.77 32.27 27.49
CA PRO B 187 -12.61 31.88 26.09
C PRO B 187 -11.73 30.64 25.99
N ALA B 188 -11.82 29.97 24.85
CA ALA B 188 -11.05 28.77 24.62
C ALA B 188 -10.40 28.82 23.24
N ILE B 189 -9.26 28.14 23.13
CA ILE B 189 -8.66 27.81 21.85
C ILE B 189 -8.93 26.34 21.58
N ASN B 190 -9.54 26.07 20.45
CA ASN B 190 -9.71 24.72 19.91
C ASN B 190 -8.36 24.37 19.29
N VAL B 191 -7.50 23.74 20.09
CA VAL B 191 -6.19 23.29 19.57
C VAL B 191 -6.38 22.13 18.61
N ASN B 192 -7.42 21.31 18.83
CA ASN B 192 -7.61 20.13 18.01
C ASN B 192 -7.66 20.47 16.52
N ASP B 193 -8.30 21.59 16.16
CA ASP B 193 -8.62 21.81 14.77
C ASP B 193 -7.52 22.54 13.98
N SER B 194 -6.35 22.77 14.57
CA SER B 194 -5.20 23.08 13.72
C SER B 194 -4.95 21.90 12.79
N VAL B 195 -4.55 22.18 11.55
CA VAL B 195 -4.23 21.06 10.65
C VAL B 195 -3.04 20.28 11.19
N THR B 196 -2.09 20.99 11.80
CA THR B 196 -0.92 20.30 12.36
C THR B 196 -1.26 19.60 13.67
N LYS B 197 -2.52 19.64 14.12
CA LYS B 197 -3.02 18.76 15.16
C LYS B 197 -3.97 17.72 14.56
N SER B 198 -5.18 18.12 14.18
CA SER B 198 -6.22 17.19 13.72
C SER B 198 -5.73 16.23 12.63
N LYS B 199 -5.10 16.75 11.57
CA LYS B 199 -4.69 15.91 10.45
CA LYS B 199 -4.68 15.93 10.45
C LYS B 199 -3.28 15.39 10.60
N ASN B 200 -2.75 15.36 11.82
CA ASN B 200 -1.41 14.90 12.12
C ASN B 200 -1.51 13.92 13.29
N ASP B 201 -1.84 14.46 14.45
CA ASP B 201 -2.10 13.68 15.65
C ASP B 201 -3.27 12.72 15.48
N ASN B 202 -4.47 13.24 15.19
CA ASN B 202 -5.63 12.33 15.26
C ASN B 202 -5.55 11.24 14.21
N LYS B 203 -4.95 11.51 13.05
CA LYS B 203 -4.88 10.55 11.95
C LYS B 203 -3.56 9.78 11.98
N TYR B 204 -2.42 10.43 11.73
CA TYR B 204 -1.16 9.68 11.64
C TYR B 204 -0.74 9.14 13.00
N GLY B 205 -1.16 9.82 14.08
CA GLY B 205 -0.84 9.32 15.41
C GLY B 205 -1.47 7.96 15.68
N CYS B 206 -2.75 7.82 15.34
CA CYS B 206 -3.41 6.53 15.53
C CYS B 206 -2.90 5.51 14.53
N ARG B 207 -2.53 5.95 13.33
CA ARG B 207 -1.88 5.03 12.38
C ARG B 207 -0.67 4.35 13.01
N HIS B 208 0.16 5.12 13.70
CA HIS B 208 1.36 4.60 14.34
C HIS B 208 1.02 3.73 15.54
N SER B 209 0.09 4.19 16.39
CA SER B 209 -0.01 3.63 17.73
C SER B 209 -1.13 2.61 17.93
N LEU B 210 -2.11 2.48 17.01
CA LEU B 210 -3.13 1.46 17.21
C LEU B 210 -2.54 0.05 17.04
N ASN B 211 -1.96 -0.26 15.87
CA ASN B 211 -1.40 -1.61 15.72
CA ASN B 211 -1.38 -1.60 15.71
C ASN B 211 -0.27 -1.84 16.73
N ASP B 212 0.41 -0.77 17.16
CA ASP B 212 1.42 -0.86 18.22
C ASP B 212 0.83 -1.42 19.52
N ALA B 213 -0.29 -0.83 19.97
CA ALA B 213 -0.92 -1.28 21.22
C ALA B 213 -1.49 -2.70 21.09
N ILE B 214 -2.06 -3.03 19.92
CA ILE B 214 -2.62 -4.36 19.73
C ILE B 214 -1.51 -5.43 19.78
N LYS B 215 -0.36 -5.15 19.15
CA LYS B 215 0.77 -6.09 19.24
C LYS B 215 1.24 -6.24 20.67
N ARG B 216 1.46 -5.11 21.37
CA ARG B 216 1.96 -5.22 22.73
C ARG B 216 0.97 -5.97 23.61
N GLY B 217 -0.32 -5.74 23.42
CA GLY B 217 -1.30 -6.38 24.27
C GLY B 217 -1.59 -7.85 23.98
N THR B 218 -1.56 -8.26 22.71
CA THR B 218 -1.96 -9.60 22.33
C THR B 218 -0.89 -10.39 21.60
N ASP B 219 0.08 -9.70 20.98
CA ASP B 219 1.05 -10.29 20.05
C ASP B 219 0.36 -11.11 18.95
N HIS B 220 -0.86 -10.73 18.57
CA HIS B 220 -1.58 -11.45 17.52
C HIS B 220 -1.08 -11.03 16.15
N LEU B 221 -0.95 -12.02 15.26
CA LEU B 221 -0.85 -11.72 13.83
C LEU B 221 -2.09 -10.95 13.39
N LEU B 222 -1.89 -9.85 12.67
CA LEU B 222 -3.00 -9.09 12.11
C LEU B 222 -3.23 -9.38 10.62
N SER B 223 -2.16 -9.65 9.87
CA SER B 223 -2.24 -9.95 8.46
C SER B 223 -3.22 -11.10 8.21
N GLY B 224 -4.09 -10.93 7.21
CA GLY B 224 -5.04 -11.97 6.84
C GLY B 224 -6.32 -12.01 7.67
N LYS B 225 -6.42 -11.24 8.76
CA LYS B 225 -7.59 -11.35 9.63
C LYS B 225 -8.55 -10.19 9.36
N GLN B 226 -9.77 -10.32 9.91
CA GLN B 226 -10.88 -9.41 9.62
CA GLN B 226 -10.87 -9.40 9.61
C GLN B 226 -11.04 -8.39 10.73
N ALA B 227 -11.08 -7.10 10.38
CA ALA B 227 -11.29 -6.04 11.33
C ALA B 227 -12.53 -5.25 10.95
N LEU B 228 -13.20 -4.75 11.97
CA LEU B 228 -14.28 -3.79 11.81
C LEU B 228 -13.91 -2.51 12.57
N VAL B 229 -13.79 -1.41 11.86
CA VAL B 229 -13.52 -0.11 12.47
C VAL B 229 -14.83 0.68 12.50
N ILE B 230 -15.28 1.05 13.70
CA ILE B 230 -16.47 1.88 13.84
C ILE B 230 -16.03 3.34 13.78
N GLY B 231 -16.39 4.02 12.70
CA GLY B 231 -16.09 5.44 12.59
C GLY B 231 -14.99 5.67 11.54
N TYR B 232 -15.07 6.81 10.85
CA TYR B 232 -14.10 7.11 9.80
C TYR B 232 -13.89 8.63 9.74
N GLY B 233 -13.83 9.29 10.91
CA GLY B 233 -13.27 10.63 11.01
C GLY B 233 -11.75 10.55 11.02
N ASP B 234 -11.10 11.51 11.68
CA ASP B 234 -9.64 11.52 11.62
C ASP B 234 -9.06 10.29 12.31
N VAL B 235 -9.57 9.93 13.49
CA VAL B 235 -9.06 8.77 14.21
C VAL B 235 -9.43 7.48 13.49
N GLY B 236 -10.65 7.39 12.93
CA GLY B 236 -11.00 6.17 12.21
C GLY B 236 -10.25 6.01 10.89
N LYS B 237 -9.93 7.12 10.22
CA LYS B 237 -9.07 7.08 9.04
C LYS B 237 -7.69 6.49 9.40
N GLY B 238 -7.03 7.07 10.40
CA GLY B 238 -5.72 6.61 10.81
C GLY B 238 -5.73 5.20 11.37
N SER B 239 -6.80 4.86 12.10
CA SER B 239 -6.96 3.51 12.66
C SER B 239 -7.11 2.47 11.56
N SER B 240 -7.96 2.77 10.59
CA SER B 240 -8.15 1.85 9.47
C SER B 240 -6.85 1.64 8.72
N GLN B 241 -6.07 2.70 8.54
CA GLN B 241 -4.78 2.56 7.87
C GLN B 241 -3.81 1.74 8.71
N SER B 242 -3.82 1.97 10.04
CA SER B 242 -2.95 1.19 10.94
C SER B 242 -3.12 -0.30 10.70
N LEU B 243 -4.37 -0.71 10.51
CA LEU B 243 -4.71 -2.12 10.36
C LEU B 243 -4.51 -2.59 8.92
N ARG B 244 -4.95 -1.80 7.94
CA ARG B 244 -4.81 -2.24 6.56
C ARG B 244 -3.35 -2.39 6.15
N GLN B 245 -2.48 -1.49 6.63
CA GLN B 245 -1.08 -1.57 6.24
C GLN B 245 -0.41 -2.81 6.80
N GLU B 246 -0.99 -3.42 7.84
CA GLU B 246 -0.53 -4.69 8.38
C GLU B 246 -1.08 -5.89 7.64
N GLY B 247 -1.99 -5.67 6.67
CA GLY B 247 -2.60 -6.77 5.93
C GLY B 247 -3.94 -7.24 6.47
N MET B 248 -4.56 -6.50 7.38
CA MET B 248 -5.93 -6.87 7.73
C MET B 248 -6.87 -6.53 6.60
N ILE B 249 -7.93 -7.33 6.51
CA ILE B 249 -9.09 -7.01 5.70
C ILE B 249 -10.02 -6.15 6.54
N VAL B 250 -10.08 -4.86 6.24
CA VAL B 250 -10.73 -3.88 7.10
C VAL B 250 -12.08 -3.49 6.50
N LYS B 251 -13.12 -3.57 7.33
CA LYS B 251 -14.44 -3.03 7.04
C LYS B 251 -14.70 -1.81 7.94
N VAL B 252 -15.49 -0.86 7.43
CA VAL B 252 -15.66 0.43 8.10
C VAL B 252 -17.15 0.68 8.28
N ALA B 253 -17.56 1.08 9.49
CA ALA B 253 -18.92 1.56 9.71
C ALA B 253 -18.92 3.07 9.86
N GLU B 254 -19.97 3.72 9.36
CA GLU B 254 -20.07 5.17 9.56
C GLU B 254 -21.53 5.54 9.61
N VAL B 255 -21.83 6.64 10.33
CA VAL B 255 -23.12 7.29 10.20
C VAL B 255 -23.06 8.49 9.27
N ASP B 256 -21.86 9.01 8.96
CA ASP B 256 -21.73 10.19 8.12
C ASP B 256 -21.47 9.73 6.69
N PRO B 257 -22.37 10.01 5.75
CA PRO B 257 -22.19 9.45 4.39
C PRO B 257 -20.98 10.02 3.65
N ILE B 258 -20.55 11.25 3.98
CA ILE B 258 -19.35 11.80 3.36
C ILE B 258 -18.14 11.02 3.81
N CYS B 259 -18.00 10.78 5.13
CA CYS B 259 -16.90 9.96 5.63
C CYS B 259 -16.97 8.54 5.07
N ALA B 260 -18.18 7.99 4.90
CA ALA B 260 -18.32 6.66 4.30
C ALA B 260 -17.88 6.65 2.85
N MET B 261 -18.15 7.75 2.12
N MET B 261 -18.17 7.75 2.12
CA MET B 261 -17.66 7.82 0.74
CA MET B 261 -17.69 7.87 0.75
C MET B 261 -16.15 7.77 0.69
C MET B 261 -16.17 7.78 0.69
N GLN B 262 -15.48 8.48 1.61
CA GLN B 262 -14.02 8.45 1.61
C GLN B 262 -13.52 7.05 1.91
N ALA B 263 -14.19 6.30 2.80
CA ALA B 263 -13.74 4.93 3.08
C ALA B 263 -13.86 4.06 1.84
N CYS B 264 -14.97 4.17 1.11
CA CYS B 264 -15.13 3.43 -0.14
C CYS B 264 -14.00 3.76 -1.09
N MET B 265 -13.77 5.06 -1.31
CA MET B 265 -12.72 5.48 -2.24
C MET B 265 -11.34 5.08 -1.76
N ASP B 266 -11.13 5.00 -0.45
CA ASP B 266 -9.86 4.56 0.11
C ASP B 266 -9.68 3.05 0.07
N GLY B 267 -10.64 2.32 -0.50
CA GLY B 267 -10.49 0.90 -0.70
C GLY B 267 -11.06 0.03 0.39
N PHE B 268 -12.01 0.52 1.19
CA PHE B 268 -12.63 -0.27 2.26
C PHE B 268 -14.08 -0.58 1.92
N GLU B 269 -14.53 -1.76 2.34
CA GLU B 269 -15.95 -2.10 2.30
C GLU B 269 -16.67 -1.43 3.48
N VAL B 270 -17.74 -0.66 3.19
CA VAL B 270 -18.49 0.05 4.24
C VAL B 270 -19.72 -0.78 4.59
N VAL B 271 -19.84 -1.15 5.87
CA VAL B 271 -20.86 -2.06 6.38
C VAL B 271 -21.45 -1.48 7.65
N SER B 272 -22.62 -1.98 8.02
CA SER B 272 -23.23 -1.62 9.30
C SER B 272 -23.33 -2.86 10.18
N PRO B 273 -23.15 -2.75 11.49
CA PRO B 273 -23.44 -3.89 12.37
C PRO B 273 -24.90 -4.32 12.30
N TYR B 274 -25.79 -3.47 11.79
CA TYR B 274 -27.23 -3.68 11.84
C TYR B 274 -27.80 -3.86 10.44
N LYS B 275 -28.80 -4.73 10.33
CA LYS B 275 -29.52 -4.88 9.07
C LYS B 275 -30.13 -3.56 8.64
N ASN B 276 -29.88 -3.17 7.39
CA ASN B 276 -30.39 -1.93 6.80
C ASN B 276 -29.81 -0.70 7.48
N GLY B 277 -28.82 -0.90 8.36
CA GLY B 277 -28.26 0.15 9.19
C GLY B 277 -29.17 0.63 10.30
N ILE B 278 -30.25 -0.09 10.63
CA ILE B 278 -31.23 0.39 11.61
C ILE B 278 -30.91 -0.24 12.97
N ASN B 279 -30.52 0.61 13.92
CA ASN B 279 -30.09 0.16 15.23
C ASN B 279 -31.30 0.22 16.15
N ASP B 280 -32.12 -0.82 16.07
CA ASP B 280 -33.38 -0.79 16.82
C ASP B 280 -33.26 -1.43 18.20
N GLY B 281 -32.05 -1.83 18.60
CA GLY B 281 -31.79 -2.36 19.92
C GLY B 281 -32.02 -3.86 20.08
N THR B 282 -32.41 -4.57 19.03
CA THR B 282 -32.77 -5.98 19.15
C THR B 282 -31.63 -6.87 18.65
N GLU B 283 -31.64 -8.12 19.09
CA GLU B 283 -30.69 -9.09 18.54
C GLU B 283 -30.94 -9.31 17.06
N ALA B 284 -32.22 -9.35 16.66
CA ALA B 284 -32.55 -9.55 15.25
C ALA B 284 -31.93 -8.50 14.35
N SER B 285 -31.67 -7.29 14.87
CA SER B 285 -31.07 -6.27 14.02
C SER B 285 -29.62 -6.58 13.68
N ILE B 286 -28.92 -7.37 14.49
CA ILE B 286 -27.50 -7.61 14.30
C ILE B 286 -27.27 -8.45 13.04
N ASP B 287 -26.40 -7.98 12.14
CA ASP B 287 -25.89 -8.83 11.08
C ASP B 287 -24.93 -9.86 11.71
N ALA B 288 -25.48 -10.98 12.12
CA ALA B 288 -24.69 -11.99 12.85
C ALA B 288 -23.66 -12.64 11.97
N ALA B 289 -23.94 -12.80 10.67
CA ALA B 289 -22.96 -13.38 9.76
C ALA B 289 -21.72 -12.49 9.70
N LEU B 290 -21.92 -11.18 9.60
CA LEU B 290 -20.80 -10.24 9.61
C LEU B 290 -20.05 -10.29 10.93
N LEU B 291 -20.77 -10.10 12.06
CA LEU B 291 -20.09 -10.06 13.35
C LEU B 291 -19.38 -11.37 13.64
N GLY B 292 -19.94 -12.47 13.15
CA GLY B 292 -19.37 -13.77 13.40
C GLY B 292 -18.08 -14.04 12.66
N LYS B 293 -17.68 -13.14 11.74
CA LYS B 293 -16.43 -13.23 11.00
C LYS B 293 -15.35 -12.26 11.47
N ILE B 294 -15.64 -11.38 12.41
CA ILE B 294 -14.75 -10.26 12.73
C ILE B 294 -13.76 -10.69 13.83
N ASP B 295 -12.45 -10.49 13.57
CA ASP B 295 -11.43 -10.85 14.54
C ASP B 295 -11.01 -9.70 15.44
N LEU B 296 -11.37 -8.48 15.08
CA LEU B 296 -10.90 -7.29 15.79
C LEU B 296 -11.92 -6.20 15.54
N ILE B 297 -12.43 -5.59 16.59
CA ILE B 297 -13.28 -4.41 16.42
C ILE B 297 -12.64 -3.25 17.16
N VAL B 298 -12.65 -2.07 16.52
CA VAL B 298 -12.01 -0.87 17.07
C VAL B 298 -12.99 0.27 16.96
N THR B 299 -13.28 0.94 18.08
CA THR B 299 -14.22 2.06 18.07
C THR B 299 -13.44 3.38 18.05
N THR B 300 -13.91 4.34 17.23
CA THR B 300 -13.14 5.55 16.97
C THR B 300 -14.03 6.81 16.95
N THR B 301 -15.18 6.77 17.59
CA THR B 301 -16.23 7.75 17.24
C THR B 301 -16.31 8.97 18.12
N GLY B 302 -15.91 8.89 19.39
CA GLY B 302 -16.30 9.90 20.33
C GLY B 302 -17.78 9.88 20.72
N ASN B 303 -18.53 8.84 20.31
CA ASN B 303 -19.96 8.65 20.55
C ASN B 303 -20.17 7.56 21.61
N VAL B 304 -21.42 7.27 21.92
CA VAL B 304 -21.74 6.35 23.01
C VAL B 304 -22.31 5.05 22.45
N ASN B 305 -21.79 3.92 22.96
CA ASN B 305 -22.39 2.59 22.76
C ASN B 305 -22.46 2.22 21.28
N VAL B 306 -21.34 2.43 20.59
CA VAL B 306 -21.24 2.06 19.17
C VAL B 306 -20.73 0.64 18.98
N CYS B 307 -20.27 -0.01 20.05
CA CYS B 307 -20.04 -1.46 20.08
C CYS B 307 -20.86 -1.95 21.26
N ASP B 308 -22.11 -2.34 20.99
CA ASP B 308 -23.10 -2.54 22.03
C ASP B 308 -23.18 -4.01 22.47
N ALA B 309 -24.07 -4.28 23.42
CA ALA B 309 -24.20 -5.61 24.01
C ALA B 309 -24.52 -6.66 22.95
N ASN B 310 -25.41 -6.36 22.03
CA ASN B 310 -25.77 -7.38 21.04
C ASN B 310 -24.65 -7.61 20.03
N MET B 311 -23.85 -6.57 19.71
CA MET B 311 -22.67 -6.81 18.89
C MET B 311 -21.66 -7.70 19.63
N LEU B 312 -21.46 -7.44 20.92
CA LEU B 312 -20.53 -8.28 21.70
C LEU B 312 -20.99 -9.74 21.77
N LYS B 313 -22.31 -9.94 21.88
CA LYS B 313 -22.84 -11.31 21.95
C LYS B 313 -22.61 -12.06 20.64
N ALA B 314 -22.61 -11.36 19.50
CA ALA B 314 -22.52 -11.98 18.18
C ALA B 314 -21.11 -12.09 17.64
N LEU B 315 -20.15 -11.42 18.25
CA LEU B 315 -18.78 -11.42 17.74
C LEU B 315 -18.21 -12.84 17.73
N LYS B 316 -17.40 -13.11 16.71
CA LYS B 316 -16.57 -14.33 16.64
C LYS B 316 -15.88 -14.64 17.96
N LYS B 317 -15.87 -15.93 18.36
CA LYS B 317 -15.10 -16.33 19.55
C LYS B 317 -13.66 -15.84 19.44
N ARG B 318 -13.11 -15.35 20.56
CA ARG B 318 -11.71 -14.92 20.67
C ARG B 318 -11.37 -13.67 19.86
N ALA B 319 -12.37 -12.91 19.45
CA ALA B 319 -12.08 -11.62 18.85
C ALA B 319 -11.51 -10.65 19.88
N VAL B 320 -10.71 -9.71 19.40
CA VAL B 320 -10.15 -8.61 20.20
C VAL B 320 -11.08 -7.41 20.07
N VAL B 321 -11.39 -6.76 21.20
CA VAL B 321 -12.25 -5.58 21.27
C VAL B 321 -11.46 -4.43 21.90
N CYS B 322 -11.43 -3.27 21.23
CA CYS B 322 -10.76 -2.13 21.84
C CYS B 322 -11.38 -0.82 21.37
N ASN B 323 -11.01 0.23 22.10
CA ASN B 323 -11.49 1.58 21.89
C ASN B 323 -10.31 2.54 21.84
N ILE B 324 -10.25 3.37 20.79
CA ILE B 324 -9.24 4.42 20.70
C ILE B 324 -9.88 5.82 20.73
N GLY B 325 -11.19 5.89 20.94
CA GLY B 325 -11.84 7.16 21.21
C GLY B 325 -11.54 7.60 22.64
N HIS B 326 -11.88 8.86 22.95
CA HIS B 326 -11.39 9.44 24.19
C HIS B 326 -11.93 8.75 25.46
N PHE B 327 -13.20 8.31 25.45
CA PHE B 327 -13.87 7.82 26.65
C PHE B 327 -14.28 6.37 26.47
N ASP B 328 -14.36 5.60 27.57
CA ASP B 328 -14.60 4.17 27.53
C ASP B 328 -16.07 3.77 27.47
N ASN B 329 -16.98 4.67 27.10
CA ASN B 329 -18.36 4.28 26.88
C ASN B 329 -18.68 4.02 25.41
N GLU B 330 -17.68 3.99 24.53
CA GLU B 330 -17.92 3.57 23.16
C GLU B 330 -18.32 2.09 23.10
N ILE B 331 -17.72 1.27 23.97
CA ILE B 331 -18.03 -0.14 24.11
C ILE B 331 -18.87 -0.30 25.37
N ASP B 332 -19.88 -1.16 25.33
CA ASP B 332 -20.72 -1.41 26.50
C ASP B 332 -19.97 -2.38 27.43
N THR B 333 -18.95 -1.83 28.11
CA THR B 333 -18.22 -2.62 29.09
C THR B 333 -19.07 -2.90 30.32
N ALA B 334 -19.99 -1.99 30.64
CA ALA B 334 -20.87 -2.22 31.78
C ALA B 334 -21.67 -3.50 31.61
N PHE B 335 -22.15 -3.76 30.39
CA PHE B 335 -22.84 -5.01 30.12
C PHE B 335 -21.93 -6.20 30.40
N MET B 336 -20.67 -6.09 29.99
CA MET B 336 -19.76 -7.23 30.15
C MET B 336 -19.39 -7.43 31.61
N ARG B 337 -19.30 -6.35 32.39
CA ARG B 337 -19.01 -6.50 33.81
C ARG B 337 -20.17 -7.17 34.53
N LYS B 338 -21.40 -6.86 34.13
CA LYS B 338 -22.57 -7.44 34.79
C LYS B 338 -22.76 -8.91 34.46
N ASN B 339 -22.43 -9.34 33.23
CA ASN B 339 -22.88 -10.64 32.76
C ASN B 339 -21.78 -11.67 32.54
N TRP B 340 -20.55 -11.23 32.30
CA TRP B 340 -19.48 -12.13 31.89
C TRP B 340 -18.31 -12.10 32.88
N ALA B 341 -17.58 -13.22 32.95
CA ALA B 341 -16.48 -13.39 33.88
C ALA B 341 -15.19 -12.86 33.26
N TRP B 342 -14.44 -12.06 34.03
CA TRP B 342 -13.22 -11.42 33.52
C TRP B 342 -12.00 -12.12 34.08
N GLU B 343 -11.13 -12.55 33.18
CA GLU B 343 -9.88 -13.23 33.51
C GLU B 343 -8.74 -12.32 33.05
N GLU B 344 -7.97 -11.79 33.99
CA GLU B 344 -6.87 -10.93 33.60
C GLU B 344 -5.75 -11.77 33.00
N VAL B 345 -5.33 -11.43 31.79
CA VAL B 345 -4.16 -12.08 31.19
C VAL B 345 -2.88 -11.48 31.74
N LYS B 346 -2.84 -10.15 31.71
CA LYS B 346 -1.77 -9.31 32.24
C LYS B 346 -2.33 -7.90 32.32
N PRO B 347 -1.59 -6.95 32.89
CA PRO B 347 -2.17 -5.61 33.04
C PRO B 347 -2.72 -5.06 31.73
N GLN B 348 -3.95 -4.56 31.80
CA GLN B 348 -4.67 -3.97 30.67
C GLN B 348 -4.99 -4.97 29.58
N VAL B 349 -5.04 -6.26 29.88
CA VAL B 349 -5.51 -7.27 28.93
C VAL B 349 -6.40 -8.24 29.70
N HIS B 350 -7.67 -8.36 29.31
CA HIS B 350 -8.59 -9.27 29.97
C HIS B 350 -9.27 -10.15 28.94
N LYS B 351 -9.43 -11.43 29.29
CA LYS B 351 -10.34 -12.30 28.58
C LYS B 351 -11.70 -12.19 29.25
N ILE B 352 -12.73 -12.00 28.45
CA ILE B 352 -14.10 -11.90 28.92
C ILE B 352 -14.82 -13.16 28.48
N HIS B 353 -15.22 -13.98 29.44
CA HIS B 353 -15.79 -15.30 29.16
C HIS B 353 -17.30 -15.21 29.06
N ARG B 354 -17.84 -15.50 27.87
CA ARG B 354 -19.26 -15.31 27.60
C ARG B 354 -20.10 -16.49 28.06
N THR B 355 -19.52 -17.43 28.79
CA THR B 355 -20.21 -18.57 29.37
C THR B 355 -20.97 -18.22 30.64
N GLY B 356 -20.71 -17.08 31.24
CA GLY B 356 -21.43 -16.68 32.44
C GLY B 356 -20.55 -15.83 33.33
N LYS B 357 -21.12 -15.47 34.48
CA LYS B 357 -20.48 -14.58 35.45
C LYS B 357 -19.84 -15.34 36.59
N ASP B 358 -20.40 -16.49 36.95
CA ASP B 358 -19.94 -17.33 38.06
C ASP B 358 -18.70 -18.13 37.66
N GLY B 359 -17.59 -17.41 37.57
CA GLY B 359 -16.32 -18.04 37.24
C GLY B 359 -16.28 -18.51 35.80
N PHE B 360 -15.15 -19.15 35.45
CA PHE B 360 -14.87 -19.57 34.08
C PHE B 360 -14.01 -20.83 34.08
N ASP B 361 -14.11 -21.59 32.99
CA ASP B 361 -13.20 -22.70 32.71
C ASP B 361 -11.92 -22.13 32.10
N ALA B 362 -10.76 -22.41 32.73
CA ALA B 362 -9.50 -21.87 32.23
C ALA B 362 -9.24 -22.22 30.77
N HIS B 363 -9.89 -23.26 30.26
CA HIS B 363 -9.73 -23.68 28.87
C HIS B 363 -10.96 -23.37 28.02
N ASN B 364 -11.84 -22.50 28.50
CA ASN B 364 -13.01 -22.11 27.72
C ASN B 364 -12.56 -21.46 26.42
N ASP B 365 -13.24 -21.79 25.31
CA ASP B 365 -12.91 -21.19 24.02
C ASP B 365 -13.79 -19.99 23.68
N ASP B 366 -14.87 -19.77 24.43
CA ASP B 366 -15.84 -18.73 24.08
C ASP B 366 -15.55 -17.51 24.95
N TYR B 367 -14.58 -16.71 24.50
CA TYR B 367 -14.21 -15.48 25.19
C TYR B 367 -13.85 -14.40 24.18
N LEU B 368 -13.86 -13.15 24.65
CA LEU B 368 -13.33 -12.05 23.89
C LEU B 368 -12.11 -11.51 24.61
N ILE B 369 -11.20 -10.87 23.89
CA ILE B 369 -10.12 -10.15 24.55
C ILE B 369 -10.40 -8.66 24.51
N LEU B 370 -10.48 -8.04 25.70
CA LEU B 370 -10.67 -6.60 25.83
C LEU B 370 -9.34 -5.97 26.23
N LEU B 371 -8.94 -4.91 25.54
CA LEU B 371 -7.72 -4.19 25.83
C LEU B 371 -8.01 -2.92 26.62
N ALA B 372 -7.19 -2.68 27.66
CA ALA B 372 -7.25 -1.45 28.49
C ALA B 372 -8.62 -1.21 29.09
N GLU B 373 -9.38 -2.27 29.33
CA GLU B 373 -10.72 -2.18 29.90
C GLU B 373 -11.61 -1.22 29.11
N GLY B 374 -11.40 -1.14 27.79
CA GLY B 374 -12.18 -0.22 26.98
C GLY B 374 -11.70 1.23 26.93
N ARG B 375 -10.63 1.57 27.66
CA ARG B 375 -10.07 2.92 27.65
C ARG B 375 -9.13 3.07 26.46
N LEU B 376 -8.76 4.34 26.16
CA LEU B 376 -7.86 4.64 25.03
C LEU B 376 -6.77 3.59 24.86
N VAL B 377 -6.84 2.77 23.81
CA VAL B 377 -5.97 1.59 23.76
C VAL B 377 -4.54 1.97 23.40
N ASN B 378 -4.34 3.03 22.61
CA ASN B 378 -2.98 3.34 22.18
C ASN B 378 -2.15 3.82 23.37
N LEU B 379 -2.75 4.61 24.27
CA LEU B 379 -2.06 5.02 25.48
C LEU B 379 -2.15 3.96 26.57
N GLY B 380 -3.21 3.16 26.59
CA GLY B 380 -3.37 2.15 27.62
C GLY B 380 -2.44 0.96 27.45
N ASN B 381 -2.32 0.44 26.23
CA ASN B 381 -1.50 -0.75 25.98
C ASN B 381 -0.17 -0.45 25.29
N ALA B 382 0.09 0.79 24.89
CA ALA B 382 1.40 1.14 24.35
C ALA B 382 1.78 2.50 24.93
N THR B 383 2.29 3.44 24.11
CA THR B 383 2.74 4.73 24.64
C THR B 383 2.07 5.90 23.92
N GLY B 384 0.95 5.67 23.29
CA GLY B 384 0.32 6.75 22.51
C GLY B 384 1.17 7.13 21.31
N HIS B 385 0.90 8.34 20.80
CA HIS B 385 1.55 8.84 19.62
C HIS B 385 3.03 9.07 19.87
N PRO B 386 3.86 8.93 18.84
CA PRO B 386 5.30 9.20 18.97
C PRO B 386 5.60 10.70 19.10
N SER B 387 6.79 10.97 19.63
CA SER B 387 7.24 12.34 19.89
C SER B 387 7.10 13.24 18.66
N ARG B 388 7.54 12.76 17.48
CA ARG B 388 7.60 13.63 16.31
C ARG B 388 6.21 14.04 15.82
N ILE B 389 5.17 13.25 16.13
CA ILE B 389 3.80 13.65 15.85
C ILE B 389 3.29 14.60 16.93
N MET B 390 3.50 14.24 18.19
CA MET B 390 3.03 15.09 19.30
C MET B 390 3.69 16.47 19.28
N ASP B 391 4.86 16.58 18.63
CA ASP B 391 5.51 17.87 18.38
C ASP B 391 4.53 18.91 17.82
N GLY B 392 3.80 18.57 16.76
CA GLY B 392 2.84 19.51 16.19
C GLY B 392 1.73 19.90 17.15
N SER B 393 1.08 18.90 17.75
CA SER B 393 0.00 19.16 18.68
C SER B 393 0.47 20.09 19.79
N PHE B 394 1.65 19.81 20.36
CA PHE B 394 2.11 20.52 21.55
C PHE B 394 2.74 21.85 21.19
N ALA B 395 3.32 21.99 20.00
CA ALA B 395 3.70 23.34 19.57
C ALA B 395 2.45 24.24 19.47
N ASN B 396 1.32 23.69 19.00
CA ASN B 396 0.05 24.45 19.00
C ASN B 396 -0.39 24.78 20.43
N GLN B 397 -0.28 23.82 21.34
CA GLN B 397 -0.70 24.08 22.73
C GLN B 397 0.08 25.27 23.30
N VAL B 398 1.40 25.31 23.09
CA VAL B 398 2.20 26.41 23.63
C VAL B 398 1.76 27.73 23.01
N LEU B 399 1.60 27.78 21.69
CA LEU B 399 1.19 29.03 21.05
C LEU B 399 -0.19 29.47 21.52
N ALA B 400 -1.10 28.51 21.73
CA ALA B 400 -2.45 28.84 22.19
C ALA B 400 -2.42 29.44 23.60
N GLN B 401 -1.63 28.85 24.48
CA GLN B 401 -1.43 29.40 25.82
C GLN B 401 -0.91 30.83 25.78
N ILE B 402 0.09 31.10 24.91
CA ILE B 402 0.59 32.47 24.76
C ILE B 402 -0.50 33.37 24.18
N HIS B 403 -1.13 32.91 23.09
CA HIS B 403 -2.18 33.68 22.40
C HIS B 403 -3.27 34.13 23.36
N LEU B 404 -3.68 33.28 24.29
CA LEU B 404 -4.74 33.68 25.23
C LEU B 404 -4.20 34.44 26.43
N PHE B 405 -3.03 34.06 26.92
CA PHE B 405 -2.47 34.74 28.08
C PHE B 405 -2.17 36.20 27.76
N GLU B 406 -1.63 36.46 26.57
CA GLU B 406 -1.31 37.84 26.17
C GLU B 406 -2.56 38.69 25.97
N GLN B 407 -3.75 38.08 25.85
CA GLN B 407 -4.97 38.83 25.65
CA GLN B 407 -4.97 38.84 25.66
C GLN B 407 -5.66 39.22 26.96
N LYS B 408 -5.33 38.54 28.07
CA LYS B 408 -5.78 38.90 29.41
C LYS B 408 -7.29 39.15 29.48
N TYR B 409 -8.06 38.12 29.09
CA TYR B 409 -9.53 38.26 29.10
C TYR B 409 -10.06 38.49 30.50
N ALA B 410 -9.46 37.86 31.51
CA ALA B 410 -9.98 37.97 32.86
C ALA B 410 -9.93 39.39 33.41
N ASP B 411 -9.11 40.26 32.83
CA ASP B 411 -9.04 41.64 33.28
C ASP B 411 -10.04 42.55 32.59
N LEU B 412 -10.84 42.03 31.66
CA LEU B 412 -11.75 42.88 30.91
C LEU B 412 -13.03 43.18 31.70
N PRO B 413 -13.69 44.29 31.40
CA PRO B 413 -15.05 44.50 31.94
C PRO B 413 -16.04 43.58 31.25
N ALA B 414 -17.18 43.39 31.92
CA ALA B 414 -18.14 42.36 31.52
C ALA B 414 -18.61 42.56 30.09
N ALA B 415 -18.83 43.81 29.68
CA ALA B 415 -19.29 44.10 28.32
C ALA B 415 -18.22 43.75 27.29
N GLU B 416 -16.94 43.99 27.61
CA GLU B 416 -15.86 43.58 26.72
C GLU B 416 -15.66 42.07 26.75
N LYS B 417 -15.86 41.43 27.91
CA LYS B 417 -15.75 39.97 27.96
C LYS B 417 -16.74 39.32 27.01
N ALA B 418 -18.00 39.79 27.04
CA ALA B 418 -19.03 39.24 26.18
C ALA B 418 -18.61 39.24 24.72
N LYS B 419 -18.02 40.36 24.27
CA LYS B 419 -17.56 40.48 22.88
C LYS B 419 -16.38 39.57 22.59
N ARG B 420 -15.55 39.28 23.59
CA ARG B 420 -14.33 38.49 23.41
C ARG B 420 -14.56 36.99 23.65
N LEU B 421 -15.74 36.60 24.13
CA LEU B 421 -15.99 35.23 24.57
C LEU B 421 -16.24 34.34 23.36
N SER B 422 -15.42 33.30 23.19
CA SER B 422 -15.51 32.49 21.98
C SER B 422 -14.72 31.20 22.16
N VAL B 423 -14.91 30.30 21.21
CA VAL B 423 -14.07 29.13 21.01
C VAL B 423 -13.46 29.29 19.63
N GLU B 424 -12.17 29.56 19.55
CA GLU B 424 -11.54 29.81 18.27
C GLU B 424 -10.36 28.86 18.04
N VAL B 425 -9.99 28.74 16.77
CA VAL B 425 -8.79 28.00 16.37
C VAL B 425 -7.65 28.99 16.26
N LEU B 426 -6.41 28.51 16.18
CA LEU B 426 -5.31 29.41 15.93
C LEU B 426 -5.33 29.85 14.46
N PRO B 427 -4.83 31.05 14.16
CA PRO B 427 -4.82 31.49 12.75
C PRO B 427 -3.93 30.59 11.92
N LYS B 428 -4.22 30.57 10.62
CA LYS B 428 -3.48 29.68 9.73
C LYS B 428 -1.97 29.94 9.76
N LYS B 429 -1.58 31.21 9.95
CA LYS B 429 -0.16 31.57 9.93
C LYS B 429 0.63 30.78 10.99
N LEU B 430 0.06 30.61 12.19
CA LEU B 430 0.71 29.79 13.21
C LEU B 430 0.71 28.32 12.83
N ASP B 431 -0.40 27.85 12.25
CA ASP B 431 -0.50 26.47 11.78
C ASP B 431 0.62 26.16 10.79
N GLU B 432 0.84 27.06 9.83
CA GLU B 432 1.90 26.88 8.83
C GLU B 432 3.29 26.96 9.47
N GLU B 433 3.45 27.86 10.43
CA GLU B 433 4.72 27.98 11.13
C GLU B 433 5.08 26.67 11.84
N VAL B 434 4.11 26.03 12.50
CA VAL B 434 4.36 24.72 13.11
C VAL B 434 4.73 23.71 12.04
N ALA B 435 3.96 23.67 10.96
CA ALA B 435 4.17 22.66 9.92
C ALA B 435 5.56 22.79 9.29
N LEU B 436 6.03 24.02 9.11
CA LEU B 436 7.33 24.22 8.51
C LEU B 436 8.44 23.66 9.39
N GLU B 437 8.31 23.84 10.70
CA GLU B 437 9.31 23.26 11.59
C GLU B 437 9.22 21.74 11.59
N MET B 438 8.01 21.19 11.46
CA MET B 438 7.86 19.74 11.34
C MET B 438 8.55 19.22 10.08
N VAL B 439 8.30 19.88 8.94
CA VAL B 439 8.88 19.48 7.66
C VAL B 439 10.41 19.52 7.72
N LYS B 440 10.98 20.58 8.30
CA LYS B 440 12.43 20.66 8.43
C LYS B 440 12.98 19.49 9.28
N GLY B 441 12.20 19.01 10.26
CA GLY B 441 12.65 17.88 11.07
C GLY B 441 12.79 16.60 10.28
N PHE B 442 12.03 16.48 9.20
CA PHE B 442 12.23 15.38 8.26
C PHE B 442 13.33 15.66 7.24
N GLY B 443 13.97 16.83 7.30
CA GLY B 443 14.88 17.20 6.23
C GLY B 443 14.19 17.63 4.95
N GLY B 444 12.89 17.92 5.01
CA GLY B 444 12.19 18.37 3.80
C GLY B 444 12.56 19.81 3.45
N VAL B 445 12.51 20.13 2.16
CA VAL B 445 12.87 21.47 1.70
C VAL B 445 11.64 22.07 1.02
N VAL B 446 11.06 23.10 1.65
CA VAL B 446 9.89 23.79 1.08
C VAL B 446 10.38 24.80 0.06
N THR B 447 9.64 24.92 -1.04
CA THR B 447 9.98 25.83 -2.12
C THR B 447 9.40 27.20 -1.82
N GLN B 448 10.13 28.24 -2.21
CA GLN B 448 9.66 29.61 -2.05
C GLN B 448 9.02 30.11 -3.34
N LEU B 449 7.84 30.73 -3.23
CA LEU B 449 7.20 31.30 -4.40
C LEU B 449 8.00 32.47 -4.96
N THR B 450 7.98 32.63 -6.29
CA THR B 450 8.50 33.86 -6.84
C THR B 450 7.42 34.94 -6.64
N PRO B 451 7.79 36.22 -6.66
CA PRO B 451 6.76 37.27 -6.62
C PRO B 451 5.69 37.10 -7.69
N LYS B 452 6.10 36.77 -8.92
CA LYS B 452 5.13 36.57 -9.99
C LYS B 452 4.19 35.42 -9.66
N GLN B 453 4.70 34.36 -9.05
CA GLN B 453 3.88 33.19 -8.73
C GLN B 453 2.92 33.49 -7.59
N ALA B 454 3.40 34.19 -6.56
CA ALA B 454 2.54 34.56 -5.45
C ALA B 454 1.39 35.44 -5.94
N GLU B 455 1.71 36.41 -6.79
CA GLU B 455 0.69 37.27 -7.35
C GLU B 455 -0.29 36.47 -8.19
N TYR B 456 0.21 35.47 -8.91
CA TYR B 456 -0.65 34.69 -9.80
C TYR B 456 -1.72 33.92 -9.02
N ILE B 457 -1.38 33.38 -7.85
CA ILE B 457 -2.36 32.64 -7.07
C ILE B 457 -2.92 33.46 -5.91
N GLY B 458 -2.50 34.72 -5.76
CA GLY B 458 -3.13 35.66 -4.85
C GLY B 458 -2.77 35.45 -3.39
N VAL B 459 -1.52 35.09 -3.11
CA VAL B 459 -1.05 34.91 -1.74
C VAL B 459 0.22 35.73 -1.56
N SER B 460 0.61 35.92 -0.31
CA SER B 460 1.92 36.46 -0.02
C SER B 460 2.98 35.35 -0.11
N VAL B 461 4.20 35.74 -0.47
CA VAL B 461 5.31 34.79 -0.48
C VAL B 461 5.50 34.18 0.91
N GLU B 462 5.09 34.90 1.95
CA GLU B 462 5.24 34.39 3.30
C GLU B 462 3.99 33.68 3.80
N GLY B 463 2.97 33.51 2.96
CA GLY B 463 1.74 32.86 3.36
C GLY B 463 0.86 33.83 4.11
N PRO B 464 -0.32 33.38 4.55
CA PRO B 464 -0.87 32.03 4.38
C PRO B 464 -1.10 31.68 2.91
N PHE B 465 -0.90 30.41 2.59
CA PHE B 465 -0.99 29.96 1.21
C PHE B 465 -2.37 29.48 0.84
N LYS B 466 -3.29 29.38 1.80
CA LYS B 466 -4.62 28.81 1.57
C LYS B 466 -5.69 29.67 2.24
N PRO B 467 -6.84 29.85 1.60
CA PRO B 467 -7.97 30.49 2.29
C PRO B 467 -8.41 29.66 3.49
N ASP B 468 -9.14 30.30 4.41
CA ASP B 468 -9.55 29.62 5.62
C ASP B 468 -10.52 28.48 5.35
N THR B 469 -11.20 28.48 4.20
CA THR B 469 -12.14 27.45 3.81
C THR B 469 -11.46 26.14 3.43
N TYR B 470 -10.14 26.15 3.23
CA TYR B 470 -9.45 25.01 2.63
C TYR B 470 -9.37 23.84 3.59
N ARG B 471 -9.55 22.62 3.07
CA ARG B 471 -9.72 21.45 3.90
C ARG B 471 -8.50 20.55 3.92
N TYR B 472 -7.51 20.77 3.06
CA TYR B 472 -6.34 19.89 2.99
C TYR B 472 -6.72 18.42 2.79
N ALA C 11 -30.28 15.19 -39.28
CA ALA C 11 -31.65 15.19 -39.77
C ALA C 11 -32.32 16.52 -39.48
N GLY C 12 -32.16 17.49 -40.39
CA GLY C 12 -32.64 18.84 -40.19
C GLY C 12 -31.82 19.63 -39.19
N PHE C 13 -31.51 18.99 -38.07
CA PHE C 13 -30.73 19.61 -37.00
C PHE C 13 -29.28 19.71 -37.46
N THR C 14 -28.80 20.94 -37.66
CA THR C 14 -27.40 21.18 -38.03
C THR C 14 -26.65 22.06 -37.05
N ASP C 15 -27.23 22.31 -35.87
CA ASP C 15 -26.69 23.29 -34.95
C ASP C 15 -25.67 22.63 -34.02
N TYR C 16 -24.56 22.19 -34.62
CA TYR C 16 -23.50 21.53 -33.85
C TYR C 16 -22.24 21.46 -34.72
N LYS C 17 -21.11 21.15 -34.09
CA LYS C 17 -19.94 20.78 -34.89
C LYS C 17 -19.09 19.80 -34.09
N VAL C 18 -18.96 18.59 -34.62
CA VAL C 18 -18.22 17.51 -33.97
C VAL C 18 -17.30 16.88 -35.01
N ALA C 19 -16.41 15.98 -34.54
CA ALA C 19 -15.46 15.39 -35.47
C ALA C 19 -16.13 14.47 -36.45
N ASP C 20 -17.04 13.61 -35.97
CA ASP C 20 -17.59 12.56 -36.82
C ASP C 20 -18.92 12.13 -36.21
N ILE C 21 -20.03 12.61 -36.79
CA ILE C 21 -21.34 12.29 -36.28
C ILE C 21 -21.62 10.78 -36.32
N THR C 22 -20.91 10.02 -37.17
CA THR C 22 -21.18 8.59 -37.25
C THR C 22 -20.67 7.80 -36.05
N LEU C 23 -19.94 8.44 -35.13
CA LEU C 23 -19.58 7.79 -33.86
C LEU C 23 -20.70 7.81 -32.85
N ALA C 24 -21.88 8.32 -33.22
CA ALA C 24 -22.95 8.56 -32.24
C ALA C 24 -23.41 7.29 -31.56
N ALA C 25 -23.64 6.22 -32.33
CA ALA C 25 -24.17 4.99 -31.75
C ALA C 25 -23.21 4.42 -30.72
N TRP C 26 -21.91 4.45 -31.04
CA TRP C 26 -20.88 4.04 -30.09
C TRP C 26 -20.93 4.91 -28.83
N GLY C 27 -21.02 6.23 -29.00
CA GLY C 27 -21.19 7.11 -27.85
C GLY C 27 -22.39 6.77 -27.00
N ARG C 28 -23.52 6.44 -27.65
CA ARG C 28 -24.74 6.09 -26.94
C ARG C 28 -24.57 4.80 -26.14
N ARG C 29 -23.92 3.78 -26.72
CA ARG C 29 -23.61 2.58 -25.95
C ARG C 29 -22.84 2.91 -24.67
N GLU C 30 -21.82 3.77 -24.79
CA GLU C 30 -21.03 4.12 -23.61
C GLU C 30 -21.83 4.95 -22.61
N LEU C 31 -22.76 5.78 -23.11
CA LEU C 31 -23.58 6.57 -22.20
C LEU C 31 -24.49 5.66 -21.38
N ILE C 32 -25.02 4.59 -22.00
CA ILE C 32 -25.91 3.70 -21.28
C ILE C 32 -25.15 2.94 -20.18
N ILE C 33 -23.89 2.57 -20.46
CA ILE C 33 -23.02 2.01 -19.41
C ILE C 33 -22.77 3.05 -18.32
N ALA C 34 -22.39 4.27 -18.72
CA ALA C 34 -22.01 5.28 -17.72
C ALA C 34 -23.16 5.61 -16.80
N GLU C 35 -24.39 5.62 -17.33
CA GLU C 35 -25.56 5.84 -16.49
C GLU C 35 -25.62 4.85 -15.34
N SER C 36 -25.25 3.58 -15.58
CA SER C 36 -25.27 2.60 -14.50
C SER C 36 -24.14 2.82 -13.49
N GLU C 37 -23.11 3.60 -13.85
CA GLU C 37 -22.03 3.97 -12.94
C GLU C 37 -22.25 5.30 -12.23
N MET C 38 -23.39 5.98 -12.47
CA MET C 38 -23.60 7.33 -11.94
C MET C 38 -24.93 7.40 -11.20
N PRO C 39 -25.04 6.67 -10.07
CA PRO C 39 -26.34 6.59 -9.37
C PRO C 39 -26.83 7.90 -8.76
N ALA C 40 -25.94 8.79 -8.29
CA ALA C 40 -26.42 10.06 -7.76
C ALA C 40 -27.06 10.89 -8.86
N LEU C 41 -26.40 10.94 -10.01
CA LEU C 41 -26.92 11.73 -11.13
C LEU C 41 -28.21 11.12 -11.68
N MET C 42 -28.24 9.79 -11.89
N MET C 42 -28.25 9.80 -11.87
CA MET C 42 -29.47 9.12 -12.29
CA MET C 42 -29.50 9.20 -12.34
C MET C 42 -30.58 9.32 -11.26
C MET C 42 -30.60 9.27 -11.26
N GLY C 43 -30.22 9.24 -9.98
CA GLY C 43 -31.22 9.41 -8.93
C GLY C 43 -31.88 10.77 -8.98
N LEU C 44 -31.10 11.81 -9.31
CA LEU C 44 -31.63 13.16 -9.49
C LEU C 44 -32.58 13.24 -10.70
N ARG C 45 -32.21 12.58 -11.79
CA ARG C 45 -33.12 12.47 -12.93
C ARG C 45 -34.46 11.94 -12.50
N ARG C 46 -34.48 10.81 -11.79
CA ARG C 46 -35.76 10.23 -11.40
C ARG C 46 -36.45 11.06 -10.34
N LYS C 47 -35.69 11.70 -9.45
CA LYS C 47 -36.32 12.47 -8.39
C LYS C 47 -37.04 13.72 -8.92
N TYR C 48 -36.41 14.44 -9.86
CA TYR C 48 -36.91 15.74 -10.29
C TYR C 48 -37.56 15.73 -11.66
N ALA C 49 -37.65 14.58 -12.33
CA ALA C 49 -38.18 14.55 -13.70
C ALA C 49 -39.59 15.14 -13.76
N GLY C 50 -40.46 14.70 -12.84
CA GLY C 50 -41.84 15.16 -12.86
C GLY C 50 -42.00 16.65 -12.59
N GLN C 51 -41.13 17.23 -11.74
CA GLN C 51 -41.25 18.64 -11.39
CA GLN C 51 -41.29 18.64 -11.42
C GLN C 51 -40.65 19.57 -12.45
N GLN C 52 -39.72 19.07 -13.26
CA GLN C 52 -39.08 19.87 -14.30
C GLN C 52 -38.53 21.18 -13.74
N PRO C 53 -37.64 21.11 -12.73
CA PRO C 53 -37.19 22.34 -12.07
C PRO C 53 -36.35 23.23 -12.97
N LEU C 54 -35.79 22.70 -14.05
CA LEU C 54 -35.03 23.52 -14.99
C LEU C 54 -35.86 23.87 -16.22
N LYS C 55 -37.19 23.77 -16.15
CA LYS C 55 -38.00 24.23 -17.27
C LYS C 55 -37.79 25.72 -17.46
N GLY C 56 -37.40 26.11 -18.67
CA GLY C 56 -37.09 27.49 -18.97
C GLY C 56 -35.64 27.86 -18.84
N ALA C 57 -34.80 26.99 -18.28
CA ALA C 57 -33.39 27.30 -18.17
C ALA C 57 -32.75 27.18 -19.54
N LYS C 58 -31.81 28.07 -19.82
CA LYS C 58 -31.05 28.05 -21.07
C LYS C 58 -29.59 28.18 -20.65
N ILE C 59 -28.89 27.04 -20.65
CA ILE C 59 -27.60 26.89 -19.98
C ILE C 59 -26.49 26.92 -21.02
N LEU C 60 -25.57 27.89 -20.89
CA LEU C 60 -24.30 27.82 -21.62
C LEU C 60 -23.35 26.93 -20.80
N GLY C 61 -22.89 25.84 -21.39
CA GLY C 61 -21.99 24.91 -20.70
C GLY C 61 -20.64 24.84 -21.38
N CYS C 62 -19.57 24.86 -20.58
CA CYS C 62 -18.21 24.79 -21.13
C CYS C 62 -17.42 23.87 -20.20
N ILE C 63 -17.36 22.59 -20.56
CA ILE C 63 -16.64 21.61 -19.76
C ILE C 63 -16.34 20.39 -20.63
N HIS C 64 -15.15 19.80 -20.41
CA HIS C 64 -14.64 18.64 -21.14
C HIS C 64 -15.76 17.74 -21.68
N MET C 65 -15.86 17.62 -23.01
CA MET C 65 -16.98 16.91 -23.65
C MET C 65 -16.68 15.41 -23.67
N THR C 66 -16.74 14.82 -22.49
CA THR C 66 -16.52 13.39 -22.25
C THR C 66 -17.84 12.65 -22.14
N ILE C 67 -17.76 11.31 -22.06
CA ILE C 67 -18.96 10.50 -21.80
C ILE C 67 -19.65 10.94 -20.50
N GLN C 68 -18.85 11.27 -19.48
CA GLN C 68 -19.43 11.67 -18.19
C GLN C 68 -20.18 12.99 -18.30
N THR C 69 -19.61 13.94 -19.03
CA THR C 69 -20.32 15.19 -19.29
C THR C 69 -21.62 14.96 -20.07
N GLY C 70 -21.62 13.98 -20.98
CA GLY C 70 -22.85 13.61 -21.66
C GLY C 70 -23.98 13.26 -20.70
N VAL C 71 -23.68 12.47 -19.66
CA VAL C 71 -24.72 12.11 -18.70
C VAL C 71 -25.16 13.36 -17.94
N LEU C 72 -24.23 14.24 -17.62
CA LEU C 72 -24.60 15.52 -17.01
C LEU C 72 -25.53 16.31 -17.92
N ILE C 73 -25.17 16.44 -19.20
CA ILE C 73 -25.98 17.22 -20.13
C ILE C 73 -27.40 16.67 -20.23
N GLU C 74 -27.52 15.35 -20.40
CA GLU C 74 -28.84 14.76 -20.57
C GLU C 74 -29.64 14.77 -19.27
N THR C 75 -28.97 14.90 -18.14
CA THR C 75 -29.70 15.11 -16.89
C THR C 75 -30.29 16.52 -16.82
N LEU C 76 -29.50 17.54 -17.21
CA LEU C 76 -30.06 18.90 -17.25
C LEU C 76 -31.23 18.98 -18.21
N VAL C 77 -31.09 18.35 -19.38
CA VAL C 77 -32.17 18.34 -20.36
C VAL C 77 -33.39 17.58 -19.83
N ALA C 78 -33.15 16.41 -19.22
CA ALA C 78 -34.25 15.63 -18.67
C ALA C 78 -35.03 16.40 -17.62
N LEU C 79 -34.40 17.39 -16.97
CA LEU C 79 -35.08 18.18 -15.96
C LEU C 79 -35.69 19.46 -16.52
N GLY C 80 -35.64 19.69 -17.83
CA GLY C 80 -36.32 20.81 -18.46
C GLY C 80 -35.45 21.80 -19.19
N ALA C 81 -34.12 21.75 -19.00
CA ALA C 81 -33.24 22.77 -19.56
C ALA C 81 -33.01 22.58 -21.06
N GLU C 82 -32.72 23.69 -21.74
CA GLU C 82 -32.02 23.75 -23.01
C GLU C 82 -30.57 24.13 -22.77
N VAL C 83 -29.67 23.57 -23.56
CA VAL C 83 -28.24 23.83 -23.38
C VAL C 83 -27.59 24.06 -24.74
N ARG C 84 -26.43 24.71 -24.68
CA ARG C 84 -25.52 24.83 -25.83
C ARG C 84 -24.13 24.63 -25.24
N TRP C 85 -23.37 23.69 -25.79
CA TRP C 85 -22.23 23.12 -25.08
C TRP C 85 -20.93 23.27 -25.85
N SER C 86 -19.82 23.41 -25.11
CA SER C 86 -18.48 23.31 -25.68
C SER C 86 -17.55 22.68 -24.65
N SER C 87 -16.36 22.30 -25.09
CA SER C 87 -15.35 21.76 -24.18
C SER C 87 -14.49 22.90 -23.63
N CYS C 88 -13.94 22.70 -22.43
CA CYS C 88 -13.04 23.68 -21.83
C CYS C 88 -11.57 23.32 -22.06
N ASN C 89 -11.28 22.38 -22.96
CA ASN C 89 -9.91 22.04 -23.29
C ASN C 89 -9.85 21.49 -24.71
N ILE C 90 -8.76 21.80 -25.42
CA ILE C 90 -8.62 21.44 -26.82
C ILE C 90 -8.46 19.94 -27.03
N PHE C 91 -8.02 19.19 -26.01
CA PHE C 91 -7.71 17.77 -26.14
C PHE C 91 -8.63 16.86 -25.34
N SER C 92 -9.59 17.39 -24.59
CA SER C 92 -10.28 16.58 -23.61
C SER C 92 -11.56 15.92 -24.13
N THR C 93 -12.06 16.36 -25.30
CA THR C 93 -13.27 15.79 -25.85
C THR C 93 -13.08 14.31 -26.22
N GLN C 94 -14.09 13.50 -25.89
CA GLN C 94 -14.24 12.15 -26.46
C GLN C 94 -15.18 12.26 -27.65
N ASP C 95 -14.65 12.03 -28.86
CA ASP C 95 -15.41 12.33 -30.06
C ASP C 95 -16.72 11.55 -30.11
N GLN C 96 -16.77 10.36 -29.51
CA GLN C 96 -18.01 9.61 -29.61
C GLN C 96 -19.06 10.14 -28.63
N ALA C 97 -18.61 10.75 -27.54
CA ALA C 97 -19.54 11.45 -26.64
C ALA C 97 -20.14 12.68 -27.32
N ALA C 98 -19.31 13.49 -27.99
CA ALA C 98 -19.85 14.65 -28.69
C ALA C 98 -20.83 14.24 -29.78
N ALA C 99 -20.56 13.13 -30.46
CA ALA C 99 -21.45 12.72 -31.55
C ALA C 99 -22.79 12.27 -31.00
N ALA C 100 -22.78 11.56 -29.88
CA ALA C 100 -24.02 11.11 -29.25
C ALA C 100 -24.88 12.29 -28.82
N ILE C 101 -24.24 13.33 -28.26
CA ILE C 101 -24.99 14.48 -27.79
C ILE C 101 -25.60 15.22 -28.98
N ALA C 102 -24.80 15.45 -30.02
CA ALA C 102 -25.29 16.12 -31.20
C ALA C 102 -26.41 15.31 -31.87
N ALA C 103 -26.27 13.98 -31.92
CA ALA C 103 -27.30 13.16 -32.53
C ALA C 103 -28.58 13.14 -31.69
N ALA C 104 -28.51 13.54 -30.43
CA ALA C 104 -29.73 13.67 -29.62
C ALA C 104 -30.42 15.02 -29.82
N GLY C 105 -29.91 15.86 -30.70
CA GLY C 105 -30.53 17.15 -30.94
C GLY C 105 -30.01 18.27 -30.09
N ILE C 106 -28.84 18.12 -29.49
CA ILE C 106 -28.33 19.07 -28.51
C ILE C 106 -27.16 19.83 -29.15
N PRO C 107 -27.17 21.16 -29.12
CA PRO C 107 -26.05 21.92 -29.72
C PRO C 107 -24.75 21.70 -28.95
N VAL C 108 -23.72 21.25 -29.66
CA VAL C 108 -22.43 20.95 -29.04
C VAL C 108 -21.36 21.26 -30.08
N PHE C 109 -20.32 21.96 -29.68
CA PHE C 109 -19.24 22.31 -30.60
C PHE C 109 -17.96 21.88 -29.90
N ALA C 110 -17.41 20.74 -30.32
CA ALA C 110 -16.37 20.08 -29.54
C ALA C 110 -15.78 18.90 -30.31
N TRP C 111 -14.45 18.82 -30.34
CA TRP C 111 -13.77 17.65 -30.86
C TRP C 111 -12.38 17.58 -30.25
N LYS C 112 -11.82 16.37 -30.23
CA LYS C 112 -10.48 16.18 -29.71
C LYS C 112 -9.45 16.76 -30.70
N GLY C 113 -8.51 17.57 -30.21
CA GLY C 113 -7.51 18.14 -31.10
C GLY C 113 -7.85 19.46 -31.80
N GLU C 114 -8.60 20.33 -31.12
CA GLU C 114 -8.86 21.67 -31.61
C GLU C 114 -7.58 22.50 -31.63
N THR C 115 -7.50 23.44 -32.56
CA THR C 115 -6.53 24.52 -32.41
C THR C 115 -7.08 25.54 -31.41
N GLU C 116 -6.22 26.50 -31.02
CA GLU C 116 -6.67 27.56 -30.11
C GLU C 116 -7.77 28.39 -30.76
N GLU C 117 -7.60 28.73 -32.04
CA GLU C 117 -8.63 29.51 -32.72
C GLU C 117 -9.95 28.77 -32.76
N GLU C 118 -9.91 27.45 -33.01
CA GLU C 118 -11.13 26.65 -33.02
C GLU C 118 -11.73 26.53 -31.63
N TYR C 119 -10.88 26.48 -30.59
CA TYR C 119 -11.39 26.47 -29.23
C TYR C 119 -12.24 27.71 -28.96
N GLU C 120 -11.68 28.89 -29.24
CA GLU C 120 -12.43 30.13 -29.05
C GLU C 120 -13.71 30.12 -29.87
N TRP C 121 -13.63 29.62 -31.10
CA TRP C 121 -14.78 29.63 -32.00
C TRP C 121 -15.90 28.75 -31.46
N CYS C 122 -15.56 27.62 -30.83
CA CYS C 122 -16.56 26.72 -30.29
C CYS C 122 -17.33 27.37 -29.14
N ILE C 123 -16.61 28.08 -28.26
CA ILE C 123 -17.28 28.79 -27.17
C ILE C 123 -18.23 29.84 -27.72
N GLU C 124 -17.78 30.58 -28.75
CA GLU C 124 -18.61 31.61 -29.37
CA GLU C 124 -18.63 31.61 -29.34
C GLU C 124 -19.88 31.02 -29.98
N GLN C 125 -19.78 29.81 -30.54
CA GLN C 125 -20.94 29.17 -31.16
C GLN C 125 -21.99 28.78 -30.13
N THR C 126 -21.60 28.53 -28.89
CA THR C 126 -22.61 28.35 -27.86
C THR C 126 -23.24 29.69 -27.50
N ILE C 127 -22.44 30.77 -27.51
CA ILE C 127 -22.93 32.08 -27.10
C ILE C 127 -23.89 32.63 -28.14
N LEU C 128 -23.61 32.37 -29.42
CA LEU C 128 -24.37 32.92 -30.53
C LEU C 128 -25.25 31.84 -31.14
N LYS C 129 -26.49 32.19 -31.43
CA LYS C 129 -27.32 31.32 -32.25
C LYS C 129 -27.81 32.17 -33.43
N ASP C 130 -27.39 31.80 -34.64
CA ASP C 130 -27.68 32.55 -35.86
C ASP C 130 -27.13 33.97 -35.78
N GLY C 131 -25.88 34.09 -35.38
CA GLY C 131 -25.19 35.38 -35.44
C GLY C 131 -25.58 36.37 -34.38
N GLN C 132 -26.47 36.02 -33.46
CA GLN C 132 -26.92 36.91 -32.41
C GLN C 132 -26.89 36.19 -31.08
N PRO C 133 -26.69 36.91 -29.98
CA PRO C 133 -26.64 36.26 -28.66
C PRO C 133 -27.86 35.40 -28.43
N TRP C 134 -27.62 34.13 -28.04
CA TRP C 134 -28.67 33.29 -27.51
C TRP C 134 -29.24 33.91 -26.25
N ASP C 135 -30.52 33.62 -25.99
CA ASP C 135 -31.16 34.10 -24.76
C ASP C 135 -30.80 33.20 -23.56
N ALA C 136 -29.50 33.07 -23.31
CA ALA C 136 -29.04 32.28 -22.16
C ALA C 136 -29.48 32.89 -20.83
N ASN C 137 -29.67 32.04 -19.82
CA ASN C 137 -29.95 32.54 -18.47
C ASN C 137 -29.18 31.77 -17.39
N MET C 138 -28.29 30.85 -17.77
CA MET C 138 -27.50 30.10 -16.81
C MET C 138 -26.16 29.79 -17.45
N VAL C 139 -25.12 29.64 -16.62
CA VAL C 139 -23.79 29.29 -17.10
C VAL C 139 -23.26 28.12 -16.26
N LEU C 140 -22.73 27.10 -16.92
CA LEU C 140 -21.95 26.04 -16.27
C LEU C 140 -20.55 26.07 -16.85
N ASP C 141 -19.54 26.17 -15.99
CA ASP C 141 -18.19 26.48 -16.48
C ASP C 141 -17.17 25.65 -15.71
N ASP C 142 -16.03 25.42 -16.35
CA ASP C 142 -14.96 24.60 -15.78
C ASP C 142 -13.66 25.29 -16.20
N GLY C 143 -13.15 26.17 -15.32
CA GLY C 143 -11.94 26.93 -15.55
C GLY C 143 -12.13 28.42 -15.79
N GLY C 144 -13.33 28.88 -16.11
CA GLY C 144 -13.57 30.31 -16.18
C GLY C 144 -13.43 30.96 -17.55
N ASP C 145 -13.12 30.20 -18.60
CA ASP C 145 -12.94 30.79 -19.93
C ASP C 145 -14.25 31.36 -20.46
N LEU C 146 -15.34 30.60 -20.36
CA LEU C 146 -16.65 31.09 -20.83
C LEU C 146 -17.15 32.23 -19.94
N THR C 147 -16.96 32.12 -18.63
CA THR C 147 -17.26 33.24 -17.73
C THR C 147 -16.53 34.51 -18.15
N GLU C 148 -15.27 34.36 -18.57
CA GLU C 148 -14.45 35.52 -18.94
C GLU C 148 -14.90 36.13 -20.26
N ILE C 149 -15.21 35.27 -21.24
CA ILE C 149 -15.65 35.74 -22.54
C ILE C 149 -16.97 36.49 -22.43
N LEU C 150 -17.87 36.02 -21.56
CA LEU C 150 -19.13 36.75 -21.36
C LEU C 150 -18.89 38.11 -20.71
N HIS C 151 -18.05 38.16 -19.67
CA HIS C 151 -17.84 39.44 -18.98
C HIS C 151 -17.10 40.45 -19.86
N LYS C 152 -16.17 39.98 -20.68
CA LYS C 152 -15.35 40.88 -21.51
C LYS C 152 -16.05 41.26 -22.81
N LYS C 153 -16.56 40.26 -23.53
CA LYS C 153 -17.03 40.44 -24.90
C LYS C 153 -18.55 40.50 -25.02
N TYR C 154 -19.31 39.88 -24.11
CA TYR C 154 -20.78 39.89 -24.19
C TYR C 154 -21.43 40.35 -22.88
N PRO C 155 -20.97 41.47 -22.31
CA PRO C 155 -21.50 41.88 -20.99
C PRO C 155 -23.01 42.08 -20.96
N GLN C 156 -23.62 42.48 -22.07
CA GLN C 156 -25.06 42.64 -22.07
CA GLN C 156 -25.07 42.64 -22.10
C GLN C 156 -25.77 41.32 -21.78
N MET C 157 -25.22 40.19 -22.23
CA MET C 157 -25.83 38.90 -21.97
C MET C 157 -25.95 38.60 -20.47
N LEU C 158 -25.02 39.11 -19.65
CA LEU C 158 -25.08 38.78 -18.23
C LEU C 158 -26.30 39.41 -17.55
N GLU C 159 -26.89 40.46 -18.13
CA GLU C 159 -28.13 41.04 -17.60
C GLU C 159 -29.25 40.02 -17.45
N ARG C 160 -29.24 38.93 -18.22
CA ARG C 160 -30.34 37.96 -18.18
C ARG C 160 -29.96 36.65 -17.49
N ILE C 161 -28.75 36.56 -16.95
CA ILE C 161 -28.24 35.29 -16.47
C ILE C 161 -28.35 35.26 -14.95
N HIS C 162 -28.87 34.14 -14.41
CA HIS C 162 -29.15 34.04 -12.99
C HIS C 162 -27.96 33.55 -12.17
N GLY C 163 -26.97 32.94 -12.80
CA GLY C 163 -25.87 32.37 -12.01
C GLY C 163 -24.89 31.60 -12.87
N ILE C 164 -23.70 31.40 -12.28
CA ILE C 164 -22.64 30.55 -12.84
C ILE C 164 -22.39 29.43 -11.86
N THR C 165 -22.23 28.20 -12.33
CA THR C 165 -21.80 27.11 -11.45
C THR C 165 -20.44 26.64 -11.95
N GLU C 166 -19.42 26.79 -11.10
CA GLU C 166 -18.04 26.67 -11.57
C GLU C 166 -17.43 25.40 -10.97
N GLU C 167 -16.84 24.60 -11.84
CA GLU C 167 -16.42 23.23 -11.54
C GLU C 167 -15.12 23.15 -10.76
N THR C 168 -14.14 24.01 -11.04
CA THR C 168 -12.78 23.64 -10.67
C THR C 168 -12.05 24.77 -9.95
N THR C 169 -11.00 24.39 -9.23
CA THR C 169 -10.27 25.29 -8.34
C THR C 169 -9.82 26.57 -9.04
N THR C 170 -9.20 26.42 -10.22
CA THR C 170 -8.73 27.58 -10.96
C THR C 170 -9.88 28.52 -11.33
N GLY C 171 -11.00 27.95 -11.78
CA GLY C 171 -12.16 28.78 -12.09
C GLY C 171 -12.65 29.59 -10.89
N VAL C 172 -12.71 28.94 -9.72
CA VAL C 172 -13.20 29.64 -8.53
C VAL C 172 -12.25 30.75 -8.12
N HIS C 173 -10.95 30.51 -8.21
CA HIS C 173 -9.98 31.56 -7.91
C HIS C 173 -10.28 32.81 -8.73
N ARG C 174 -10.52 32.63 -10.03
CA ARG C 174 -10.82 33.76 -10.90
C ARG C 174 -12.13 34.44 -10.49
N LEU C 175 -13.15 33.66 -10.11
CA LEU C 175 -14.43 34.27 -9.69
C LEU C 175 -14.24 35.11 -8.44
N LEU C 176 -13.47 34.60 -7.47
CA LEU C 176 -13.23 35.33 -6.23
C LEU C 176 -12.49 36.63 -6.48
N ASP C 177 -11.59 36.67 -7.47
CA ASP C 177 -10.89 37.92 -7.74
C ASP C 177 -11.82 38.93 -8.40
N MET C 178 -12.72 38.45 -9.26
CA MET C 178 -13.71 39.34 -9.85
C MET C 178 -14.64 39.91 -8.80
N LEU C 179 -15.10 39.07 -7.87
CA LEU C 179 -15.98 39.53 -6.79
C LEU C 179 -15.29 40.60 -5.96
N LYS C 180 -14.03 40.36 -5.57
CA LYS C 180 -13.27 41.37 -4.84
C LYS C 180 -13.14 42.67 -5.65
N ASN C 181 -12.91 42.55 -6.95
CA ASN C 181 -12.74 43.71 -7.80
C ASN C 181 -14.07 44.35 -8.19
N GLY C 182 -15.20 43.74 -7.84
CA GLY C 182 -16.47 44.33 -8.24
C GLY C 182 -16.83 44.11 -9.69
N THR C 183 -16.17 43.19 -10.39
CA THR C 183 -16.41 42.94 -11.80
C THR C 183 -17.27 41.71 -12.07
N LEU C 184 -17.62 40.92 -11.06
CA LEU C 184 -18.48 39.76 -11.25
C LEU C 184 -19.93 40.25 -11.32
N LYS C 185 -20.66 39.84 -12.37
CA LYS C 185 -21.95 40.45 -12.65
C LYS C 185 -23.14 39.60 -12.23
N VAL C 186 -22.92 38.31 -11.98
CA VAL C 186 -23.95 37.38 -11.53
C VAL C 186 -23.38 36.51 -10.43
N PRO C 187 -24.22 36.01 -9.53
CA PRO C 187 -23.72 35.12 -8.47
C PRO C 187 -23.19 33.80 -9.03
N ALA C 188 -22.35 33.13 -8.23
CA ALA C 188 -21.82 31.83 -8.61
C ALA C 188 -21.94 30.83 -7.46
N ILE C 189 -21.99 29.55 -7.82
CA ILE C 189 -21.78 28.48 -6.84
C ILE C 189 -20.45 27.84 -7.14
N ASN C 190 -19.62 27.75 -6.09
CA ASN C 190 -18.35 27.03 -6.09
C ASN C 190 -18.67 25.55 -5.93
N VAL C 191 -18.80 24.84 -7.07
CA VAL C 191 -19.09 23.42 -7.04
C VAL C 191 -17.85 22.66 -6.59
N ASN C 192 -16.68 23.25 -6.80
CA ASN C 192 -15.43 22.54 -6.53
C ASN C 192 -15.29 22.19 -5.06
N ASP C 193 -15.77 23.07 -4.18
CA ASP C 193 -15.49 22.89 -2.76
C ASP C 193 -16.55 22.08 -2.00
N SER C 194 -17.52 21.46 -2.68
CA SER C 194 -18.23 20.35 -2.07
C SER C 194 -17.23 19.26 -1.74
N VAL C 195 -17.40 18.58 -0.59
CA VAL C 195 -16.50 17.48 -0.26
C VAL C 195 -16.63 16.35 -1.27
N THR C 196 -17.87 16.10 -1.74
CA THR C 196 -18.08 15.10 -2.78
C THR C 196 -17.61 15.55 -4.14
N LYS C 197 -17.00 16.72 -4.23
CA LYS C 197 -16.32 17.14 -5.45
C LYS C 197 -14.83 17.22 -5.14
N SER C 198 -14.41 18.19 -4.33
CA SER C 198 -12.98 18.43 -4.10
C SER C 198 -12.26 17.18 -3.62
N LYS C 199 -12.81 16.49 -2.62
CA LYS C 199 -12.18 15.34 -1.95
CA LYS C 199 -12.09 15.37 -2.02
C LYS C 199 -12.52 14.04 -2.61
N ASN C 200 -13.09 14.07 -3.80
CA ASN C 200 -13.51 12.90 -4.55
C ASN C 200 -12.90 13.01 -5.94
N ASP C 201 -13.39 14.00 -6.71
CA ASP C 201 -12.88 14.26 -8.04
C ASP C 201 -11.39 14.68 -8.01
N ASN C 202 -11.05 15.78 -7.33
CA ASN C 202 -9.71 16.36 -7.48
C ASN C 202 -8.64 15.35 -7.05
N LYS C 203 -8.91 14.56 -6.00
CA LYS C 203 -7.92 13.60 -5.48
C LYS C 203 -8.08 12.21 -6.11
N TYR C 204 -9.20 11.51 -5.83
CA TYR C 204 -9.31 10.13 -6.31
C TYR C 204 -9.42 10.04 -7.82
N GLY C 205 -9.99 11.04 -8.49
CA GLY C 205 -10.00 11.02 -9.93
C GLY C 205 -8.60 11.06 -10.51
N CYS C 206 -7.72 11.90 -9.94
CA CYS C 206 -6.36 11.93 -10.48
C CYS C 206 -5.61 10.66 -10.10
N ARG C 207 -5.95 10.05 -8.96
CA ARG C 207 -5.36 8.75 -8.63
CA ARG C 207 -5.35 8.75 -8.63
C ARG C 207 -5.66 7.72 -9.71
N HIS C 208 -6.92 7.69 -10.18
CA HIS C 208 -7.33 6.74 -11.22
C HIS C 208 -6.69 7.10 -12.55
N SER C 209 -6.74 8.38 -12.94
CA SER C 209 -6.51 8.74 -14.34
C SER C 209 -5.09 9.22 -14.65
N LEU C 210 -4.23 9.52 -13.66
CA LEU C 210 -2.89 9.97 -14.03
C LEU C 210 -2.03 8.82 -14.52
N ASN C 211 -1.91 7.73 -13.74
CA ASN C 211 -1.11 6.62 -14.24
CA ASN C 211 -1.13 6.60 -14.23
C ASN C 211 -1.76 6.01 -15.49
N ASP C 212 -3.10 6.11 -15.60
CA ASP C 212 -3.82 5.68 -16.81
C ASP C 212 -3.30 6.42 -18.06
N ALA C 213 -3.26 7.75 -18.02
CA ALA C 213 -2.78 8.53 -19.17
C ALA C 213 -1.31 8.28 -19.47
N ILE C 214 -0.46 8.11 -18.43
CA ILE C 214 0.96 7.88 -18.71
C ILE C 214 1.15 6.54 -19.40
N LYS C 215 0.39 5.52 -18.98
CA LYS C 215 0.51 4.22 -19.64
C LYS C 215 0.03 4.30 -21.08
N ARG C 216 -1.14 4.93 -21.32
CA ARG C 216 -1.61 5.02 -22.70
C ARG C 216 -0.63 5.79 -23.57
N GLY C 217 -0.03 6.85 -23.01
CA GLY C 217 0.83 7.72 -23.81
C GLY C 217 2.18 7.10 -24.14
N THR C 218 2.77 6.38 -23.17
CA THR C 218 4.16 5.92 -23.29
C THR C 218 4.32 4.41 -23.10
N ASP C 219 3.37 3.75 -22.46
CA ASP C 219 3.47 2.34 -22.06
C ASP C 219 4.71 2.07 -21.23
N HIS C 220 5.23 3.09 -20.55
CA HIS C 220 6.42 2.91 -19.71
C HIS C 220 6.10 2.17 -18.44
N LEU C 221 6.96 1.23 -18.07
CA LEU C 221 6.98 0.76 -16.70
C LEU C 221 7.19 1.92 -15.75
N LEU C 222 6.37 1.97 -14.70
CA LEU C 222 6.54 3.00 -13.67
C LEU C 222 7.24 2.48 -12.42
N SER C 223 7.03 1.20 -12.08
CA SER C 223 7.60 0.63 -10.87
C SER C 223 9.12 0.82 -10.89
N GLY C 224 9.68 1.22 -9.74
CA GLY C 224 11.12 1.29 -9.60
C GLY C 224 11.73 2.56 -10.12
N LYS C 225 10.94 3.44 -10.75
CA LYS C 225 11.47 4.67 -11.33
C LYS C 225 11.14 5.86 -10.42
N GLN C 226 11.79 6.97 -10.69
CA GLN C 226 11.82 8.15 -9.83
C GLN C 226 10.88 9.20 -10.38
N ALA C 227 10.00 9.72 -9.53
CA ALA C 227 9.06 10.74 -9.96
C ALA C 227 9.20 11.97 -9.08
N LEU C 228 8.87 13.13 -9.66
CA LEU C 228 8.78 14.38 -8.91
C LEU C 228 7.40 14.93 -9.18
N VAL C 229 6.61 15.05 -8.14
CA VAL C 229 5.30 15.69 -8.23
C VAL C 229 5.42 17.11 -7.67
N ILE C 230 5.07 18.11 -8.49
CA ILE C 230 5.10 19.49 -8.06
C ILE C 230 3.70 19.82 -7.56
N GLY C 231 3.56 19.97 -6.25
CA GLY C 231 2.28 20.30 -5.64
C GLY C 231 1.76 19.12 -4.84
N TYR C 232 1.08 19.42 -3.73
CA TYR C 232 0.50 18.39 -2.87
C TYR C 232 -0.83 18.88 -2.31
N GLY C 233 -1.59 19.63 -3.12
CA GLY C 233 -2.99 19.93 -2.85
C GLY C 233 -3.83 18.70 -3.16
N ASP C 234 -5.10 18.88 -3.52
CA ASP C 234 -5.92 17.69 -3.75
C ASP C 234 -5.45 16.92 -4.97
N VAL C 235 -5.11 17.63 -6.05
CA VAL C 235 -4.62 16.97 -7.26
C VAL C 235 -3.24 16.35 -7.02
N GLY C 236 -2.35 17.06 -6.33
CA GLY C 236 -1.03 16.49 -6.05
C GLY C 236 -1.07 15.28 -5.12
N LYS C 237 -2.02 15.27 -4.19
CA LYS C 237 -2.22 14.10 -3.34
C LYS C 237 -2.62 12.89 -4.17
N GLY C 238 -3.62 13.05 -5.05
CA GLY C 238 -4.10 11.92 -5.85
C GLY C 238 -3.09 11.50 -6.89
N SER C 239 -2.39 12.47 -7.48
CA SER C 239 -1.31 12.16 -8.43
C SER C 239 -0.17 11.41 -7.76
N SER C 240 0.27 11.85 -6.57
CA SER C 240 1.37 11.16 -5.90
C SER C 240 0.98 9.72 -5.59
N GLN C 241 -0.27 9.51 -5.17
CA GLN C 241 -0.74 8.16 -4.89
CA GLN C 241 -0.75 8.16 -4.89
C GLN C 241 -0.84 7.34 -6.17
N SER C 242 -1.33 7.95 -7.26
CA SER C 242 -1.40 7.27 -8.56
C SER C 242 -0.04 6.65 -8.95
N LEU C 243 1.03 7.39 -8.67
CA LEU C 243 2.37 6.92 -9.04
C LEU C 243 2.93 5.97 -7.99
N ARG C 244 2.81 6.32 -6.71
CA ARG C 244 3.39 5.47 -5.66
C ARG C 244 2.75 4.09 -5.65
N GLN C 245 1.43 4.01 -5.92
CA GLN C 245 0.76 2.70 -5.90
C GLN C 245 1.25 1.80 -7.03
N GLU C 246 1.83 2.39 -8.07
CA GLU C 246 2.48 1.64 -9.13
C GLU C 246 3.90 1.24 -8.77
N GLY C 247 4.44 1.68 -7.63
CA GLY C 247 5.83 1.37 -7.28
C GLY C 247 6.85 2.44 -7.65
N MET C 248 6.40 3.64 -8.04
CA MET C 248 7.37 4.71 -8.28
C MET C 248 7.97 5.14 -6.95
N ILE C 249 9.20 5.63 -7.00
CA ILE C 249 9.80 6.35 -5.87
C ILE C 249 9.45 7.81 -6.08
N VAL C 250 8.51 8.33 -5.28
CA VAL C 250 7.89 9.62 -5.51
C VAL C 250 8.49 10.63 -4.53
N LYS C 251 8.98 11.76 -5.07
CA LYS C 251 9.35 12.95 -4.30
C LYS C 251 8.34 14.04 -4.60
N VAL C 252 8.14 14.93 -3.63
CA VAL C 252 7.07 15.93 -3.67
C VAL C 252 7.68 17.31 -3.41
N ALA C 253 7.25 18.31 -4.19
CA ALA C 253 7.61 19.69 -3.96
C ALA C 253 6.36 20.46 -3.55
N GLU C 254 6.51 21.41 -2.63
CA GLU C 254 5.39 22.24 -2.19
C GLU C 254 5.93 23.58 -1.76
N VAL C 255 5.08 24.60 -1.88
CA VAL C 255 5.34 25.89 -1.23
C VAL C 255 4.57 25.99 0.09
N ASP C 256 3.53 25.19 0.28
CA ASP C 256 2.68 25.27 1.47
C ASP C 256 3.22 24.30 2.51
N PRO C 257 3.74 24.77 3.66
CA PRO C 257 4.36 23.82 4.60
C PRO C 257 3.36 22.85 5.19
N ILE C 258 2.08 23.22 5.28
CA ILE C 258 1.09 22.27 5.79
C ILE C 258 0.91 21.12 4.82
N CYS C 259 0.76 21.41 3.52
CA CYS C 259 0.70 20.32 2.56
C CYS C 259 2.01 19.52 2.53
N ALA C 260 3.14 20.19 2.73
CA ALA C 260 4.43 19.46 2.75
C ALA C 260 4.50 18.53 3.96
N MET C 261 3.96 18.95 5.10
N MET C 261 3.95 18.94 5.10
CA MET C 261 3.89 18.06 6.26
CA MET C 261 3.88 18.06 6.27
C MET C 261 3.06 16.82 5.95
C MET C 261 3.05 16.82 5.97
N GLN C 262 1.94 16.99 5.26
CA GLN C 262 1.12 15.84 4.89
C GLN C 262 1.90 14.89 3.99
N ALA C 263 2.66 15.45 3.04
CA ALA C 263 3.48 14.61 2.17
C ALA C 263 4.49 13.79 2.97
N CYS C 264 5.14 14.41 3.95
CA CYS C 264 6.09 13.66 4.79
C CYS C 264 5.40 12.51 5.52
N MET C 265 4.28 12.81 6.19
CA MET C 265 3.57 11.78 6.98
C MET C 265 3.00 10.70 6.08
N ASP C 266 2.67 11.07 4.83
CA ASP C 266 2.19 10.10 3.86
C ASP C 266 3.31 9.22 3.30
N GLY C 267 4.55 9.52 3.64
CA GLY C 267 5.66 8.66 3.25
C GLY C 267 6.47 9.11 2.06
N PHE C 268 6.44 10.40 1.73
CA PHE C 268 7.19 10.97 0.62
C PHE C 268 8.32 11.86 1.14
N GLU C 269 9.41 11.88 0.39
CA GLU C 269 10.47 12.83 0.61
C GLU C 269 10.07 14.14 -0.03
N VAL C 270 10.19 15.25 0.70
CA VAL C 270 9.84 16.58 0.19
C VAL C 270 11.11 17.32 -0.20
N VAL C 271 11.20 17.69 -1.49
CA VAL C 271 12.39 18.29 -2.07
C VAL C 271 11.97 19.54 -2.85
N SER C 272 12.95 20.39 -3.12
CA SER C 272 12.72 21.51 -4.01
C SER C 272 13.56 21.35 -5.26
N PRO C 273 13.04 21.73 -6.43
CA PRO C 273 13.92 21.80 -7.62
C PRO C 273 15.05 22.82 -7.48
N TYR C 274 14.96 23.76 -6.53
CA TYR C 274 15.98 24.80 -6.34
C TYR C 274 16.74 24.55 -5.05
N LYS C 275 18.04 24.88 -5.07
CA LYS C 275 18.87 24.75 -3.88
C LYS C 275 18.31 25.62 -2.76
N ASN C 276 18.10 25.00 -1.61
CA ASN C 276 17.50 25.64 -0.43
C ASN C 276 16.11 26.18 -0.70
N GLY C 277 15.46 25.71 -1.77
CA GLY C 277 14.15 26.22 -2.15
C GLY C 277 14.12 27.60 -2.78
N ILE C 278 15.25 28.18 -3.15
CA ILE C 278 15.32 29.59 -3.56
C ILE C 278 15.32 29.67 -5.09
N ASN C 279 14.22 30.16 -5.68
CA ASN C 279 14.03 30.24 -7.13
C ASN C 279 14.37 31.66 -7.59
N ASP C 280 15.67 31.92 -7.79
CA ASP C 280 16.14 33.24 -8.20
C ASP C 280 16.31 33.38 -9.71
N GLY C 281 15.95 32.37 -10.51
CA GLY C 281 15.98 32.48 -11.96
C GLY C 281 17.30 32.13 -12.63
N THR C 282 18.35 31.82 -11.88
CA THR C 282 19.66 31.47 -12.44
C THR C 282 19.79 29.96 -12.59
N GLU C 283 20.64 29.55 -13.54
CA GLU C 283 20.91 28.12 -13.68
C GLU C 283 21.59 27.56 -12.45
N ALA C 284 22.39 28.38 -11.76
CA ALA C 284 23.04 27.96 -10.53
C ALA C 284 22.06 27.55 -9.44
N SER C 285 20.83 28.06 -9.47
CA SER C 285 19.87 27.73 -8.43
C SER C 285 19.27 26.34 -8.61
N ILE C 286 19.47 25.69 -9.75
CA ILE C 286 18.86 24.39 -10.02
C ILE C 286 19.62 23.29 -9.30
N ASP C 287 18.90 22.47 -8.53
CA ASP C 287 19.47 21.25 -7.96
C ASP C 287 19.59 20.25 -9.11
N ALA C 288 20.67 20.40 -9.88
CA ALA C 288 20.87 19.54 -11.05
C ALA C 288 21.04 18.08 -10.65
N ALA C 289 21.65 17.82 -9.49
CA ALA C 289 21.82 16.44 -9.05
C ALA C 289 20.48 15.77 -8.86
N LEU C 290 19.54 16.47 -8.22
CA LEU C 290 18.20 15.92 -8.03
C LEU C 290 17.48 15.73 -9.37
N LEU C 291 17.44 16.78 -10.22
CA LEU C 291 16.68 16.68 -11.46
C LEU C 291 17.28 15.66 -12.44
N GLY C 292 18.60 15.45 -12.40
CA GLY C 292 19.22 14.47 -13.26
C GLY C 292 18.87 13.03 -12.93
N LYS C 293 18.11 12.79 -11.85
CA LYS C 293 17.68 11.46 -11.43
C LYS C 293 16.21 11.22 -11.63
N ILE C 294 15.46 12.21 -12.13
CA ILE C 294 14.00 12.14 -12.19
C ILE C 294 13.59 11.60 -13.55
N ASP C 295 12.80 10.52 -13.54
CA ASP C 295 12.28 9.91 -14.76
C ASP C 295 10.93 10.49 -15.17
N LEU C 296 10.22 11.13 -14.26
CA LEU C 296 8.88 11.64 -14.55
C LEU C 296 8.61 12.84 -13.66
N ILE C 297 8.18 13.94 -14.25
CA ILE C 297 7.74 15.10 -13.49
C ILE C 297 6.29 15.39 -13.86
N VAL C 298 5.48 15.64 -12.83
CA VAL C 298 4.06 15.95 -12.97
C VAL C 298 3.78 17.25 -12.23
N THR C 299 3.16 18.22 -12.92
CA THR C 299 2.76 19.47 -12.28
C THR C 299 1.27 19.42 -11.94
N THR C 300 0.94 19.86 -10.71
CA THR C 300 -0.41 19.74 -10.16
C THR C 300 -0.89 21.04 -9.48
N THR C 301 -0.34 22.21 -9.82
CA THR C 301 -0.40 23.36 -8.90
C THR C 301 -1.50 24.37 -9.20
N GLY C 302 -1.94 24.49 -10.46
CA GLY C 302 -2.72 25.66 -10.82
C GLY C 302 -1.95 26.98 -10.77
N ASN C 303 -0.62 26.91 -10.68
CA ASN C 303 0.29 28.06 -10.65
C ASN C 303 1.02 28.14 -12.00
N VAL C 304 1.85 29.16 -12.16
CA VAL C 304 2.53 29.43 -13.43
C VAL C 304 4.01 29.07 -13.30
N ASN C 305 4.53 28.37 -14.31
CA ASN C 305 5.97 28.15 -14.49
C ASN C 305 6.61 27.41 -13.30
N VAL C 306 5.96 26.32 -12.88
CA VAL C 306 6.50 25.50 -11.78
C VAL C 306 7.36 24.37 -12.33
N CYS C 307 7.39 24.17 -13.64
CA CYS C 307 8.42 23.36 -14.31
C CYS C 307 9.06 24.29 -15.35
N ASP C 308 10.13 24.98 -14.98
CA ASP C 308 10.61 26.09 -15.79
C ASP C 308 11.71 25.64 -16.76
N ALA C 309 12.22 26.60 -17.54
CA ALA C 309 13.24 26.31 -18.56
C ALA C 309 14.45 25.62 -17.95
N ASN C 310 14.98 26.14 -16.85
CA ASN C 310 16.20 25.58 -16.27
C ASN C 310 15.97 24.19 -15.70
N MET C 311 14.76 23.90 -15.21
CA MET C 311 14.44 22.55 -14.78
C MET C 311 14.41 21.61 -15.97
N LEU C 312 13.77 22.05 -17.07
CA LEU C 312 13.71 21.24 -18.28
C LEU C 312 15.10 20.94 -18.81
N LYS C 313 16.00 21.92 -18.73
CA LYS C 313 17.39 21.73 -19.17
C LYS C 313 18.09 20.69 -18.32
N ALA C 314 17.72 20.58 -17.05
CA ALA C 314 18.47 19.77 -16.10
C ALA C 314 17.92 18.36 -15.95
N LEU C 315 16.75 18.08 -16.49
CA LEU C 315 16.12 16.78 -16.27
C LEU C 315 16.90 15.66 -16.93
N LYS C 316 16.84 14.50 -16.29
CA LYS C 316 17.40 13.27 -16.84
C LYS C 316 16.98 13.06 -18.29
N LYS C 317 17.92 12.61 -19.13
CA LYS C 317 17.58 12.29 -20.51
C LYS C 317 16.43 11.28 -20.55
N ARG C 318 15.47 11.54 -21.43
CA ARG C 318 14.32 10.67 -21.71
C ARG C 318 13.26 10.69 -20.62
N ALA C 319 13.33 11.63 -19.69
CA ALA C 319 12.25 11.82 -18.71
C ALA C 319 10.94 12.17 -19.40
N VAL C 320 9.83 11.81 -18.74
CA VAL C 320 8.49 12.22 -19.14
C VAL C 320 8.08 13.46 -18.37
N VAL C 321 7.42 14.39 -19.06
CA VAL C 321 6.99 15.66 -18.51
C VAL C 321 5.50 15.77 -18.78
N CYS C 322 4.71 16.03 -17.74
CA CYS C 322 3.29 16.25 -17.99
C CYS C 322 2.71 17.15 -16.91
N ASN C 323 1.49 17.62 -17.19
CA ASN C 323 0.77 18.57 -16.36
C ASN C 323 -0.66 18.09 -16.18
N ILE C 324 -1.14 18.09 -14.94
CA ILE C 324 -2.51 17.68 -14.66
C ILE C 324 -3.28 18.80 -13.97
N GLY C 325 -2.67 20.00 -13.86
CA GLY C 325 -3.43 21.19 -13.53
C GLY C 325 -4.20 21.71 -14.73
N HIS C 326 -5.08 22.69 -14.49
CA HIS C 326 -6.06 23.06 -15.51
C HIS C 326 -5.43 23.65 -16.78
N PHE C 327 -4.39 24.48 -16.64
CA PHE C 327 -3.83 25.23 -17.77
C PHE C 327 -2.40 24.79 -18.03
N ASP C 328 -1.98 24.93 -19.30
CA ASP C 328 -0.69 24.43 -19.77
C ASP C 328 0.50 25.34 -19.48
N ASN C 329 0.31 26.44 -18.76
CA ASN C 329 1.48 27.25 -18.44
C ASN C 329 2.18 26.82 -17.17
N GLU C 330 1.78 25.70 -16.56
CA GLU C 330 2.55 25.18 -15.43
C GLU C 330 3.96 24.79 -15.85
N ILE C 331 4.10 24.25 -17.06
CA ILE C 331 5.37 23.90 -17.70
C ILE C 331 5.72 25.00 -18.70
N ASP C 332 7.01 25.34 -18.81
CA ASP C 332 7.45 26.32 -19.82
C ASP C 332 7.58 25.63 -21.18
N THR C 333 6.42 25.33 -21.77
CA THR C 333 6.41 24.76 -23.11
C THR C 333 6.81 25.79 -24.16
N ALA C 334 6.56 27.08 -23.90
CA ALA C 334 6.98 28.10 -24.86
C ALA C 334 8.49 28.09 -25.05
N PHE C 335 9.25 27.93 -23.97
CA PHE C 335 10.70 27.82 -24.08
C PHE C 335 11.08 26.63 -24.97
N MET C 336 10.39 25.50 -24.80
CA MET C 336 10.69 24.31 -25.60
C MET C 336 10.30 24.51 -27.06
N ARG C 337 9.17 25.18 -27.33
CA ARG C 337 8.80 25.48 -28.71
C ARG C 337 9.86 26.34 -29.38
N LYS C 338 10.47 27.25 -28.65
CA LYS C 338 11.38 28.20 -29.25
C LYS C 338 12.76 27.59 -29.51
N ASN C 339 13.20 26.65 -28.68
CA ASN C 339 14.59 26.24 -28.70
C ASN C 339 14.83 24.80 -29.12
N TRP C 340 13.83 23.93 -29.04
CA TRP C 340 14.07 22.50 -29.22
C TRP C 340 13.18 21.96 -30.32
N ALA C 341 13.62 20.84 -30.90
CA ALA C 341 12.90 20.24 -32.02
C ALA C 341 11.89 19.23 -31.49
N TRP C 342 10.63 19.36 -31.94
CA TRP C 342 9.58 18.46 -31.50
C TRP C 342 9.39 17.34 -32.52
N GLU C 343 9.33 16.10 -32.05
CA GLU C 343 9.08 14.94 -32.89
C GLU C 343 7.80 14.29 -32.39
N GLU C 344 6.75 14.30 -33.21
CA GLU C 344 5.54 13.63 -32.76
C GLU C 344 5.75 12.12 -32.77
N VAL C 345 5.53 11.47 -31.62
CA VAL C 345 5.47 10.02 -31.61
C VAL C 345 4.13 9.52 -32.13
N LYS C 346 3.06 10.06 -31.57
CA LYS C 346 1.68 9.80 -31.95
C LYS C 346 0.86 10.93 -31.34
N PRO C 347 -0.44 11.05 -31.67
CA PRO C 347 -1.20 12.19 -31.16
C PRO C 347 -1.01 12.38 -29.65
N GLN C 348 -0.78 13.64 -29.26
CA GLN C 348 -0.55 14.04 -27.86
C GLN C 348 0.69 13.37 -27.23
N VAL C 349 1.68 12.96 -28.02
CA VAL C 349 2.93 12.46 -27.47
C VAL C 349 4.07 13.01 -28.34
N HIS C 350 4.91 13.86 -27.78
CA HIS C 350 6.03 14.41 -28.53
C HIS C 350 7.35 14.13 -27.81
N LYS C 351 8.36 13.73 -28.59
CA LYS C 351 9.75 13.76 -28.16
C LYS C 351 10.31 15.15 -28.44
N ILE C 352 10.94 15.73 -27.43
CA ILE C 352 11.47 17.08 -27.51
C ILE C 352 12.98 16.96 -27.46
N HIS C 353 13.63 17.24 -28.58
CA HIS C 353 15.06 17.00 -28.72
C HIS C 353 15.84 18.22 -28.24
N ARG C 354 16.61 18.04 -27.18
CA ARG C 354 17.38 19.13 -26.60
C ARG C 354 18.67 19.42 -27.37
N THR C 355 18.84 18.82 -28.55
CA THR C 355 20.03 19.04 -29.37
C THR C 355 19.94 20.25 -30.30
N GLY C 356 18.82 20.96 -30.30
CA GLY C 356 18.66 22.13 -31.15
C GLY C 356 17.27 22.22 -31.74
N LYS C 357 17.07 23.24 -32.58
CA LYS C 357 15.77 23.62 -33.14
C LYS C 357 15.51 23.03 -34.52
N ASP C 358 16.48 23.02 -35.42
CA ASP C 358 16.25 22.67 -36.83
C ASP C 358 16.62 21.22 -37.05
N GLY C 359 15.61 20.36 -37.13
CA GLY C 359 15.83 18.95 -37.34
C GLY C 359 16.36 18.25 -36.11
N PHE C 360 16.46 16.93 -36.21
CA PHE C 360 16.93 16.11 -35.11
C PHE C 360 17.47 14.82 -35.69
N ASP C 361 18.31 14.16 -34.92
CA ASP C 361 18.70 12.79 -35.21
C ASP C 361 17.59 11.88 -34.71
N ALA C 362 17.03 11.05 -35.61
CA ALA C 362 15.93 10.18 -35.16
C ALA C 362 16.38 9.22 -34.06
N HIS C 363 17.68 8.99 -33.94
CA HIS C 363 18.25 8.13 -32.91
C HIS C 363 18.91 8.94 -31.79
N ASN C 364 18.64 10.23 -31.73
CA ASN C 364 19.16 11.05 -30.63
C ASN C 364 18.67 10.49 -29.30
N ASP C 365 19.54 10.52 -28.29
CA ASP C 365 19.22 10.03 -26.95
C ASP C 365 18.85 11.14 -25.98
N ASP C 366 19.11 12.40 -26.34
CA ASP C 366 18.87 13.53 -25.44
C ASP C 366 17.55 14.20 -25.82
N TYR C 367 16.46 13.61 -25.37
CA TYR C 367 15.11 14.17 -25.54
C TYR C 367 14.31 13.97 -24.26
N LEU C 368 13.25 14.76 -24.11
CA LEU C 368 12.20 14.58 -23.12
C LEU C 368 10.94 14.11 -23.83
N ILE C 369 10.07 13.42 -23.12
CA ILE C 369 8.76 13.09 -23.69
C ILE C 369 7.71 13.96 -23.01
N LEU C 370 7.04 14.81 -23.80
CA LEU C 370 5.97 15.66 -23.30
C LEU C 370 4.62 15.07 -23.67
N LEU C 371 3.71 14.99 -22.70
CA LEU C 371 2.37 14.44 -22.92
C LEU C 371 1.38 15.58 -23.10
N ALA C 372 0.50 15.44 -24.10
CA ALA C 372 -0.63 16.35 -24.35
C ALA C 372 -0.20 17.78 -24.54
N GLU C 373 1.03 17.99 -25.04
CA GLU C 373 1.57 19.34 -25.23
C GLU C 373 1.46 20.19 -23.96
N GLY C 374 1.57 19.56 -22.79
CA GLY C 374 1.47 20.31 -21.55
C GLY C 374 0.06 20.56 -21.03
N ARG C 375 -0.98 20.19 -21.77
CA ARG C 375 -2.36 20.36 -21.32
C ARG C 375 -2.74 19.22 -20.38
N LEU C 376 -3.86 19.39 -19.65
CA LEU C 376 -4.30 18.38 -18.68
C LEU C 376 -4.10 16.96 -19.21
N VAL C 377 -3.22 16.17 -18.56
CA VAL C 377 -2.77 14.95 -19.21
C VAL C 377 -3.79 13.82 -19.06
N ASN C 378 -4.55 13.78 -17.97
CA ASN C 378 -5.49 12.68 -17.78
C ASN C 378 -6.57 12.72 -18.85
N LEU C 379 -7.01 13.91 -19.23
CA LEU C 379 -8.01 14.04 -20.28
C LEU C 379 -7.40 14.02 -21.67
N GLY C 380 -6.18 14.54 -21.84
CA GLY C 380 -5.56 14.60 -23.16
C GLY C 380 -5.07 13.24 -23.65
N ASN C 381 -4.51 12.43 -22.74
CA ASN C 381 -3.92 11.15 -23.13
C ASN C 381 -4.74 9.94 -22.69
N ALA C 382 -5.80 10.14 -21.90
CA ALA C 382 -6.73 9.05 -21.60
C ALA C 382 -8.14 9.61 -21.61
N THR C 383 -9.01 9.28 -20.63
CA THR C 383 -10.40 9.75 -20.69
C THR C 383 -10.77 10.52 -19.42
N GLY C 384 -9.79 11.04 -18.69
CA GLY C 384 -10.14 11.76 -17.47
C GLY C 384 -10.66 10.82 -16.39
N HIS C 385 -11.42 11.41 -15.47
CA HIS C 385 -11.87 10.64 -14.31
C HIS C 385 -12.96 9.67 -14.73
N PRO C 386 -13.15 8.59 -13.96
CA PRO C 386 -14.19 7.61 -14.29
C PRO C 386 -15.58 8.08 -13.88
N SER C 387 -16.57 7.49 -14.55
CA SER C 387 -17.98 7.90 -14.38
C SER C 387 -18.39 7.89 -12.91
N ARG C 388 -17.97 6.87 -12.15
CA ARG C 388 -18.47 6.74 -10.78
C ARG C 388 -17.92 7.85 -9.89
N ILE C 389 -16.75 8.40 -10.24
CA ILE C 389 -16.23 9.56 -9.51
C ILE C 389 -16.90 10.83 -9.99
N MET C 390 -17.02 11.01 -11.33
CA MET C 390 -17.67 12.22 -11.85
C MET C 390 -19.13 12.33 -11.44
N ASP C 391 -19.76 11.20 -11.11
CA ASP C 391 -21.12 11.20 -10.55
C ASP C 391 -21.27 12.24 -9.42
N GLY C 392 -20.31 12.24 -8.50
CA GLY C 392 -20.37 13.18 -7.39
C GLY C 392 -20.24 14.62 -7.84
N SER C 393 -19.24 14.90 -8.68
CA SER C 393 -19.07 16.28 -9.15
C SER C 393 -20.32 16.77 -9.86
N PHE C 394 -20.93 15.90 -10.66
CA PHE C 394 -22.00 16.34 -11.52
C PHE C 394 -23.36 16.31 -10.84
N ALA C 395 -23.58 15.45 -9.83
CA ALA C 395 -24.74 15.65 -8.98
C ALA C 395 -24.71 17.02 -8.32
N ASN C 396 -23.54 17.44 -7.84
CA ASN C 396 -23.40 18.80 -7.31
C ASN C 396 -23.71 19.86 -8.37
N GLN C 397 -23.20 19.67 -9.61
CA GLN C 397 -23.51 20.62 -10.66
C GLN C 397 -25.02 20.76 -10.89
N VAL C 398 -25.73 19.63 -10.93
CA VAL C 398 -27.19 19.71 -11.17
C VAL C 398 -27.90 20.40 -10.01
N LEU C 399 -27.53 20.07 -8.78
CA LEU C 399 -28.13 20.76 -7.63
C LEU C 399 -27.81 22.25 -7.65
N ALA C 400 -26.58 22.61 -8.05
CA ALA C 400 -26.18 24.02 -8.10
C ALA C 400 -26.94 24.77 -9.18
N GLN C 401 -27.12 24.15 -10.36
CA GLN C 401 -27.94 24.76 -11.42
C GLN C 401 -29.38 24.97 -10.96
N ILE C 402 -29.96 23.96 -10.30
CA ILE C 402 -31.34 24.11 -9.82
C ILE C 402 -31.43 25.26 -8.84
N HIS C 403 -30.47 25.33 -7.90
CA HIS C 403 -30.57 26.34 -6.85
C HIS C 403 -30.49 27.75 -7.43
N LEU C 404 -29.51 28.02 -8.30
CA LEU C 404 -29.36 29.39 -8.80
C LEU C 404 -30.47 29.73 -9.78
N PHE C 405 -30.91 28.75 -10.58
CA PHE C 405 -32.02 29.03 -11.49
C PHE C 405 -33.30 29.40 -10.73
N GLU C 406 -33.61 28.63 -9.67
CA GLU C 406 -34.81 28.92 -8.91
C GLU C 406 -34.72 30.24 -8.15
N GLN C 407 -33.50 30.67 -7.79
CA GLN C 407 -33.35 31.96 -7.13
C GLN C 407 -33.65 33.16 -8.05
N LYS C 408 -33.48 33.00 -9.38
CA LYS C 408 -33.85 34.02 -10.38
C LYS C 408 -33.18 35.38 -10.13
N TYR C 409 -31.86 35.34 -9.83
CA TYR C 409 -31.10 36.58 -9.58
C TYR C 409 -31.42 37.69 -10.57
N ALA C 410 -31.47 37.35 -11.87
CA ALA C 410 -31.61 38.39 -12.89
C ALA C 410 -32.94 39.12 -12.81
N ASP C 411 -33.94 38.53 -12.17
CA ASP C 411 -35.27 39.15 -12.06
C ASP C 411 -35.47 39.85 -10.72
N LEU C 412 -34.48 39.84 -9.84
CA LEU C 412 -34.68 40.41 -8.51
C LEU C 412 -34.50 41.94 -8.54
N PRO C 413 -35.19 42.64 -7.63
CA PRO C 413 -34.92 44.07 -7.44
C PRO C 413 -33.47 44.31 -7.05
N ALA C 414 -33.02 45.54 -7.27
CA ALA C 414 -31.59 45.83 -7.09
C ALA C 414 -31.10 45.50 -5.68
N ALA C 415 -31.87 45.84 -4.65
CA ALA C 415 -31.38 45.59 -3.29
C ALA C 415 -31.26 44.10 -3.03
N GLU C 416 -32.16 43.32 -3.61
CA GLU C 416 -32.08 41.87 -3.43
C GLU C 416 -30.89 41.30 -4.19
N LYS C 417 -30.61 41.83 -5.39
CA LYS C 417 -29.42 41.42 -6.12
C LYS C 417 -28.16 41.68 -5.30
N ALA C 418 -28.07 42.86 -4.67
CA ALA C 418 -26.86 43.21 -3.94
C ALA C 418 -26.60 42.25 -2.80
N LYS C 419 -27.66 41.73 -2.16
CA LYS C 419 -27.48 40.75 -1.09
C LYS C 419 -27.14 39.36 -1.59
N ARG C 420 -27.41 39.05 -2.85
CA ARG C 420 -27.18 37.71 -3.33
C ARG C 420 -26.00 37.62 -4.29
N LEU C 421 -25.30 38.73 -4.54
CA LEU C 421 -24.17 38.71 -5.47
C LEU C 421 -22.95 38.19 -4.71
N SER C 422 -22.73 36.89 -4.80
CA SER C 422 -21.74 36.22 -3.97
C SER C 422 -21.27 34.97 -4.68
N VAL C 423 -20.21 34.37 -4.13
CA VAL C 423 -19.74 33.05 -4.52
C VAL C 423 -19.92 32.14 -3.31
N GLU C 424 -20.79 31.13 -3.44
CA GLU C 424 -21.17 30.28 -2.32
C GLU C 424 -20.96 28.81 -2.67
N VAL C 425 -20.92 27.98 -1.63
CA VAL C 425 -20.94 26.53 -1.79
C VAL C 425 -22.35 26.04 -1.47
N LEU C 426 -22.66 24.83 -1.96
CA LEU C 426 -23.91 24.17 -1.59
C LEU C 426 -23.90 23.84 -0.10
N PRO C 427 -25.08 23.82 0.53
CA PRO C 427 -25.19 23.40 1.94
C PRO C 427 -24.68 21.97 2.18
N LYS C 428 -24.16 21.74 3.39
CA LYS C 428 -23.58 20.44 3.72
C LYS C 428 -24.62 19.33 3.66
N LYS C 429 -25.89 19.63 3.98
CA LYS C 429 -26.94 18.60 3.86
C LYS C 429 -26.99 18.01 2.44
N LEU C 430 -26.80 18.84 1.41
CA LEU C 430 -26.83 18.33 0.04
C LEU C 430 -25.55 17.55 -0.29
N ASP C 431 -24.40 18.04 0.17
CA ASP C 431 -23.14 17.29 0.06
C ASP C 431 -23.30 15.88 0.61
N GLU C 432 -23.95 15.76 1.79
CA GLU C 432 -24.17 14.44 2.39
C GLU C 432 -25.13 13.59 1.55
N GLU C 433 -26.21 14.19 1.03
CA GLU C 433 -27.13 13.43 0.20
C GLU C 433 -26.45 12.89 -1.06
N VAL C 434 -25.54 13.67 -1.67
CA VAL C 434 -24.78 13.14 -2.81
C VAL C 434 -23.91 11.96 -2.37
N ALA C 435 -23.18 12.13 -1.28
CA ALA C 435 -22.29 11.07 -0.79
C ALA C 435 -23.08 9.80 -0.50
N LEU C 436 -24.25 9.94 0.11
CA LEU C 436 -25.07 8.79 0.42
C LEU C 436 -25.41 7.99 -0.83
N GLU C 437 -25.77 8.66 -1.93
CA GLU C 437 -26.04 7.92 -3.15
C GLU C 437 -24.77 7.26 -3.68
N MET C 438 -23.63 7.93 -3.55
CA MET C 438 -22.38 7.32 -4.01
C MET C 438 -22.07 6.08 -3.20
N VAL C 439 -22.23 6.15 -1.88
CA VAL C 439 -21.92 5.01 -1.04
C VAL C 439 -22.81 3.83 -1.41
N LYS C 440 -24.10 4.11 -1.59
CA LYS C 440 -25.02 3.05 -1.99
C LYS C 440 -24.63 2.43 -3.32
N GLY C 441 -24.03 3.22 -4.21
CA GLY C 441 -23.57 2.67 -5.48
C GLY C 441 -22.44 1.66 -5.34
N PHE C 442 -21.67 1.74 -4.26
CA PHE C 442 -20.68 0.71 -3.89
C PHE C 442 -21.26 -0.45 -3.10
N GLY C 443 -22.57 -0.44 -2.84
CA GLY C 443 -23.15 -1.40 -1.92
C GLY C 443 -22.83 -1.15 -0.46
N GLY C 444 -22.27 0.01 -0.13
CA GLY C 444 -22.05 0.36 1.26
C GLY C 444 -23.36 0.62 1.99
N VAL C 445 -23.33 0.46 3.31
CA VAL C 445 -24.50 0.60 4.17
C VAL C 445 -24.13 1.59 5.26
N VAL C 446 -24.78 2.77 5.26
CA VAL C 446 -24.53 3.79 6.28
C VAL C 446 -25.42 3.50 7.49
N THR C 447 -24.84 3.58 8.69
CA THR C 447 -25.57 3.28 9.91
C THR C 447 -26.37 4.52 10.31
N GLN C 448 -27.56 4.31 10.85
CA GLN C 448 -28.39 5.40 11.33
C GLN C 448 -28.18 5.56 12.82
N LEU C 449 -27.92 6.80 13.26
CA LEU C 449 -27.79 7.08 14.69
C LEU C 449 -29.09 6.79 15.43
N THR C 450 -28.95 6.33 16.68
CA THR C 450 -30.11 6.33 17.55
C THR C 450 -30.38 7.75 18.01
N PRO C 451 -31.60 8.04 18.45
CA PRO C 451 -31.87 9.37 19.04
C PRO C 451 -30.87 9.77 20.12
N LYS C 452 -30.58 8.86 21.06
CA LYS C 452 -29.62 9.18 22.11
C LYS C 452 -28.23 9.46 21.56
N GLN C 453 -27.78 8.67 20.59
CA GLN C 453 -26.46 8.92 20.00
C GLN C 453 -26.42 10.25 19.25
N ALA C 454 -27.52 10.58 18.55
CA ALA C 454 -27.59 11.88 17.88
C ALA C 454 -27.55 13.02 18.89
N GLU C 455 -28.32 12.90 19.97
CA GLU C 455 -28.30 13.92 21.00
C GLU C 455 -26.92 14.05 21.62
N TYR C 456 -26.23 12.92 21.78
CA TYR C 456 -24.94 12.91 22.46
C TYR C 456 -23.89 13.70 21.69
N ILE C 457 -23.87 13.57 20.37
CA ILE C 457 -22.90 14.34 19.58
C ILE C 457 -23.49 15.63 19.05
N GLY C 458 -24.75 15.92 19.35
CA GLY C 458 -25.33 17.21 19.03
C GLY C 458 -25.74 17.38 17.58
N VAL C 459 -26.26 16.33 16.95
CA VAL C 459 -26.71 16.43 15.56
C VAL C 459 -28.11 15.85 15.44
N SER C 460 -28.74 16.16 14.30
CA SER C 460 -29.97 15.49 13.92
CA SER C 460 -29.97 15.50 13.89
C SER C 460 -29.65 14.09 13.37
N VAL C 461 -30.60 13.16 13.58
CA VAL C 461 -30.45 11.81 13.03
C VAL C 461 -30.32 11.87 11.52
N GLU C 462 -30.94 12.89 10.91
CA GLU C 462 -30.89 13.08 9.46
C GLU C 462 -29.67 13.87 9.00
N GLY C 463 -28.83 14.35 9.90
CA GLY C 463 -27.72 15.17 9.48
C GLY C 463 -28.18 16.61 9.43
N PRO C 464 -27.26 17.54 9.12
CA PRO C 464 -25.83 17.33 8.85
C PRO C 464 -25.08 16.78 10.06
N PHE C 465 -24.05 15.99 9.82
CA PHE C 465 -23.35 15.29 10.88
C PHE C 465 -22.10 16.00 11.39
N LYS C 466 -21.64 17.04 10.69
CA LYS C 466 -20.43 17.77 11.05
C LYS C 466 -20.68 19.28 11.00
N PRO C 467 -19.96 20.05 11.81
CA PRO C 467 -19.98 21.51 11.65
C PRO C 467 -19.36 21.92 10.32
N ASP C 468 -19.72 23.12 9.86
CA ASP C 468 -19.19 23.63 8.59
C ASP C 468 -17.67 23.76 8.63
N THR C 469 -17.07 23.89 9.81
CA THR C 469 -15.61 23.96 9.91
C THR C 469 -14.92 22.62 9.63
N TYR C 470 -15.64 21.52 9.51
CA TYR C 470 -14.99 20.21 9.50
C TYR C 470 -14.25 19.98 8.18
N ARG C 471 -13.04 19.39 8.24
CA ARG C 471 -12.19 19.28 7.06
C ARG C 471 -12.16 17.89 6.42
N TYR C 472 -12.71 16.88 7.09
CA TYR C 472 -12.71 15.52 6.59
C TYR C 472 -11.27 15.10 6.28
N GLY D 12 11.66 -5.20 -53.75
CA GLY D 12 10.22 -5.34 -53.67
C GLY D 12 9.76 -6.40 -52.68
N PHE D 13 9.97 -6.14 -51.39
CA PHE D 13 9.64 -7.11 -50.36
C PHE D 13 8.14 -7.20 -50.17
N THR D 14 7.57 -8.40 -50.38
CA THR D 14 6.14 -8.62 -50.21
C THR D 14 5.82 -9.81 -49.31
N ASP D 15 6.83 -10.44 -48.70
CA ASP D 15 6.66 -11.70 -47.98
C ASP D 15 6.22 -11.42 -46.54
N TYR D 16 4.96 -10.97 -46.42
CA TYR D 16 4.41 -10.57 -45.12
C TYR D 16 2.90 -10.39 -45.26
N LYS D 17 2.22 -10.20 -44.12
CA LYS D 17 0.82 -9.78 -44.12
C LYS D 17 0.52 -9.06 -42.82
N VAL D 18 0.17 -7.78 -42.91
CA VAL D 18 -0.08 -6.93 -41.75
C VAL D 18 -1.33 -6.13 -42.02
N ALA D 19 -1.84 -5.44 -40.99
CA ALA D 19 -3.07 -4.67 -41.21
C ALA D 19 -2.83 -3.45 -42.10
N ASP D 20 -1.70 -2.76 -41.94
CA ASP D 20 -1.51 -1.47 -42.60
C ASP D 20 -0.01 -1.15 -42.57
N ILE D 21 0.67 -1.39 -43.70
CA ILE D 21 2.10 -1.13 -43.79
C ILE D 21 2.42 0.33 -43.54
N THR D 22 1.46 1.25 -43.75
CA THR D 22 1.74 2.67 -43.58
C THR D 22 1.91 3.09 -42.12
N LEU D 23 1.62 2.19 -41.17
CA LEU D 23 1.93 2.45 -39.76
C LEU D 23 3.39 2.20 -39.42
N ALA D 24 4.24 1.87 -40.39
CA ALA D 24 5.59 1.41 -40.05
C ALA D 24 6.41 2.53 -39.42
N ALA D 25 6.27 3.76 -39.92
CA ALA D 25 7.05 4.87 -39.36
C ALA D 25 6.71 5.09 -37.89
N TRP D 26 5.42 4.99 -37.55
CA TRP D 26 5.01 5.07 -36.15
C TRP D 26 5.61 3.94 -35.34
N GLY D 27 5.53 2.71 -35.85
CA GLY D 27 6.10 1.58 -35.12
C GLY D 27 7.58 1.72 -34.89
N ARG D 28 8.30 2.26 -35.88
CA ARG D 28 9.74 2.46 -35.74
C ARG D 28 10.07 3.52 -34.68
N ARG D 29 9.26 4.58 -34.60
CA ARG D 29 9.44 5.53 -33.51
C ARG D 29 9.29 4.85 -32.15
N GLU D 30 8.31 3.97 -32.02
CA GLU D 30 8.12 3.31 -30.74
C GLU D 30 9.19 2.24 -30.50
N LEU D 31 9.73 1.61 -31.55
CA LEU D 31 10.84 0.69 -31.37
C LEU D 31 12.07 1.39 -30.82
N ILE D 32 12.38 2.58 -31.36
CA ILE D 32 13.53 3.34 -30.91
C ILE D 32 13.37 3.73 -29.45
N ILE D 33 12.16 4.07 -29.03
CA ILE D 33 11.91 4.31 -27.61
C ILE D 33 12.10 3.01 -26.81
N ALA D 34 11.47 1.93 -27.27
CA ALA D 34 11.52 0.68 -26.53
C ALA D 34 12.95 0.22 -26.33
N GLU D 35 13.80 0.43 -27.34
CA GLU D 35 15.19 0.03 -27.20
C GLU D 35 15.84 0.67 -25.98
N SER D 36 15.51 1.95 -25.71
CA SER D 36 16.07 2.63 -24.54
C SER D 36 15.49 2.11 -23.23
N GLU D 37 14.37 1.38 -23.28
CA GLU D 37 13.81 0.75 -22.09
C GLU D 37 14.25 -0.70 -21.91
N MET D 38 15.11 -1.26 -22.77
CA MET D 38 15.44 -2.68 -22.73
C MET D 38 16.95 -2.89 -22.70
N PRO D 39 17.60 -2.51 -21.59
CA PRO D 39 19.07 -2.56 -21.55
C PRO D 39 19.63 -3.98 -21.56
N ALA D 40 18.96 -4.97 -20.92
CA ALA D 40 19.55 -6.31 -20.94
C ALA D 40 19.51 -6.89 -22.35
N LEU D 41 18.37 -6.73 -23.04
CA LEU D 41 18.24 -7.22 -24.41
C LEU D 41 19.16 -6.46 -25.36
N MET D 42 19.14 -5.12 -25.27
N MET D 42 19.16 -5.12 -25.29
CA MET D 42 20.06 -4.30 -26.07
CA MET D 42 20.06 -4.35 -26.14
C MET D 42 21.50 -4.64 -25.78
C MET D 42 21.51 -4.59 -25.78
N GLY D 43 21.81 -4.87 -24.51
CA GLY D 43 23.17 -5.24 -24.13
C GLY D 43 23.65 -6.50 -24.83
N LEU D 44 22.77 -7.52 -24.90
CA LEU D 44 23.13 -8.76 -25.61
C LEU D 44 23.27 -8.51 -27.11
N ARG D 45 22.42 -7.66 -27.68
CA ARG D 45 22.53 -7.32 -29.09
C ARG D 45 23.92 -6.76 -29.39
N ARG D 46 24.38 -5.82 -28.55
CA ARG D 46 25.71 -5.23 -28.73
C ARG D 46 26.82 -6.22 -28.37
N LYS D 47 26.60 -7.09 -27.38
CA LYS D 47 27.64 -8.01 -26.95
C LYS D 47 27.96 -9.06 -28.01
N TYR D 48 26.93 -9.67 -28.58
CA TYR D 48 27.10 -10.82 -29.47
C TYR D 48 27.14 -10.45 -30.94
N ALA D 49 27.04 -9.15 -31.28
CA ALA D 49 27.03 -8.76 -32.68
C ALA D 49 28.30 -9.19 -33.41
N GLY D 50 29.46 -9.07 -32.75
CA GLY D 50 30.70 -9.43 -33.40
C GLY D 50 30.81 -10.91 -33.66
N GLN D 51 30.33 -11.72 -32.72
CA GLN D 51 30.43 -13.17 -32.89
C GLN D 51 29.43 -13.72 -33.90
N GLN D 52 28.28 -13.07 -34.07
CA GLN D 52 27.20 -13.57 -34.90
C GLN D 52 26.82 -15.02 -34.53
N PRO D 53 26.41 -15.26 -33.28
CA PRO D 53 26.19 -16.66 -32.84
C PRO D 53 25.01 -17.33 -33.50
N LEU D 54 24.09 -16.56 -34.07
CA LEU D 54 22.93 -17.14 -34.75
C LEU D 54 23.07 -17.13 -36.26
N LYS D 55 24.28 -16.90 -36.78
CA LYS D 55 24.52 -17.11 -38.20
C LYS D 55 24.17 -18.55 -38.59
N GLY D 56 23.30 -18.68 -39.57
CA GLY D 56 22.79 -19.98 -39.95
C GLY D 56 21.51 -20.39 -39.26
N ALA D 57 21.11 -19.70 -38.20
CA ALA D 57 19.85 -20.00 -37.55
C ALA D 57 18.70 -19.53 -38.42
N LYS D 58 17.67 -20.36 -38.51
CA LYS D 58 16.44 -20.07 -39.24
C LYS D 58 15.32 -20.38 -38.26
N ILE D 59 14.80 -19.32 -37.62
CA ILE D 59 13.94 -19.41 -36.44
C ILE D 59 12.49 -19.19 -36.85
N LEU D 60 11.63 -20.16 -36.55
CA LEU D 60 10.19 -19.94 -36.60
C LEU D 60 9.78 -19.36 -35.27
N GLY D 61 9.16 -18.18 -35.29
N GLY D 61 9.16 -18.18 -35.28
CA GLY D 61 8.79 -17.52 -34.06
CA GLY D 61 8.77 -17.51 -34.06
C GLY D 61 7.30 -17.25 -33.95
C GLY D 61 7.26 -17.37 -34.01
N CYS D 62 6.68 -17.65 -32.84
CA CYS D 62 5.24 -17.49 -32.62
C CYS D 62 5.06 -16.85 -31.26
N ILE D 63 4.91 -15.52 -31.24
CA ILE D 63 4.71 -14.82 -29.98
C ILE D 63 4.15 -13.44 -30.30
N HIS D 64 3.22 -12.99 -29.44
CA HIS D 64 2.54 -11.70 -29.52
C HIS D 64 3.34 -10.66 -30.26
N MET D 65 2.83 -10.14 -31.38
CA MET D 65 3.61 -9.23 -32.21
C MET D 65 3.42 -7.79 -31.71
N THR D 66 4.04 -7.51 -30.55
CA THR D 66 4.10 -6.21 -29.88
C THR D 66 5.38 -5.47 -30.26
N ILE D 67 5.48 -4.22 -29.80
CA ILE D 67 6.73 -3.47 -29.94
C ILE D 67 7.88 -4.21 -29.27
N GLN D 68 7.62 -4.80 -28.11
CA GLN D 68 8.64 -5.54 -27.35
C GLN D 68 9.15 -6.72 -28.14
N THR D 69 8.23 -7.48 -28.74
CA THR D 69 8.63 -8.57 -29.61
C THR D 69 9.43 -8.07 -30.79
N GLY D 70 9.12 -6.87 -31.27
CA GLY D 70 9.92 -6.30 -32.34
C GLY D 70 11.38 -6.10 -31.96
N VAL D 71 11.65 -5.63 -30.74
CA VAL D 71 13.05 -5.49 -30.34
C VAL D 71 13.71 -6.86 -30.24
N LEU D 72 12.95 -7.88 -29.84
CA LEU D 72 13.51 -9.23 -29.77
C LEU D 72 13.86 -9.74 -31.17
N ILE D 73 12.90 -9.63 -32.10
CA ILE D 73 13.11 -10.06 -33.48
C ILE D 73 14.35 -9.41 -34.05
N GLU D 74 14.47 -8.09 -33.89
CA GLU D 74 15.61 -7.43 -34.53
C GLU D 74 16.92 -7.77 -33.82
N THR D 75 16.87 -8.12 -32.52
CA THR D 75 18.08 -8.63 -31.87
C THR D 75 18.51 -9.96 -32.48
N LEU D 76 17.55 -10.89 -32.61
CA LEU D 76 17.85 -12.19 -33.22
C LEU D 76 18.45 -12.02 -34.62
N VAL D 77 17.88 -11.11 -35.43
CA VAL D 77 18.41 -10.87 -36.77
C VAL D 77 19.79 -10.20 -36.70
N ALA D 78 19.98 -9.26 -35.77
CA ALA D 78 21.27 -8.60 -35.59
C ALA D 78 22.39 -9.57 -35.20
N LEU D 79 22.06 -10.69 -34.57
CA LEU D 79 23.04 -11.71 -34.24
C LEU D 79 23.16 -12.75 -35.35
N GLY D 80 22.51 -12.54 -36.50
CA GLY D 80 22.72 -13.38 -37.67
C GLY D 80 21.54 -14.23 -38.11
N ALA D 81 20.48 -14.32 -37.33
CA ALA D 81 19.39 -15.23 -37.66
C ALA D 81 18.54 -14.71 -38.82
N GLU D 82 17.91 -15.65 -39.52
CA GLU D 82 16.73 -15.38 -40.32
C GLU D 82 15.52 -15.87 -39.53
N VAL D 83 14.38 -15.19 -39.70
CA VAL D 83 13.17 -15.53 -38.97
C VAL D 83 11.95 -15.43 -39.88
N ARG D 84 10.91 -16.14 -39.48
CA ARG D 84 9.56 -15.94 -40.03
C ARG D 84 8.62 -15.96 -38.84
N TRP D 85 7.76 -14.95 -38.73
CA TRP D 85 7.11 -14.63 -37.45
C TRP D 85 5.59 -14.56 -37.57
N SER D 86 4.92 -14.95 -36.48
CA SER D 86 3.48 -14.83 -36.33
C SER D 86 3.20 -14.50 -34.87
N SER D 87 2.00 -13.98 -34.61
CA SER D 87 1.55 -13.79 -33.24
C SER D 87 1.02 -15.11 -32.66
N CYS D 88 1.05 -15.22 -31.33
CA CYS D 88 0.46 -16.39 -30.69
C CYS D 88 -0.91 -16.09 -30.10
N ASN D 89 -1.55 -14.99 -30.51
CA ASN D 89 -2.91 -14.69 -30.08
C ASN D 89 -3.58 -13.81 -31.13
N ILE D 90 -4.89 -14.00 -31.32
CA ILE D 90 -5.57 -13.26 -32.36
C ILE D 90 -5.72 -11.77 -32.04
N PHE D 91 -5.56 -11.35 -30.78
CA PHE D 91 -5.81 -9.96 -30.39
C PHE D 91 -4.56 -9.23 -29.91
N SER D 92 -3.43 -9.92 -29.84
CA SER D 92 -2.32 -9.34 -29.08
C SER D 92 -1.37 -8.49 -29.94
N THR D 93 -1.48 -8.54 -31.27
CA THR D 93 -0.59 -7.78 -32.14
C THR D 93 -0.82 -6.28 -32.01
N GLN D 94 0.28 -5.52 -31.94
CA GLN D 94 0.23 -4.09 -32.18
C GLN D 94 0.51 -3.87 -33.66
N ASP D 95 -0.46 -3.33 -34.39
CA ASP D 95 -0.31 -3.26 -35.84
C ASP D 95 0.88 -2.39 -36.27
N GLN D 96 1.23 -1.36 -35.49
CA GLN D 96 2.38 -0.55 -35.90
C GLN D 96 3.69 -1.30 -35.66
N ALA D 97 3.71 -2.24 -34.71
CA ALA D 97 4.90 -3.08 -34.52
C ALA D 97 5.07 -4.04 -35.69
N ALA D 98 3.98 -4.73 -36.05
CA ALA D 98 4.01 -5.63 -37.20
C ALA D 98 4.44 -4.90 -38.47
N ALA D 99 3.90 -3.70 -38.69
CA ALA D 99 4.25 -2.93 -39.89
C ALA D 99 5.72 -2.56 -39.91
N ALA D 100 6.28 -2.11 -38.78
CA ALA D 100 7.70 -1.76 -38.76
C ALA D 100 8.59 -2.97 -39.06
N ILE D 101 8.23 -4.15 -38.53
CA ILE D 101 9.03 -5.35 -38.79
C ILE D 101 8.98 -5.73 -40.26
N ALA D 102 7.77 -5.71 -40.84
CA ALA D 102 7.62 -6.00 -42.27
C ALA D 102 8.36 -4.99 -43.14
N ALA D 103 8.34 -3.70 -42.77
CA ALA D 103 9.03 -2.69 -43.56
C ALA D 103 10.54 -2.83 -43.45
N ALA D 104 11.04 -3.53 -42.44
CA ALA D 104 12.44 -3.87 -42.30
C ALA D 104 12.84 -5.07 -43.13
N GLY D 105 11.89 -5.69 -43.85
CA GLY D 105 12.19 -6.81 -44.71
C GLY D 105 12.11 -8.15 -44.03
N ILE D 106 11.40 -8.26 -42.93
CA ILE D 106 11.33 -9.46 -42.11
C ILE D 106 9.96 -10.09 -42.28
N PRO D 107 9.87 -11.37 -42.63
CA PRO D 107 8.56 -12.01 -42.83
C PRO D 107 7.76 -12.09 -41.53
N VAL D 108 6.60 -11.44 -41.54
CA VAL D 108 5.74 -11.42 -40.36
C VAL D 108 4.29 -11.51 -40.84
N PHE D 109 3.50 -12.33 -40.15
CA PHE D 109 2.11 -12.52 -40.53
C PHE D 109 1.29 -12.33 -39.26
N ALA D 110 0.72 -11.14 -39.11
CA ALA D 110 0.14 -10.82 -37.81
C ALA D 110 -0.67 -9.53 -37.92
N TRP D 111 -1.87 -9.54 -37.33
CA TRP D 111 -2.61 -8.31 -37.14
C TRP D 111 -3.54 -8.49 -35.94
N LYS D 112 -3.98 -7.35 -35.39
CA LYS D 112 -4.92 -7.34 -34.27
C LYS D 112 -6.32 -7.64 -34.79
N GLY D 113 -6.96 -8.65 -34.18
CA GLY D 113 -8.30 -9.02 -34.60
C GLY D 113 -8.36 -10.09 -35.67
N GLU D 114 -7.44 -11.04 -35.65
CA GLU D 114 -7.52 -12.18 -36.54
C GLU D 114 -8.73 -13.04 -36.20
N THR D 115 -9.27 -13.72 -37.20
CA THR D 115 -10.15 -14.84 -36.92
C THR D 115 -9.29 -16.07 -36.59
N GLU D 116 -9.95 -17.12 -36.09
CA GLU D 116 -9.21 -18.35 -35.77
C GLU D 116 -8.58 -18.96 -37.01
N GLU D 117 -9.31 -18.91 -38.13
CA GLU D 117 -8.79 -19.40 -39.40
C GLU D 117 -7.61 -18.57 -39.87
N GLU D 118 -7.68 -17.23 -39.71
CA GLU D 118 -6.53 -16.39 -40.04
C GLU D 118 -5.34 -16.68 -39.12
N TYR D 119 -5.61 -16.93 -37.84
CA TYR D 119 -4.55 -17.25 -36.88
C TYR D 119 -3.75 -18.46 -37.35
N GLU D 120 -4.44 -19.54 -37.74
CA GLU D 120 -3.74 -20.73 -38.21
C GLU D 120 -3.03 -20.47 -39.54
N TRP D 121 -3.66 -19.70 -40.44
CA TRP D 121 -3.02 -19.32 -41.70
C TRP D 121 -1.70 -18.57 -41.46
N CYS D 122 -1.67 -17.71 -40.43
CA CYS D 122 -0.47 -16.93 -40.17
C CYS D 122 0.68 -17.82 -39.73
N ILE D 123 0.40 -18.80 -38.85
CA ILE D 123 1.46 -19.72 -38.45
C ILE D 123 1.96 -20.51 -39.65
N GLU D 124 1.03 -20.98 -40.48
CA GLU D 124 1.43 -21.80 -41.65
C GLU D 124 2.25 -20.97 -42.63
N GLN D 125 2.00 -19.67 -42.69
CA GLN D 125 2.82 -18.82 -43.56
C GLN D 125 4.25 -18.74 -43.06
N THR D 126 4.47 -18.84 -41.75
CA THR D 126 5.84 -18.89 -41.25
C THR D 126 6.47 -20.23 -41.58
N ILE D 127 5.68 -21.31 -41.49
CA ILE D 127 6.20 -22.65 -41.68
C ILE D 127 6.54 -22.91 -43.14
N LEU D 128 5.70 -22.42 -44.05
CA LEU D 128 5.85 -22.62 -45.48
C LEU D 128 6.48 -21.41 -46.12
N LYS D 129 7.41 -21.65 -47.04
CA LYS D 129 7.98 -20.60 -47.88
C LYS D 129 7.87 -21.07 -49.31
N ASP D 130 7.13 -20.32 -50.12
CA ASP D 130 6.90 -20.66 -51.52
C ASP D 130 6.15 -21.99 -51.66
N GLY D 131 5.27 -22.29 -50.71
CA GLY D 131 4.47 -23.50 -50.79
C GLY D 131 5.13 -24.77 -50.28
N GLN D 132 6.36 -24.70 -49.80
CA GLN D 132 7.08 -25.84 -49.26
C GLN D 132 7.61 -25.51 -47.88
N PRO D 133 7.89 -26.53 -47.06
CA PRO D 133 8.43 -26.25 -45.72
C PRO D 133 9.74 -25.49 -45.81
N TRP D 134 9.80 -24.38 -45.07
CA TRP D 134 11.04 -23.65 -44.89
C TRP D 134 12.08 -24.57 -44.25
N ASP D 135 13.35 -24.29 -44.53
CA ASP D 135 14.45 -25.04 -43.89
C ASP D 135 14.75 -24.48 -42.50
N ALA D 136 13.70 -24.45 -41.67
CA ALA D 136 13.81 -24.00 -40.29
C ALA D 136 14.72 -24.91 -39.46
N ASN D 137 15.39 -24.34 -38.46
CA ASN D 137 16.20 -25.17 -37.57
C ASN D 137 16.12 -24.72 -36.13
N MET D 138 15.23 -23.80 -35.79
CA MET D 138 15.03 -23.29 -34.44
C MET D 138 13.57 -22.90 -34.30
N VAL D 139 13.03 -23.04 -33.09
CA VAL D 139 11.67 -22.61 -32.79
C VAL D 139 11.71 -21.70 -31.57
N LEU D 140 10.98 -20.57 -31.65
CA LEU D 140 10.70 -19.75 -30.48
C LEU D 140 9.19 -19.69 -30.35
N ASP D 141 8.66 -20.16 -29.23
CA ASP D 141 7.22 -20.34 -29.09
C ASP D 141 6.74 -19.72 -27.79
N ASP D 142 5.45 -19.34 -27.76
CA ASP D 142 4.81 -18.74 -26.58
C ASP D 142 3.43 -19.38 -26.51
N GLY D 143 3.32 -20.46 -25.73
CA GLY D 143 2.07 -21.18 -25.51
C GLY D 143 2.01 -22.56 -26.15
N GLY D 144 2.96 -22.90 -27.04
CA GLY D 144 3.04 -24.21 -27.65
C GLY D 144 2.25 -24.43 -28.93
N ASP D 145 1.56 -23.42 -29.47
CA ASP D 145 0.75 -23.69 -30.67
C ASP D 145 1.64 -24.03 -31.87
N LEU D 146 2.72 -23.28 -32.09
CA LEU D 146 3.63 -23.59 -33.18
C LEU D 146 4.33 -24.94 -32.96
N THR D 147 4.80 -25.19 -31.74
CA THR D 147 5.35 -26.50 -31.37
C THR D 147 4.38 -27.62 -31.71
N GLU D 148 3.10 -27.43 -31.38
CA GLU D 148 2.10 -28.46 -31.62
C GLU D 148 1.89 -28.72 -33.11
N ILE D 149 1.76 -27.65 -33.90
CA ILE D 149 1.52 -27.80 -35.34
C ILE D 149 2.68 -28.50 -36.01
N LEU D 150 3.91 -28.17 -35.63
CA LEU D 150 5.08 -28.85 -36.19
C LEU D 150 5.06 -30.35 -35.86
N HIS D 151 4.83 -30.69 -34.59
CA HIS D 151 4.87 -32.11 -34.20
C HIS D 151 3.74 -32.88 -34.85
N LYS D 152 2.57 -32.26 -35.01
CA LYS D 152 1.41 -33.00 -35.48
C LYS D 152 1.23 -32.91 -36.99
N LYS D 153 1.60 -31.80 -37.62
CA LYS D 153 1.34 -31.63 -39.05
C LYS D 153 2.59 -31.56 -39.91
N TYR D 154 3.74 -31.20 -39.35
CA TYR D 154 4.99 -31.13 -40.11
C TYR D 154 6.13 -31.85 -39.40
N PRO D 155 5.92 -33.10 -38.99
CA PRO D 155 6.95 -33.77 -38.16
C PRO D 155 8.30 -33.90 -38.86
N GLN D 156 8.32 -34.03 -40.19
CA GLN D 156 9.61 -34.14 -40.87
C GLN D 156 10.48 -32.90 -40.66
N MET D 157 9.85 -31.73 -40.44
CA MET D 157 10.63 -30.53 -40.24
C MET D 157 11.45 -30.58 -38.96
N LEU D 158 10.97 -31.33 -37.96
CA LEU D 158 11.68 -31.37 -36.68
C LEU D 158 12.98 -32.17 -36.77
N GLU D 159 13.17 -32.95 -37.83
CA GLU D 159 14.45 -33.63 -38.02
C GLU D 159 15.60 -32.63 -38.18
N ARG D 160 15.32 -31.41 -38.65
CA ARG D 160 16.34 -30.39 -38.89
C ARG D 160 16.38 -29.33 -37.81
N ILE D 161 15.55 -29.43 -36.79
CA ILE D 161 15.39 -28.39 -35.79
C ILE D 161 16.20 -28.75 -34.56
N HIS D 162 17.01 -27.80 -34.08
CA HIS D 162 17.92 -28.01 -32.97
C HIS D 162 17.26 -27.80 -31.60
N GLY D 163 16.16 -27.06 -31.52
CA GLY D 163 15.52 -26.89 -30.22
C GLY D 163 14.39 -25.90 -30.29
N ILE D 164 13.68 -25.83 -29.16
CA ILE D 164 12.55 -24.93 -28.93
C ILE D 164 12.85 -24.09 -27.70
N THR D 165 12.57 -22.79 -27.76
CA THR D 165 12.66 -21.96 -26.56
C THR D 165 11.27 -21.45 -26.26
N GLU D 166 10.73 -21.84 -25.12
CA GLU D 166 9.32 -21.66 -24.82
C GLU D 166 9.15 -20.64 -23.71
N GLU D 167 8.30 -19.64 -24.00
CA GLU D 167 8.17 -18.43 -23.21
C GLU D 167 7.39 -18.63 -21.91
N THR D 168 6.34 -19.46 -21.91
CA THR D 168 5.32 -19.26 -20.89
C THR D 168 4.89 -20.59 -20.25
N THR D 169 4.31 -20.44 -19.05
CA THR D 169 3.97 -21.56 -18.18
C THR D 169 3.17 -22.66 -18.90
N THR D 170 2.10 -22.26 -19.60
CA THR D 170 1.26 -23.24 -20.31
C THR D 170 2.06 -24.00 -21.37
N GLY D 171 2.91 -23.31 -22.13
CA GLY D 171 3.72 -24.01 -23.13
C GLY D 171 4.70 -24.98 -22.50
N VAL D 172 5.27 -24.62 -21.36
CA VAL D 172 6.18 -25.52 -20.67
C VAL D 172 5.44 -26.77 -20.21
N HIS D 173 4.24 -26.60 -19.66
CA HIS D 173 3.46 -27.77 -19.25
C HIS D 173 3.23 -28.70 -20.44
N ARG D 174 2.96 -28.14 -21.62
CA ARG D 174 2.73 -28.98 -22.79
C ARG D 174 4.01 -29.70 -23.22
N LEU D 175 5.16 -29.00 -23.16
CA LEU D 175 6.44 -29.68 -23.44
C LEU D 175 6.69 -30.82 -22.47
N LEU D 176 6.42 -30.62 -21.17
CA LEU D 176 6.68 -31.68 -20.20
C LEU D 176 5.71 -32.84 -20.35
N ASP D 177 4.47 -32.59 -20.76
CA ASP D 177 3.57 -33.70 -21.08
CA ASP D 177 3.56 -33.69 -21.10
C ASP D 177 4.11 -34.49 -22.27
N MET D 178 4.58 -33.80 -23.31
CA MET D 178 5.15 -34.49 -24.46
C MET D 178 6.38 -35.30 -24.05
N LEU D 179 7.27 -34.71 -23.26
CA LEU D 179 8.44 -35.44 -22.80
C LEU D 179 8.05 -36.68 -22.00
N LYS D 180 7.11 -36.51 -21.07
CA LYS D 180 6.66 -37.68 -20.30
C LYS D 180 6.06 -38.76 -21.20
N ASN D 181 5.40 -38.37 -22.29
CA ASN D 181 4.77 -39.35 -23.17
C ASN D 181 5.65 -39.78 -24.34
N GLY D 182 6.89 -39.31 -24.42
CA GLY D 182 7.77 -39.76 -25.48
C GLY D 182 7.50 -39.15 -26.82
N THR D 183 6.76 -38.05 -26.89
CA THR D 183 6.42 -37.44 -28.17
C THR D 183 7.19 -36.18 -28.49
N LEU D 184 8.00 -35.68 -27.55
CA LEU D 184 8.80 -34.50 -27.83
C LEU D 184 9.99 -34.88 -28.71
N LYS D 185 10.14 -34.20 -29.85
CA LYS D 185 11.11 -34.63 -30.85
C LYS D 185 12.43 -33.87 -30.78
N VAL D 186 12.47 -32.72 -30.13
CA VAL D 186 13.65 -31.87 -30.05
C VAL D 186 13.74 -31.30 -28.63
N PRO D 187 14.95 -30.95 -28.19
CA PRO D 187 15.12 -30.40 -26.84
C PRO D 187 14.55 -28.99 -26.71
N ALA D 188 14.29 -28.58 -25.48
CA ALA D 188 13.67 -27.28 -25.25
C ALA D 188 14.31 -26.63 -24.04
N ILE D 189 14.35 -25.29 -24.05
CA ILE D 189 14.69 -24.51 -22.85
C ILE D 189 13.40 -23.88 -22.36
N ASN D 190 13.14 -24.08 -21.09
CA ASN D 190 12.02 -23.49 -20.37
C ASN D 190 12.48 -22.08 -20.01
N VAL D 191 12.13 -21.10 -20.86
CA VAL D 191 12.49 -19.71 -20.60
C VAL D 191 11.67 -19.16 -19.45
N ASN D 192 10.45 -19.68 -19.26
CA ASN D 192 9.54 -19.16 -18.24
C ASN D 192 10.19 -19.16 -16.87
N ASP D 193 10.91 -20.22 -16.53
CA ASP D 193 11.34 -20.39 -15.13
C ASP D 193 12.70 -19.75 -14.79
N SER D 194 13.30 -18.96 -15.69
CA SER D 194 14.31 -18.01 -15.19
C SER D 194 13.65 -17.08 -14.20
N VAL D 195 14.37 -16.70 -13.13
CA VAL D 195 13.74 -15.81 -12.13
C VAL D 195 13.43 -14.47 -12.78
N THR D 196 14.33 -13.98 -13.64
CA THR D 196 14.12 -12.74 -14.41
C THR D 196 13.07 -12.87 -15.51
N LYS D 197 12.44 -14.03 -15.62
CA LYS D 197 11.23 -14.16 -16.42
C LYS D 197 10.05 -14.38 -15.47
N SER D 198 9.92 -15.57 -14.87
CA SER D 198 8.72 -15.91 -14.09
C SER D 198 8.42 -14.89 -13.00
N LYS D 199 9.43 -14.46 -12.24
CA LYS D 199 9.14 -13.61 -11.10
C LYS D 199 9.29 -12.14 -11.44
N ASN D 200 9.22 -11.82 -12.72
CA ASN D 200 9.32 -10.47 -13.25
C ASN D 200 8.15 -10.24 -14.21
N ASP D 201 8.23 -10.86 -15.39
CA ASP D 201 7.17 -10.85 -16.38
C ASP D 201 5.84 -11.35 -15.79
N ASN D 202 5.80 -12.58 -15.27
CA ASN D 202 4.50 -13.18 -14.94
C ASN D 202 3.82 -12.41 -13.81
N LYS D 203 4.60 -11.92 -12.84
CA LYS D 203 4.02 -11.23 -11.68
C LYS D 203 3.91 -9.73 -11.97
N TYR D 204 5.05 -9.05 -12.06
CA TYR D 204 5.05 -7.60 -12.19
C TYR D 204 4.50 -7.14 -13.52
N GLY D 205 4.62 -7.96 -14.56
CA GLY D 205 4.02 -7.59 -15.83
C GLY D 205 2.51 -7.46 -15.75
N CYS D 206 1.87 -8.43 -15.09
CA CYS D 206 0.43 -8.40 -14.88
C CYS D 206 0.01 -7.31 -13.89
N ARG D 207 0.86 -7.01 -12.91
CA ARG D 207 0.59 -5.86 -12.03
C ARG D 207 0.44 -4.58 -12.86
N HIS D 208 1.35 -4.35 -13.81
CA HIS D 208 1.28 -3.15 -14.65
C HIS D 208 0.09 -3.19 -15.59
N SER D 209 -0.12 -4.35 -16.26
CA SER D 209 -0.97 -4.35 -17.43
C SER D 209 -2.41 -4.82 -17.19
N LEU D 210 -2.72 -5.44 -16.06
CA LEU D 210 -4.10 -5.88 -15.88
C LEU D 210 -5.02 -4.68 -15.64
N ASN D 211 -4.73 -3.84 -14.64
CA ASN D 211 -5.63 -2.69 -14.45
CA ASN D 211 -5.59 -2.66 -14.42
C ASN D 211 -5.56 -1.75 -15.63
N ASP D 212 -4.43 -1.73 -16.36
CA ASP D 212 -4.31 -0.95 -17.59
C ASP D 212 -5.39 -1.37 -18.60
N ALA D 213 -5.50 -2.67 -18.86
CA ALA D 213 -6.46 -3.17 -19.83
C ALA D 213 -7.90 -2.99 -19.37
N ILE D 214 -8.15 -3.12 -18.06
CA ILE D 214 -9.51 -2.92 -17.57
C ILE D 214 -9.91 -1.46 -17.76
N LYS D 215 -9.00 -0.53 -17.47
CA LYS D 215 -9.34 0.88 -17.67
C LYS D 215 -9.56 1.20 -19.14
N ARG D 216 -8.67 0.73 -20.03
CA ARG D 216 -8.86 1.04 -21.43
C ARG D 216 -10.18 0.46 -21.95
N GLY D 217 -10.55 -0.73 -21.45
CA GLY D 217 -11.69 -1.46 -21.94
C GLY D 217 -13.02 -0.88 -21.47
N THR D 218 -13.09 -0.47 -20.18
CA THR D 218 -14.35 -0.07 -19.55
C THR D 218 -14.34 1.33 -18.97
N ASP D 219 -13.16 1.89 -18.71
CA ASP D 219 -12.96 3.14 -17.97
C ASP D 219 -13.68 3.12 -16.62
N HIS D 220 -13.88 1.93 -16.07
CA HIS D 220 -14.55 1.79 -14.78
C HIS D 220 -13.65 2.23 -13.64
N LEU D 221 -14.23 2.91 -12.67
CA LEU D 221 -13.56 3.02 -11.39
C LEU D 221 -13.39 1.65 -10.77
N LEU D 222 -12.17 1.36 -10.27
CA LEU D 222 -11.91 0.11 -9.56
C LEU D 222 -11.95 0.28 -8.04
N SER D 223 -11.52 1.43 -7.53
CA SER D 223 -11.49 1.69 -6.10
C SER D 223 -12.85 1.47 -5.47
N GLY D 224 -12.87 0.79 -4.31
CA GLY D 224 -14.10 0.53 -3.60
C GLY D 224 -14.95 -0.62 -4.09
N LYS D 225 -14.62 -1.22 -5.24
CA LYS D 225 -15.43 -2.27 -5.85
C LYS D 225 -14.84 -3.62 -5.48
N GLN D 226 -15.62 -4.70 -5.70
CA GLN D 226 -15.25 -6.04 -5.23
C GLN D 226 -14.70 -6.87 -6.38
N ALA D 227 -13.53 -7.49 -6.18
CA ALA D 227 -12.95 -8.32 -7.21
C ALA D 227 -12.75 -9.73 -6.68
N LEU D 228 -12.81 -10.68 -7.61
CA LEU D 228 -12.48 -12.07 -7.31
C LEU D 228 -11.40 -12.46 -8.29
N VAL D 229 -10.22 -12.80 -7.79
CA VAL D 229 -9.14 -13.30 -8.63
C VAL D 229 -9.07 -14.81 -8.45
N ILE D 230 -9.22 -15.55 -9.55
CA ILE D 230 -9.16 -17.01 -9.51
C ILE D 230 -7.71 -17.39 -9.78
N GLY D 231 -7.02 -17.87 -8.76
CA GLY D 231 -5.63 -18.27 -8.88
C GLY D 231 -4.70 -17.29 -8.19
N TYR D 232 -3.57 -17.82 -7.67
CA TYR D 232 -2.62 -16.98 -6.94
C TYR D 232 -1.21 -17.55 -7.15
N GLY D 233 -0.91 -17.95 -8.40
CA GLY D 233 0.44 -18.26 -8.84
C GLY D 233 1.10 -16.95 -9.18
N ASP D 234 2.06 -16.97 -10.11
CA ASP D 234 2.74 -15.70 -10.39
C ASP D 234 1.80 -14.68 -11.02
N VAL D 235 0.98 -15.10 -11.98
CA VAL D 235 0.02 -14.19 -12.61
C VAL D 235 -1.07 -13.76 -11.61
N GLY D 236 -1.62 -14.69 -10.84
CA GLY D 236 -2.61 -14.30 -9.83
C GLY D 236 -2.07 -13.35 -8.78
N LYS D 237 -0.81 -13.56 -8.36
CA LYS D 237 -0.19 -12.63 -7.40
C LYS D 237 -0.10 -11.22 -7.99
N GLY D 238 0.46 -11.12 -9.21
CA GLY D 238 0.58 -9.82 -9.84
C GLY D 238 -0.78 -9.21 -10.17
N SER D 239 -1.75 -10.04 -10.58
CA SER D 239 -3.09 -9.52 -10.90
C SER D 239 -3.78 -9.00 -9.65
N SER D 240 -3.73 -9.76 -8.56
CA SER D 240 -4.33 -9.32 -7.32
C SER D 240 -3.74 -7.98 -6.86
N GLN D 241 -2.41 -7.83 -6.99
CA GLN D 241 -1.80 -6.55 -6.65
C GLN D 241 -2.23 -5.43 -7.61
N SER D 242 -2.33 -5.72 -8.92
CA SER D 242 -2.82 -4.71 -9.88
C SER D 242 -4.12 -4.10 -9.41
N LEU D 243 -5.00 -4.93 -8.86
CA LEU D 243 -6.33 -4.48 -8.45
C LEU D 243 -6.35 -3.89 -7.04
N ARG D 244 -5.63 -4.50 -6.11
CA ARG D 244 -5.59 -3.99 -4.74
C ARG D 244 -4.94 -2.62 -4.68
N GLN D 245 -3.88 -2.39 -5.48
CA GLN D 245 -3.22 -1.09 -5.42
C GLN D 245 -4.11 0.02 -5.97
N GLU D 246 -5.14 -0.35 -6.76
CA GLU D 246 -6.16 0.62 -7.19
C GLU D 246 -7.24 0.85 -6.15
N GLY D 247 -7.26 0.08 -5.08
CA GLY D 247 -8.29 0.26 -4.06
C GLY D 247 -9.42 -0.73 -4.15
N MET D 248 -9.29 -1.77 -4.98
CA MET D 248 -10.31 -2.81 -4.98
C MET D 248 -10.22 -3.63 -3.69
N ILE D 249 -11.38 -4.16 -3.29
CA ILE D 249 -11.49 -5.20 -2.28
C ILE D 249 -11.38 -6.51 -3.01
N VAL D 250 -10.25 -7.21 -2.84
CA VAL D 250 -9.87 -8.36 -3.64
C VAL D 250 -10.02 -9.62 -2.80
N LYS D 251 -10.75 -10.60 -3.33
CA LYS D 251 -10.84 -11.94 -2.77
C LYS D 251 -10.13 -12.88 -3.73
N VAL D 252 -9.50 -13.92 -3.20
CA VAL D 252 -8.64 -14.79 -4.00
C VAL D 252 -9.14 -16.23 -3.87
N ALA D 253 -9.22 -16.94 -4.99
CA ALA D 253 -9.54 -18.36 -4.97
C ALA D 253 -8.31 -19.15 -5.37
N GLU D 254 -8.12 -20.31 -4.74
CA GLU D 254 -6.98 -21.14 -5.08
C GLU D 254 -7.35 -22.59 -4.83
N VAL D 255 -6.71 -23.51 -5.58
CA VAL D 255 -6.72 -24.93 -5.22
C VAL D 255 -5.43 -25.35 -4.50
N ASP D 256 -4.39 -24.52 -4.52
CA ASP D 256 -3.12 -24.88 -3.93
C ASP D 256 -3.04 -24.20 -2.58
N PRO D 257 -3.03 -24.98 -1.49
CA PRO D 257 -3.03 -24.37 -0.14
C PRO D 257 -1.82 -23.51 0.16
N ILE D 258 -0.65 -23.82 -0.42
CA ILE D 258 0.53 -22.98 -0.20
C ILE D 258 0.31 -21.60 -0.82
N CYS D 259 -0.15 -21.57 -2.07
CA CYS D 259 -0.51 -20.28 -2.69
C CYS D 259 -1.63 -19.57 -1.93
N ALA D 260 -2.62 -20.32 -1.43
CA ALA D 260 -3.67 -19.69 -0.64
C ALA D 260 -3.11 -19.10 0.65
N MET D 261 -2.17 -19.80 1.28
N MET D 261 -2.17 -19.80 1.30
CA MET D 261 -1.52 -19.26 2.48
CA MET D 261 -1.52 -19.26 2.49
C MET D 261 -0.84 -17.93 2.19
C MET D 261 -0.85 -17.92 2.19
N GLN D 262 -0.17 -17.82 1.03
CA GLN D 262 0.46 -16.56 0.66
C GLN D 262 -0.58 -15.45 0.49
N ALA D 263 -1.69 -15.77 -0.17
CA ALA D 263 -2.76 -14.78 -0.33
C ALA D 263 -3.25 -14.25 1.01
N CYS D 264 -3.48 -15.15 1.99
CA CYS D 264 -3.91 -14.71 3.33
C CYS D 264 -2.87 -13.76 3.94
N MET D 265 -1.59 -14.18 3.95
CA MET D 265 -0.53 -13.36 4.53
C MET D 265 -0.35 -12.04 3.80
N ASP D 266 -0.62 -12.02 2.49
CA ASP D 266 -0.57 -10.81 1.70
C ASP D 266 -1.77 -9.89 1.94
N GLY D 267 -2.72 -10.28 2.77
CA GLY D 267 -3.83 -9.41 3.12
C GLY D 267 -5.12 -9.64 2.37
N PHE D 268 -5.29 -10.81 1.75
CA PHE D 268 -6.50 -11.12 1.01
C PHE D 268 -7.33 -12.18 1.75
N GLU D 269 -8.65 -12.04 1.58
CA GLU D 269 -9.59 -13.06 2.03
C GLU D 269 -9.62 -14.16 0.95
N VAL D 270 -9.44 -15.42 1.35
CA VAL D 270 -9.44 -16.54 0.39
C VAL D 270 -10.82 -17.20 0.43
N VAL D 271 -11.48 -17.28 -0.73
CA VAL D 271 -12.85 -17.78 -0.83
C VAL D 271 -12.92 -18.75 -1.98
N SER D 272 -14.00 -19.54 -2.00
CA SER D 272 -14.28 -20.38 -3.17
C SER D 272 -15.60 -20.00 -3.84
N PRO D 273 -15.68 -20.05 -5.18
CA PRO D 273 -17.02 -19.88 -5.82
C PRO D 273 -18.03 -20.93 -5.38
N TYR D 274 -17.57 -22.07 -4.81
CA TYR D 274 -18.40 -23.20 -4.49
C TYR D 274 -18.46 -23.35 -2.98
N LYS D 275 -19.64 -23.66 -2.48
CA LYS D 275 -19.82 -23.93 -1.06
C LYS D 275 -18.88 -25.03 -0.62
N ASN D 276 -18.12 -24.73 0.45
CA ASN D 276 -17.09 -25.62 1.00
C ASN D 276 -16.06 -26.02 -0.04
N GLY D 277 -15.98 -25.26 -1.13
CA GLY D 277 -14.97 -25.51 -2.15
C GLY D 277 -15.24 -26.69 -3.05
N ILE D 278 -16.40 -27.29 -2.97
CA ILE D 278 -16.71 -28.51 -3.71
C ILE D 278 -17.56 -28.15 -4.93
N ASN D 279 -16.99 -28.37 -6.11
CA ASN D 279 -17.57 -28.05 -7.42
C ASN D 279 -18.24 -29.33 -7.90
N ASP D 280 -19.54 -29.48 -7.61
CA ASP D 280 -20.30 -30.67 -8.01
C ASP D 280 -21.07 -30.48 -9.32
N GLY D 281 -20.89 -29.34 -9.99
CA GLY D 281 -21.50 -29.11 -11.29
C GLY D 281 -22.92 -28.57 -11.25
N THR D 282 -23.56 -28.53 -10.09
CA THR D 282 -24.94 -28.05 -10.00
C THR D 282 -24.97 -26.59 -9.54
N GLU D 283 -26.09 -25.92 -9.85
CA GLU D 283 -26.24 -24.55 -9.35
C GLU D 283 -26.27 -24.51 -7.83
N ALA D 284 -26.71 -25.61 -7.19
CA ALA D 284 -26.84 -25.62 -5.74
C ALA D 284 -25.50 -25.48 -5.06
N SER D 285 -24.43 -25.90 -5.73
CA SER D 285 -23.10 -25.77 -5.15
C SER D 285 -22.52 -24.36 -5.25
N ILE D 286 -23.16 -23.45 -6.00
CA ILE D 286 -22.60 -22.11 -6.15
C ILE D 286 -22.87 -21.29 -4.89
N ASP D 287 -21.85 -20.58 -4.42
CA ASP D 287 -22.04 -19.57 -3.37
C ASP D 287 -22.62 -18.34 -4.05
N ALA D 288 -23.95 -18.32 -4.16
CA ALA D 288 -24.64 -17.24 -4.89
C ALA D 288 -24.53 -15.91 -4.14
N ALA D 289 -24.52 -15.95 -2.81
CA ALA D 289 -24.37 -14.70 -2.06
C ALA D 289 -23.04 -14.04 -2.36
N LEU D 290 -21.96 -14.82 -2.43
CA LEU D 290 -20.65 -14.28 -2.72
C LEU D 290 -20.57 -13.74 -4.15
N LEU D 291 -20.98 -14.55 -5.12
CA LEU D 291 -20.84 -14.13 -6.51
C LEU D 291 -21.76 -12.96 -6.83
N GLY D 292 -22.88 -12.87 -6.14
CA GLY D 292 -23.78 -11.73 -6.39
C GLY D 292 -23.26 -10.39 -5.92
N LYS D 293 -22.11 -10.34 -5.25
CA LYS D 293 -21.47 -9.10 -4.82
C LYS D 293 -20.18 -8.79 -5.57
N ILE D 294 -19.82 -9.60 -6.56
CA ILE D 294 -18.54 -9.45 -7.22
C ILE D 294 -18.72 -8.55 -8.44
N ASP D 295 -17.88 -7.50 -8.54
CA ASP D 295 -17.94 -6.53 -9.64
C ASP D 295 -17.00 -6.89 -10.78
N LEU D 296 -16.04 -7.80 -10.54
CA LEU D 296 -14.96 -8.05 -11.48
C LEU D 296 -14.37 -9.41 -11.16
N ILE D 297 -14.36 -10.31 -12.12
CA ILE D 297 -13.67 -11.58 -11.90
C ILE D 297 -12.56 -11.68 -12.94
N VAL D 298 -11.41 -12.16 -12.50
CA VAL D 298 -10.23 -12.29 -13.35
C VAL D 298 -9.70 -13.70 -13.17
N THR D 299 -9.56 -14.45 -14.26
CA THR D 299 -8.98 -15.80 -14.19
C THR D 299 -7.49 -15.77 -14.55
N THR D 300 -6.68 -16.49 -13.74
CA THR D 300 -5.21 -16.44 -13.87
C THR D 300 -4.56 -17.82 -13.83
N THR D 301 -5.27 -18.90 -14.17
CA THR D 301 -4.84 -20.23 -13.74
C THR D 301 -4.07 -21.05 -14.77
N GLY D 302 -4.28 -20.86 -16.08
CA GLY D 302 -3.80 -21.88 -17.01
C GLY D 302 -4.61 -23.17 -17.00
N ASN D 303 -5.74 -23.19 -16.32
CA ASN D 303 -6.62 -24.36 -16.19
C ASN D 303 -7.91 -24.10 -16.97
N VAL D 304 -8.82 -25.07 -16.93
CA VAL D 304 -10.00 -25.05 -17.79
C VAL D 304 -11.25 -24.85 -16.93
N ASN D 305 -12.14 -23.97 -17.40
CA ASN D 305 -13.47 -23.82 -16.83
C ASN D 305 -13.44 -23.43 -15.35
N VAL D 306 -12.59 -22.46 -15.01
CA VAL D 306 -12.51 -21.98 -13.64
C VAL D 306 -13.44 -20.79 -13.40
N CYS D 307 -14.03 -20.25 -14.45
CA CYS D 307 -15.17 -19.33 -14.35
C CYS D 307 -16.26 -19.98 -15.20
N ASP D 308 -17.05 -20.85 -14.58
CA ASP D 308 -17.88 -21.76 -15.34
C ASP D 308 -19.28 -21.17 -15.54
N ALA D 309 -20.13 -21.93 -16.23
CA ALA D 309 -21.46 -21.44 -16.59
C ALA D 309 -22.29 -21.08 -15.35
N ASN D 310 -22.23 -21.89 -14.29
CA ASN D 310 -23.08 -21.59 -13.14
C ASN D 310 -22.57 -20.36 -12.39
N MET D 311 -21.25 -20.15 -12.39
CA MET D 311 -20.69 -18.92 -11.87
C MET D 311 -21.14 -17.71 -12.68
N LEU D 312 -21.12 -17.83 -14.00
CA LEU D 312 -21.54 -16.71 -14.85
C LEU D 312 -23.01 -16.38 -14.63
N LYS D 313 -23.84 -17.38 -14.34
CA LYS D 313 -25.26 -17.11 -14.10
C LYS D 313 -25.47 -16.38 -12.78
N ALA D 314 -24.57 -16.59 -11.82
CA ALA D 314 -24.76 -16.07 -10.48
C ALA D 314 -24.09 -14.73 -10.27
N LEU D 315 -23.22 -14.29 -11.19
CA LEU D 315 -22.47 -13.07 -10.96
C LEU D 315 -23.40 -11.86 -10.85
N LYS D 316 -22.96 -10.87 -10.08
CA LYS D 316 -23.68 -9.61 -9.96
C LYS D 316 -23.95 -9.01 -11.33
N LYS D 317 -25.14 -8.44 -11.53
CA LYS D 317 -25.41 -7.74 -12.79
C LYS D 317 -24.34 -6.70 -13.12
N ARG D 318 -23.98 -6.62 -14.39
CA ARG D 318 -23.00 -5.67 -14.94
C ARG D 318 -21.59 -5.90 -14.44
N ALA D 319 -21.30 -7.08 -13.88
CA ALA D 319 -19.92 -7.43 -13.55
C ALA D 319 -19.07 -7.55 -14.80
N VAL D 320 -17.78 -7.23 -14.65
CA VAL D 320 -16.77 -7.41 -15.71
C VAL D 320 -16.11 -8.76 -15.53
N VAL D 321 -15.95 -9.50 -16.64
CA VAL D 321 -15.34 -10.82 -16.69
C VAL D 321 -14.13 -10.77 -17.61
N CYS D 322 -12.96 -11.22 -17.13
CA CYS D 322 -11.84 -11.28 -18.04
C CYS D 322 -10.88 -12.38 -17.60
N ASN D 323 -9.97 -12.69 -18.52
CA ASN D 323 -9.00 -13.77 -18.36
C ASN D 323 -7.63 -13.23 -18.72
N ILE D 324 -6.64 -13.48 -17.88
CA ILE D 324 -5.27 -13.12 -18.19
C ILE D 324 -4.36 -14.35 -18.22
N GLY D 325 -4.95 -15.56 -18.16
CA GLY D 325 -4.18 -16.76 -18.49
C GLY D 325 -4.01 -16.88 -20.00
N HIS D 326 -3.18 -17.82 -20.43
CA HIS D 326 -2.83 -17.86 -21.86
C HIS D 326 -4.03 -18.15 -22.80
N PHE D 327 -4.96 -19.02 -22.42
CA PHE D 327 -5.99 -19.49 -23.35
C PHE D 327 -7.38 -19.09 -22.85
N ASP D 328 -8.35 -18.94 -23.79
CA ASP D 328 -9.67 -18.41 -23.43
C ASP D 328 -10.58 -19.42 -22.73
N ASN D 329 -10.20 -20.69 -22.62
CA ASN D 329 -11.12 -21.67 -22.05
C ASN D 329 -11.19 -21.61 -20.51
N GLU D 330 -10.49 -20.66 -19.88
CA GLU D 330 -10.63 -20.47 -18.44
C GLU D 330 -12.05 -20.06 -18.09
N ILE D 331 -12.68 -19.29 -18.99
CA ILE D 331 -14.06 -18.84 -18.87
C ILE D 331 -14.88 -19.62 -19.86
N ASP D 332 -16.07 -20.08 -19.44
CA ASP D 332 -16.94 -20.84 -20.34
C ASP D 332 -17.64 -19.85 -21.28
N THR D 333 -16.85 -19.34 -22.23
CA THR D 333 -17.46 -18.45 -23.23
C THR D 333 -18.33 -19.23 -24.20
N ALA D 334 -18.08 -20.53 -24.38
CA ALA D 334 -18.95 -21.34 -25.23
C ALA D 334 -20.38 -21.33 -24.72
N PHE D 335 -20.56 -21.51 -23.41
CA PHE D 335 -21.91 -21.43 -22.83
C PHE D 335 -22.55 -20.07 -23.14
N MET D 336 -21.77 -19.00 -23.05
CA MET D 336 -22.35 -17.67 -23.29
C MET D 336 -22.70 -17.46 -24.76
N ARG D 337 -21.92 -18.01 -25.69
CA ARG D 337 -22.28 -17.89 -27.10
C ARG D 337 -23.54 -18.67 -27.41
N LYS D 338 -23.74 -19.81 -26.74
CA LYS D 338 -24.89 -20.65 -27.02
C LYS D 338 -26.17 -20.06 -26.46
N ASN D 339 -26.11 -19.41 -25.29
CA ASN D 339 -27.33 -19.07 -24.57
C ASN D 339 -27.64 -17.58 -24.48
N TRP D 340 -26.65 -16.71 -24.62
CA TRP D 340 -26.84 -15.29 -24.35
C TRP D 340 -26.49 -14.44 -25.56
N ALA D 341 -27.07 -13.24 -25.62
CA ALA D 341 -26.91 -12.34 -26.75
C ALA D 341 -25.74 -11.39 -26.52
N TRP D 342 -24.90 -11.20 -27.54
CA TRP D 342 -23.66 -10.44 -27.42
C TRP D 342 -23.83 -9.09 -28.12
N GLU D 343 -23.60 -8.01 -27.39
CA GLU D 343 -23.67 -6.67 -27.94
C GLU D 343 -22.27 -6.06 -27.92
N GLU D 344 -21.72 -5.77 -29.08
CA GLU D 344 -20.39 -5.18 -29.08
C GLU D 344 -20.46 -3.73 -28.63
N VAL D 345 -19.62 -3.37 -27.66
CA VAL D 345 -19.52 -1.97 -27.26
C VAL D 345 -18.53 -1.24 -28.15
N LYS D 346 -17.36 -1.85 -28.31
CA LYS D 346 -16.29 -1.45 -29.19
C LYS D 346 -15.37 -2.66 -29.31
N PRO D 347 -14.33 -2.61 -30.15
CA PRO D 347 -13.50 -3.82 -30.31
C PRO D 347 -12.99 -4.34 -28.97
N GLN D 348 -13.10 -5.66 -28.81
CA GLN D 348 -12.65 -6.41 -27.63
C GLN D 348 -13.43 -6.05 -26.37
N VAL D 349 -14.64 -5.50 -26.52
CA VAL D 349 -15.52 -5.24 -25.38
C VAL D 349 -16.95 -5.60 -25.78
N HIS D 350 -17.53 -6.59 -25.10
CA HIS D 350 -18.89 -7.05 -25.38
C HIS D 350 -19.73 -7.07 -24.12
N LYS D 351 -20.97 -6.57 -24.23
CA LYS D 351 -22.01 -6.79 -23.24
C LYS D 351 -22.67 -8.13 -23.55
N ILE D 352 -22.78 -8.99 -22.55
CA ILE D 352 -23.43 -10.30 -22.72
C ILE D 352 -24.74 -10.27 -21.95
N HIS D 353 -25.85 -10.27 -22.68
CA HIS D 353 -27.18 -10.07 -22.10
C HIS D 353 -27.78 -11.40 -21.66
N ARG D 354 -27.95 -11.57 -20.36
CA ARG D 354 -28.42 -12.85 -19.83
C ARG D 354 -29.93 -13.04 -19.95
N THR D 355 -30.61 -12.15 -20.67
CA THR D 355 -32.05 -12.28 -20.86
C THR D 355 -32.42 -13.31 -21.91
N GLY D 356 -31.46 -13.80 -22.66
CA GLY D 356 -31.76 -14.79 -23.68
C GLY D 356 -30.86 -14.61 -24.89
N LYS D 357 -31.05 -15.51 -25.86
CA LYS D 357 -30.17 -15.67 -27.02
C LYS D 357 -30.54 -14.75 -28.18
N ASP D 358 -31.83 -14.58 -28.47
CA ASP D 358 -32.29 -13.95 -29.69
C ASP D 358 -32.59 -12.49 -29.41
N GLY D 359 -31.58 -11.64 -29.59
CA GLY D 359 -31.72 -10.21 -29.44
C GLY D 359 -31.79 -9.76 -27.99
N PHE D 360 -31.62 -8.46 -27.80
CA PHE D 360 -31.56 -7.88 -26.46
C PHE D 360 -32.25 -6.53 -26.48
N ASP D 361 -32.64 -6.07 -25.30
CA ASP D 361 -33.08 -4.70 -25.14
C ASP D 361 -31.84 -3.84 -24.92
N ALA D 362 -31.74 -2.73 -25.66
CA ALA D 362 -30.55 -1.89 -25.57
C ALA D 362 -30.37 -1.30 -24.18
N HIS D 363 -31.46 -1.20 -23.40
CA HIS D 363 -31.46 -0.70 -22.03
C HIS D 363 -31.57 -1.81 -20.98
N ASN D 364 -31.41 -3.07 -21.38
CA ASN D 364 -31.35 -4.18 -20.44
C ASN D 364 -30.27 -3.93 -19.38
N ASP D 365 -30.61 -4.21 -18.12
CA ASP D 365 -29.66 -4.06 -17.03
C ASP D 365 -28.97 -5.37 -16.67
N ASP D 366 -29.43 -6.50 -17.19
CA ASP D 366 -28.92 -7.80 -16.78
C ASP D 366 -27.94 -8.27 -17.85
N TYR D 367 -26.73 -7.74 -17.77
CA TYR D 367 -25.66 -8.13 -18.67
C TYR D 367 -24.36 -8.22 -17.88
N LEU D 368 -23.40 -8.93 -18.47
CA LEU D 368 -22.01 -8.91 -18.04
C LEU D 368 -21.18 -8.21 -19.12
N ILE D 369 -20.02 -7.68 -18.73
CA ILE D 369 -19.07 -7.14 -19.70
C ILE D 369 -17.91 -8.11 -19.81
N LEU D 370 -17.69 -8.63 -21.02
CA LEU D 370 -16.57 -9.54 -21.27
C LEU D 370 -15.49 -8.79 -22.05
N LEU D 371 -14.24 -8.93 -21.62
CA LEU D 371 -13.14 -8.24 -22.31
C LEU D 371 -12.39 -9.23 -23.16
N ALA D 372 -12.05 -8.79 -24.39
CA ALA D 372 -11.24 -9.54 -25.36
C ALA D 372 -11.80 -10.92 -25.65
N GLU D 373 -13.12 -11.07 -25.57
CA GLU D 373 -13.79 -12.35 -25.82
C GLU D 373 -13.17 -13.48 -24.99
N GLY D 374 -12.66 -13.15 -23.80
CA GLY D 374 -12.06 -14.13 -22.91
C GLY D 374 -10.61 -14.47 -23.19
N ARG D 375 -10.00 -13.86 -24.21
CA ARG D 375 -8.58 -14.05 -24.50
C ARG D 375 -7.75 -13.12 -23.59
N LEU D 376 -6.43 -13.37 -23.52
CA LEU D 376 -5.59 -12.66 -22.53
C LEU D 376 -5.82 -11.16 -22.59
N VAL D 377 -6.26 -10.63 -21.46
CA VAL D 377 -6.89 -9.31 -21.48
C VAL D 377 -5.84 -8.21 -21.50
N ASN D 378 -4.65 -8.45 -20.92
CA ASN D 378 -3.66 -7.37 -20.91
C ASN D 378 -3.20 -7.05 -22.33
N LEU D 379 -3.08 -8.08 -23.17
CA LEU D 379 -2.65 -7.86 -24.54
C LEU D 379 -3.82 -7.51 -25.45
N GLY D 380 -5.02 -8.00 -25.12
CA GLY D 380 -6.19 -7.81 -25.97
C GLY D 380 -6.77 -6.42 -25.86
N ASN D 381 -6.77 -5.84 -24.65
CA ASN D 381 -7.39 -4.55 -24.41
C ASN D 381 -6.39 -3.45 -24.08
N ALA D 382 -5.10 -3.78 -23.95
CA ALA D 382 -4.03 -2.81 -23.79
C ALA D 382 -2.82 -3.27 -24.61
N THR D 383 -1.59 -3.18 -24.08
CA THR D 383 -0.41 -3.50 -24.90
C THR D 383 0.45 -4.54 -24.20
N GLY D 384 -0.14 -5.33 -23.32
CA GLY D 384 0.65 -6.30 -22.57
C GLY D 384 1.66 -5.64 -21.63
N HIS D 385 2.70 -6.41 -21.28
CA HIS D 385 3.71 -5.93 -20.36
C HIS D 385 4.52 -4.78 -20.97
N PRO D 386 5.03 -3.88 -20.14
CA PRO D 386 5.90 -2.81 -20.63
C PRO D 386 7.31 -3.29 -20.99
N SER D 387 7.97 -2.49 -21.86
CA SER D 387 9.28 -2.87 -22.41
C SER D 387 10.29 -3.23 -21.33
N ARG D 388 10.36 -2.43 -20.24
CA ARG D 388 11.42 -2.67 -19.27
C ARG D 388 11.21 -3.98 -18.51
N ILE D 389 9.98 -4.50 -18.48
CA ILE D 389 9.74 -5.82 -17.93
C ILE D 389 10.04 -6.92 -18.97
N MET D 390 9.56 -6.73 -20.21
CA MET D 390 9.82 -7.71 -21.26
C MET D 390 11.32 -7.84 -21.56
N ASP D 391 12.11 -6.82 -21.18
CA ASP D 391 13.56 -6.87 -21.32
C ASP D 391 14.13 -8.14 -20.71
N GLY D 392 13.65 -8.51 -19.50
CA GLY D 392 14.19 -9.69 -18.84
C GLY D 392 13.82 -10.98 -19.56
N SER D 393 12.53 -11.12 -19.90
CA SER D 393 12.04 -12.30 -20.63
C SER D 393 12.82 -12.51 -21.92
N PHE D 394 13.05 -11.42 -22.65
CA PHE D 394 13.55 -11.55 -24.00
C PHE D 394 15.06 -11.65 -24.03
N ALA D 395 15.76 -11.07 -23.04
CA ALA D 395 17.18 -11.40 -22.89
C ALA D 395 17.37 -12.90 -22.67
N ASN D 396 16.49 -13.49 -21.86
CA ASN D 396 16.53 -14.94 -21.66
C ASN D 396 16.24 -15.71 -22.96
N GLN D 397 15.25 -15.26 -23.74
CA GLN D 397 14.96 -15.91 -25.02
C GLN D 397 16.21 -15.94 -25.90
N VAL D 398 16.91 -14.80 -25.98
CA VAL D 398 18.07 -14.72 -26.85
C VAL D 398 19.16 -15.67 -26.38
N LEU D 399 19.43 -15.67 -25.07
CA LEU D 399 20.45 -16.56 -24.54
C LEU D 399 20.09 -18.01 -24.78
N ALA D 400 18.79 -18.33 -24.70
CA ALA D 400 18.30 -19.69 -24.89
C ALA D 400 18.44 -20.10 -26.35
N GLN D 401 18.08 -19.22 -27.29
CA GLN D 401 18.28 -19.50 -28.70
C GLN D 401 19.75 -19.73 -29.01
N ILE D 402 20.63 -18.90 -28.46
CA ILE D 402 22.06 -19.10 -28.69
C ILE D 402 22.49 -20.47 -28.17
N HIS D 403 22.02 -20.84 -26.98
CA HIS D 403 22.51 -22.07 -26.36
C HIS D 403 22.10 -23.31 -27.16
N LEU D 404 20.83 -23.38 -27.59
CA LEU D 404 20.38 -24.58 -28.29
C LEU D 404 20.91 -24.62 -29.71
N PHE D 405 20.93 -23.48 -30.40
CA PHE D 405 21.52 -23.44 -31.73
C PHE D 405 22.98 -23.93 -31.70
N GLU D 406 23.74 -23.56 -30.67
CA GLU D 406 25.12 -24.00 -30.61
C GLU D 406 25.26 -25.48 -30.23
N GLN D 407 24.31 -26.04 -29.50
CA GLN D 407 24.39 -27.45 -29.12
C GLN D 407 24.21 -28.37 -30.32
N LYS D 408 23.48 -27.92 -31.35
CA LYS D 408 23.39 -28.62 -32.65
C LYS D 408 22.74 -30.01 -32.54
N TYR D 409 21.65 -30.10 -31.76
CA TYR D 409 20.99 -31.39 -31.53
C TYR D 409 20.64 -32.10 -32.83
N ALA D 410 20.19 -31.36 -33.84
CA ALA D 410 19.71 -32.01 -35.05
C ALA D 410 20.81 -32.77 -35.76
N ASP D 411 22.06 -32.64 -35.31
CA ASP D 411 23.20 -33.30 -35.94
C ASP D 411 23.82 -34.42 -35.09
N LEU D 412 23.27 -34.72 -33.86
CA LEU D 412 23.95 -35.61 -32.91
C LEU D 412 23.60 -37.09 -33.16
N PRO D 413 24.51 -38.03 -32.82
CA PRO D 413 24.14 -39.45 -32.87
C PRO D 413 23.12 -39.79 -31.80
N ALA D 414 22.44 -40.92 -32.02
CA ALA D 414 21.21 -41.20 -31.28
C ALA D 414 21.44 -41.31 -29.78
N ALA D 415 22.56 -41.93 -29.36
CA ALA D 415 22.83 -42.03 -27.92
C ALA D 415 23.03 -40.65 -27.30
N GLU D 416 23.74 -39.75 -28.01
CA GLU D 416 23.89 -38.39 -27.49
C GLU D 416 22.59 -37.60 -27.55
N LYS D 417 21.72 -37.90 -28.53
CA LYS D 417 20.38 -37.29 -28.51
C LYS D 417 19.64 -37.69 -27.25
N ALA D 418 19.66 -38.99 -26.92
CA ALA D 418 18.98 -39.46 -25.72
C ALA D 418 19.41 -38.69 -24.48
N LYS D 419 20.73 -38.47 -24.31
CA LYS D 419 21.20 -37.77 -23.12
C LYS D 419 20.70 -36.34 -23.08
N ARG D 420 20.39 -35.75 -24.24
CA ARG D 420 20.09 -34.34 -24.35
C ARG D 420 18.63 -34.04 -24.69
N LEU D 421 17.80 -35.06 -24.95
CA LEU D 421 16.38 -34.80 -25.15
C LEU D 421 15.76 -34.45 -23.80
N SER D 422 15.62 -33.16 -23.53
CA SER D 422 15.21 -32.73 -22.20
C SER D 422 14.61 -31.34 -22.30
N VAL D 423 13.95 -30.93 -21.23
CA VAL D 423 13.49 -29.56 -21.05
C VAL D 423 14.33 -29.00 -19.91
N GLU D 424 15.14 -27.99 -20.21
CA GLU D 424 16.07 -27.43 -19.23
C GLU D 424 15.81 -25.94 -19.05
N VAL D 425 16.35 -25.38 -17.97
CA VAL D 425 16.37 -23.94 -17.77
C VAL D 425 17.80 -23.43 -17.94
N LEU D 426 17.92 -22.11 -18.10
CA LEU D 426 19.21 -21.47 -18.17
C LEU D 426 19.89 -21.50 -16.80
N PRO D 427 21.23 -21.54 -16.79
CA PRO D 427 21.98 -21.53 -15.52
C PRO D 427 21.78 -20.23 -14.75
N LYS D 428 21.91 -20.33 -13.42
CA LYS D 428 21.65 -19.18 -12.56
C LYS D 428 22.62 -18.04 -12.84
N LYS D 429 23.87 -18.34 -13.20
CA LYS D 429 24.81 -17.28 -13.56
C LYS D 429 24.23 -16.34 -14.62
N LEU D 430 23.64 -16.93 -15.67
CA LEU D 430 23.06 -16.09 -16.72
C LEU D 430 21.85 -15.30 -16.22
N ASP D 431 20.97 -15.97 -15.44
CA ASP D 431 19.80 -15.32 -14.82
C ASP D 431 20.25 -14.09 -14.03
N GLU D 432 21.35 -14.23 -13.28
CA GLU D 432 21.92 -13.12 -12.50
C GLU D 432 22.46 -12.01 -13.39
N GLU D 433 23.11 -12.37 -14.50
CA GLU D 433 23.66 -11.35 -15.39
C GLU D 433 22.54 -10.55 -16.05
N VAL D 434 21.45 -11.21 -16.43
CA VAL D 434 20.27 -10.47 -16.90
C VAL D 434 19.76 -9.53 -15.82
N ALA D 435 19.62 -10.03 -14.60
CA ALA D 435 19.08 -9.18 -13.54
C ALA D 435 19.96 -7.96 -13.32
N LEU D 436 21.28 -8.14 -13.37
CA LEU D 436 22.18 -7.02 -13.12
C LEU D 436 21.98 -5.91 -14.15
N GLU D 437 21.81 -6.27 -15.43
CA GLU D 437 21.57 -5.23 -16.44
C GLU D 437 20.24 -4.53 -16.18
N MET D 438 19.22 -5.29 -15.75
CA MET D 438 17.93 -4.68 -15.41
C MET D 438 18.08 -3.68 -14.26
N VAL D 439 18.78 -4.08 -13.19
CA VAL D 439 19.00 -3.21 -12.03
C VAL D 439 19.70 -1.94 -12.44
N LYS D 440 20.75 -2.04 -13.27
CA LYS D 440 21.44 -0.83 -13.72
C LYS D 440 20.51 0.06 -14.56
N GLY D 441 19.50 -0.54 -15.22
CA GLY D 441 18.52 0.27 -15.96
C GLY D 441 17.69 1.17 -15.06
N PHE D 442 17.50 0.77 -13.80
CA PHE D 442 16.86 1.59 -12.78
C PHE D 442 17.85 2.51 -12.08
N GLY D 443 19.12 2.52 -12.49
CA GLY D 443 20.13 3.25 -11.72
C GLY D 443 20.48 2.61 -10.40
N GLY D 444 20.13 1.35 -10.18
CA GLY D 444 20.44 0.68 -8.94
C GLY D 444 21.92 0.35 -8.85
N VAL D 445 22.46 0.32 -7.63
CA VAL D 445 23.87 0.00 -7.42
C VAL D 445 23.96 -1.24 -6.55
N VAL D 446 24.43 -2.34 -7.14
CA VAL D 446 24.69 -3.60 -6.46
C VAL D 446 26.03 -3.53 -5.75
N THR D 447 26.05 -3.96 -4.49
CA THR D 447 27.27 -3.96 -3.68
C THR D 447 28.09 -5.20 -4.04
N GLN D 448 29.42 -5.05 -4.01
CA GLN D 448 30.31 -6.18 -4.25
C GLN D 448 30.78 -6.75 -2.92
N LEU D 449 30.68 -8.09 -2.80
CA LEU D 449 31.23 -8.79 -1.63
C LEU D 449 32.73 -8.55 -1.51
N THR D 450 33.22 -8.40 -0.27
CA THR D 450 34.64 -8.49 -0.04
C THR D 450 35.03 -9.97 -0.12
N PRO D 451 36.31 -10.27 -0.39
CA PRO D 451 36.75 -11.67 -0.34
C PRO D 451 36.40 -12.36 0.96
N LYS D 452 36.55 -11.70 2.12
CA LYS D 452 36.18 -12.35 3.37
C LYS D 452 34.70 -12.65 3.44
N GLN D 453 33.85 -11.72 2.94
CA GLN D 453 32.42 -11.94 2.99
C GLN D 453 32.00 -13.06 2.03
N ALA D 454 32.62 -13.12 0.85
CA ALA D 454 32.31 -14.20 -0.08
C ALA D 454 32.72 -15.56 0.51
N GLU D 455 33.89 -15.62 1.13
CA GLU D 455 34.29 -16.86 1.79
C GLU D 455 33.32 -17.22 2.91
N TYR D 456 32.85 -16.21 3.67
CA TYR D 456 31.97 -16.45 4.81
C TYR D 456 30.67 -17.12 4.40
N ILE D 457 30.04 -16.67 3.30
CA ILE D 457 28.79 -17.29 2.87
C ILE D 457 29.01 -18.37 1.80
N GLY D 458 30.24 -18.62 1.39
CA GLY D 458 30.52 -19.73 0.49
C GLY D 458 30.19 -19.48 -0.97
N VAL D 459 30.45 -18.27 -1.48
CA VAL D 459 30.19 -17.96 -2.88
C VAL D 459 31.41 -17.26 -3.49
N SER D 460 31.47 -17.29 -4.81
CA SER D 460 32.40 -16.42 -5.52
C SER D 460 31.92 -14.97 -5.44
N VAL D 461 32.88 -14.04 -5.39
CA VAL D 461 32.55 -12.61 -5.48
C VAL D 461 31.71 -12.34 -6.72
N GLU D 462 31.89 -13.15 -7.77
CA GLU D 462 31.14 -12.96 -9.01
C GLU D 462 29.79 -13.70 -9.04
N GLY D 463 29.45 -14.48 -8.01
CA GLY D 463 28.27 -15.31 -8.08
C GLY D 463 28.56 -16.62 -8.81
N PRO D 464 27.59 -17.52 -8.89
CA PRO D 464 26.20 -17.34 -8.41
C PRO D 464 26.08 -17.20 -6.88
N PHE D 465 25.09 -16.44 -6.43
CA PHE D 465 24.98 -16.05 -5.03
C PHE D 465 24.06 -16.97 -4.21
N LYS D 466 23.30 -17.84 -4.87
CA LYS D 466 22.28 -18.67 -4.25
C LYS D 466 22.39 -20.08 -4.76
N PRO D 467 22.06 -21.07 -3.94
CA PRO D 467 21.95 -22.44 -4.44
C PRO D 467 20.78 -22.56 -5.40
N ASP D 468 20.80 -23.60 -6.24
CA ASP D 468 19.74 -23.81 -7.22
C ASP D 468 18.38 -24.08 -6.57
N THR D 469 18.38 -24.45 -5.29
CA THR D 469 17.13 -24.67 -4.57
C THR D 469 16.43 -23.36 -4.21
N TYR D 470 17.13 -22.23 -4.27
CA TYR D 470 16.61 -21.00 -3.67
C TYR D 470 15.39 -20.49 -4.45
N ARG D 471 14.37 -20.01 -3.72
CA ARG D 471 13.12 -19.68 -4.38
C ARG D 471 12.89 -18.19 -4.58
N TYR D 472 13.73 -17.34 -3.98
CA TYR D 472 13.52 -15.87 -4.07
C TYR D 472 12.14 -15.44 -3.59
#